data_1MOK
#
_entry.id   1MOK
#
_cell.length_a   65.600
_cell.length_b   87.500
_cell.length_c   100.700
_cell.angle_alpha   72.00
_cell.angle_beta   73.40
_cell.angle_gamma   69.81
#
_symmetry.space_group_name_H-M   'P 1'
#
loop_
_entity.id
_entity.type
_entity.pdbx_description
1 polymer orf3
2 non-polymer 'FLAVIN-ADENINE DINUCLEOTIDE'
#
_entity_poly.entity_id   1
_entity_poly.type   'polypeptide(L)'
_entity_poly.pdbx_seq_one_letter_code
;MKVWNARNDHLTINQWATRIDEILEAPDGGEVIYNVDENDPREYDAIFIGGGAAGRFGSAYLRAMGGRQLIVDRWPFLGG
SCPHNACVPHHLFSDCAAELMLARTFSGQYWFPDMTEKVVGIKEVVDLFRAGRNGPHGIMNFQSKEQLNLEYILNCPAKV
IDNHTVEAAGKVFKAKNLILAVGAGPGTLDVPGVNAKGVFDHATLVEELDYEPGSTVVVVGGSKTAVEYGCFFNATGRRT
VMLVRTEPLKLIKDNETRAYVLDRMKEQGMEIISGSNVTRIEEDANGRVQAVVAMTPNGEMRIETDFVFLGLGEQPRSAE
LAKILGLDLGPKGEVLVNEYLQTSVPNVYAVGDLIGGPMEMFKARKSGCYAARNVMGEKISYTPKNYPDFLHTHYEVSFL
GMGEEEARAAGHEIVTIKMPPDTENGLNVALPASDRTMLYAFGKGTAHMSGFQKIVIDAKTRKVLGAHHVGYGAKDAFQY
LNVLIKQGLTVDELGDMDELFLNPTHFIQLSRLRAGSKNLVSL
;
_entity_poly.pdbx_strand_id   A,B,C,D
#
loop_
_chem_comp.id
_chem_comp.type
_chem_comp.name
_chem_comp.formula
FAD non-polymer 'FLAVIN-ADENINE DINUCLEOTIDE' 'C27 H33 N9 O15 P2'
#
# COMPACT_ATOMS: atom_id res chain seq x y z
N LYS A 2 4.94 -25.17 8.76
CA LYS A 2 6.12 -25.36 9.65
C LYS A 2 6.65 -26.80 9.61
N VAL A 3 5.78 -27.76 9.91
CA VAL A 3 6.21 -29.16 9.89
C VAL A 3 5.45 -29.96 8.83
N TRP A 4 6.22 -30.60 7.96
CA TRP A 4 5.66 -31.42 6.89
C TRP A 4 5.94 -32.91 7.11
N ASN A 5 4.88 -33.68 7.31
CA ASN A 5 5.04 -35.11 7.51
C ASN A 5 5.17 -35.73 6.12
N ALA A 6 6.41 -35.87 5.66
CA ALA A 6 6.69 -36.44 4.35
C ALA A 6 6.67 -37.97 4.35
N ARG A 7 6.58 -38.54 5.54
CA ARG A 7 6.57 -39.99 5.71
C ARG A 7 5.88 -40.75 4.58
N ASN A 8 4.63 -40.39 4.32
CA ASN A 8 3.83 -41.04 3.27
C ASN A 8 3.48 -40.12 2.10
N ASP A 9 4.49 -39.73 1.33
CA ASP A 9 4.27 -38.87 0.17
C ASP A 9 4.97 -39.43 -1.05
N HIS A 10 6.15 -40.00 -0.86
CA HIS A 10 6.87 -40.60 -1.96
C HIS A 10 6.94 -39.63 -3.13
N LEU A 11 7.82 -38.63 -3.00
CA LEU A 11 8.01 -37.63 -4.05
C LEU A 11 8.98 -38.18 -5.07
N THR A 12 8.95 -37.60 -6.26
CA THR A 12 9.85 -38.01 -7.33
C THR A 12 11.19 -37.32 -7.14
N ILE A 13 12.25 -37.92 -7.69
CA ILE A 13 13.56 -37.31 -7.58
C ILE A 13 13.46 -35.85 -8.02
N ASN A 14 12.77 -35.62 -9.12
CA ASN A 14 12.56 -34.29 -9.67
C ASN A 14 11.78 -33.44 -8.68
N GLN A 15 10.69 -34.01 -8.16
CA GLN A 15 9.85 -33.34 -7.17
C GLN A 15 10.72 -32.97 -5.98
N TRP A 16 11.61 -33.88 -5.62
CA TRP A 16 12.52 -33.66 -4.53
C TRP A 16 13.42 -32.48 -4.84
N ALA A 17 14.01 -32.52 -6.03
CA ALA A 17 14.89 -31.46 -6.51
C ALA A 17 14.20 -30.10 -6.48
N THR A 18 12.95 -30.06 -6.91
CA THR A 18 12.22 -28.81 -6.93
C THR A 18 11.85 -28.37 -5.52
N ARG A 19 11.32 -29.30 -4.73
CA ARG A 19 10.91 -29.04 -3.35
C ARG A 19 12.10 -28.51 -2.56
N ILE A 20 13.26 -29.13 -2.81
CA ILE A 20 14.49 -28.72 -2.14
C ILE A 20 14.81 -27.26 -2.50
N ASP A 21 14.77 -26.95 -3.79
CA ASP A 21 15.03 -25.59 -4.25
C ASP A 21 14.12 -24.61 -3.53
N GLU A 22 12.82 -24.90 -3.55
CA GLU A 22 11.82 -24.06 -2.91
C GLU A 22 12.12 -23.79 -1.44
N ILE A 23 12.36 -24.86 -0.67
CA ILE A 23 12.68 -24.71 0.75
C ILE A 23 13.92 -23.86 0.88
N LEU A 24 14.96 -24.28 0.16
CA LEU A 24 16.25 -23.61 0.16
C LEU A 24 16.16 -22.11 -0.13
N GLU A 25 15.18 -21.70 -0.94
CA GLU A 25 15.01 -20.30 -1.29
C GLU A 25 13.90 -19.59 -0.54
N ALA A 26 13.05 -20.35 0.16
CA ALA A 26 11.97 -19.75 0.94
C ALA A 26 12.59 -18.75 1.90
N PRO A 27 12.01 -17.55 2.01
CA PRO A 27 12.53 -16.50 2.89
C PRO A 27 12.56 -16.85 4.39
N ASP A 28 11.53 -17.55 4.86
CA ASP A 28 11.43 -17.92 6.28
C ASP A 28 12.20 -19.18 6.66
N GLY A 29 12.84 -19.80 5.68
CA GLY A 29 13.58 -21.01 5.96
C GLY A 29 12.90 -22.28 5.47
N GLY A 30 11.69 -22.15 4.93
CA GLY A 30 10.99 -23.31 4.44
C GLY A 30 10.46 -24.21 5.55
N GLU A 31 9.69 -25.24 5.17
CA GLU A 31 9.10 -26.18 6.13
C GLU A 31 10.08 -27.25 6.57
N VAL A 32 9.70 -28.01 7.60
CA VAL A 32 10.58 -29.07 8.11
C VAL A 32 10.22 -30.45 7.56
N ILE A 33 11.16 -31.06 6.85
CA ILE A 33 10.96 -32.37 6.27
C ILE A 33 10.99 -33.35 7.41
N TYR A 34 9.84 -33.94 7.70
CA TYR A 34 9.74 -34.90 8.78
C TYR A 34 9.47 -36.29 8.20
N ASN A 35 10.49 -37.15 8.24
CA ASN A 35 10.36 -38.51 7.71
C ASN A 35 10.79 -39.59 8.70
N VAL A 36 9.85 -40.03 9.54
CA VAL A 36 10.15 -41.06 10.53
C VAL A 36 9.09 -42.16 10.52
N ASP A 37 9.57 -43.42 10.54
CA ASP A 37 8.68 -44.58 10.55
C ASP A 37 7.94 -44.62 11.87
N GLU A 38 6.69 -44.17 11.89
CA GLU A 38 5.92 -44.14 13.12
C GLU A 38 5.14 -45.41 13.42
N ASN A 39 5.70 -46.55 13.04
CA ASN A 39 5.07 -47.85 13.28
C ASN A 39 6.10 -48.75 13.95
N ASP A 40 7.36 -48.43 13.72
CA ASP A 40 8.47 -49.20 14.28
C ASP A 40 8.50 -49.06 15.81
N PRO A 41 8.58 -50.19 16.52
CA PRO A 41 8.61 -50.21 17.98
C PRO A 41 10.00 -50.05 18.56
N ARG A 42 10.98 -50.68 17.91
CA ARG A 42 12.35 -50.62 18.39
C ARG A 42 12.85 -49.18 18.49
N GLU A 43 13.66 -48.93 19.52
CA GLU A 43 14.25 -47.62 19.80
C GLU A 43 15.45 -47.39 18.87
N TYR A 44 15.81 -46.12 18.68
CA TYR A 44 16.94 -45.76 17.83
C TYR A 44 18.28 -46.25 18.38
N ASP A 45 18.97 -47.02 17.55
CA ASP A 45 20.28 -47.56 17.92
C ASP A 45 21.28 -46.41 17.88
N ALA A 46 20.90 -45.34 17.19
CA ALA A 46 21.73 -44.16 17.05
C ALA A 46 21.01 -43.07 16.27
N ILE A 47 21.15 -41.83 16.73
CA ILE A 47 20.57 -40.69 16.03
C ILE A 47 21.77 -39.91 15.52
N PHE A 48 21.80 -39.67 14.22
CA PHE A 48 22.90 -38.93 13.64
C PHE A 48 22.66 -37.43 13.64
N ILE A 49 23.51 -36.71 14.37
CA ILE A 49 23.42 -35.26 14.41
C ILE A 49 24.18 -34.81 13.17
N GLY A 50 23.43 -34.59 12.09
CA GLY A 50 24.02 -34.20 10.82
C GLY A 50 23.89 -35.35 9.84
N GLY A 51 23.30 -35.07 8.67
CA GLY A 51 23.13 -36.12 7.66
C GLY A 51 23.95 -35.92 6.39
N GLY A 52 25.19 -35.45 6.57
CA GLY A 52 26.06 -35.21 5.43
C GLY A 52 26.89 -36.43 5.12
N ALA A 53 28.10 -36.20 4.65
CA ALA A 53 28.98 -37.30 4.30
C ALA A 53 28.97 -38.40 5.38
N ALA A 54 29.42 -38.07 6.59
CA ALA A 54 29.46 -39.05 7.66
C ALA A 54 28.07 -39.46 8.12
N GLY A 55 27.22 -38.48 8.37
CA GLY A 55 25.87 -38.77 8.82
C GLY A 55 25.14 -39.76 7.92
N ARG A 56 24.88 -39.32 6.70
CA ARG A 56 24.19 -40.12 5.70
C ARG A 56 24.78 -41.53 5.61
N PHE A 57 26.05 -41.63 5.23
CA PHE A 57 26.70 -42.92 5.10
C PHE A 57 26.48 -43.76 6.34
N GLY A 58 26.81 -43.17 7.50
CA GLY A 58 26.63 -43.88 8.75
C GLY A 58 25.25 -44.49 8.84
N SER A 59 24.22 -43.65 8.70
CA SER A 59 22.84 -44.10 8.75
C SER A 59 22.52 -45.25 7.78
N ALA A 60 22.95 -45.11 6.53
CA ALA A 60 22.71 -46.16 5.54
C ALA A 60 23.36 -47.46 5.99
N TYR A 61 24.56 -47.37 6.55
CA TYR A 61 25.27 -48.58 6.97
C TYR A 61 24.67 -49.23 8.19
N LEU A 62 24.28 -48.42 9.17
CA LEU A 62 23.70 -48.99 10.37
C LEU A 62 22.35 -49.62 10.01
N ARG A 63 21.55 -48.89 9.24
CA ARG A 63 20.24 -49.36 8.81
C ARG A 63 20.38 -50.74 8.14
N ALA A 64 21.42 -50.89 7.32
CA ALA A 64 21.65 -52.12 6.60
C ALA A 64 22.01 -53.27 7.52
N MET A 65 22.37 -52.93 8.76
CA MET A 65 22.75 -53.96 9.72
C MET A 65 21.54 -54.43 10.51
N GLY A 66 20.41 -53.77 10.29
CA GLY A 66 19.20 -54.16 10.98
C GLY A 66 18.83 -53.19 12.06
N GLY A 67 19.69 -52.20 12.27
CA GLY A 67 19.42 -51.21 13.29
C GLY A 67 18.44 -50.15 12.82
N ARG A 68 18.00 -49.32 13.76
CA ARG A 68 17.06 -48.24 13.49
C ARG A 68 17.83 -46.94 13.73
N GLN A 69 17.77 -46.03 12.76
CA GLN A 69 18.48 -44.75 12.88
C GLN A 69 17.61 -43.55 12.58
N LEU A 70 18.12 -42.38 12.92
CA LEU A 70 17.43 -41.14 12.66
C LEU A 70 18.50 -40.12 12.36
N ILE A 71 18.26 -39.33 11.31
CA ILE A 71 19.16 -38.29 10.90
C ILE A 71 18.45 -36.99 11.13
N VAL A 72 19.22 -35.96 11.42
CA VAL A 72 18.69 -34.62 11.64
C VAL A 72 19.68 -33.67 10.94
N ASP A 73 19.16 -32.67 10.24
CA ASP A 73 20.00 -31.73 9.51
C ASP A 73 19.33 -30.37 9.39
N ARG A 74 20.13 -29.31 9.30
CA ARG A 74 19.62 -27.95 9.14
C ARG A 74 19.16 -27.85 7.70
N TRP A 75 19.95 -28.42 6.81
CA TRP A 75 19.66 -28.42 5.38
C TRP A 75 18.50 -29.37 5.09
N PRO A 76 17.74 -29.07 4.02
CA PRO A 76 16.59 -29.86 3.55
C PRO A 76 16.99 -31.04 2.69
N PHE A 77 18.27 -31.38 2.69
CA PHE A 77 18.77 -32.50 1.90
C PHE A 77 19.91 -33.16 2.65
N LEU A 78 20.20 -34.41 2.32
CA LEU A 78 21.28 -35.12 2.96
C LEU A 78 22.49 -34.87 2.07
N GLY A 79 23.67 -35.31 2.47
CA GLY A 79 24.81 -35.12 1.61
C GLY A 79 25.96 -34.31 2.17
N GLY A 80 25.63 -33.27 2.91
CA GLY A 80 26.69 -32.47 3.49
C GLY A 80 27.20 -31.37 2.60
N SER A 81 28.33 -30.79 2.99
CA SER A 81 28.96 -29.67 2.29
C SER A 81 29.34 -29.99 0.85
N CYS A 82 30.05 -31.11 0.69
CA CYS A 82 30.57 -31.61 -0.57
C CYS A 82 29.73 -31.34 -1.82
N PRO A 83 28.45 -31.73 -1.83
CA PRO A 83 27.57 -31.52 -3.00
C PRO A 83 26.82 -30.18 -3.07
N HIS A 84 26.99 -29.36 -2.05
CA HIS A 84 26.29 -28.08 -2.00
C HIS A 84 27.25 -26.88 -2.05
N ASN A 85 28.42 -27.01 -1.45
CA ASN A 85 29.40 -25.93 -1.46
C ASN A 85 30.84 -26.38 -1.23
N ALA A 86 31.06 -27.68 -1.25
CA ALA A 86 32.41 -28.17 -1.02
C ALA A 86 33.04 -28.79 -2.25
N CYS A 87 33.47 -30.03 -2.11
CA CYS A 87 34.11 -30.78 -3.19
C CYS A 87 33.61 -30.43 -4.57
N VAL A 88 32.38 -30.89 -4.84
CA VAL A 88 31.71 -30.71 -6.12
C VAL A 88 31.89 -29.33 -6.79
N PRO A 89 31.24 -28.28 -6.24
CA PRO A 89 31.39 -26.96 -6.86
C PRO A 89 32.86 -26.57 -7.00
N HIS A 90 33.68 -27.16 -6.14
CA HIS A 90 35.11 -26.91 -6.13
C HIS A 90 35.75 -27.57 -7.33
N HIS A 91 35.33 -28.79 -7.62
CA HIS A 91 35.86 -29.52 -8.78
C HIS A 91 35.46 -28.77 -10.04
N LEU A 92 34.22 -28.28 -10.06
CA LEU A 92 33.70 -27.56 -11.21
C LEU A 92 34.62 -26.41 -11.59
N PHE A 93 35.05 -25.69 -10.57
CA PHE A 93 35.94 -24.56 -10.74
C PHE A 93 37.32 -25.07 -11.13
N SER A 94 37.69 -26.22 -10.58
CA SER A 94 39.00 -26.80 -10.89
C SER A 94 39.02 -27.21 -12.34
N ASP A 95 37.92 -27.74 -12.82
CA ASP A 95 37.85 -28.14 -14.23
C ASP A 95 38.12 -26.92 -15.09
N CYS A 96 37.34 -25.86 -14.85
CA CYS A 96 37.51 -24.63 -15.61
C CYS A 96 38.96 -24.19 -15.53
N ALA A 97 39.51 -24.23 -14.32
CA ALA A 97 40.88 -23.83 -14.10
C ALA A 97 41.81 -24.54 -15.09
N ALA A 98 41.68 -25.86 -15.17
CA ALA A 98 42.53 -26.64 -16.05
C ALA A 98 42.29 -26.30 -17.52
N GLU A 99 41.03 -26.09 -17.88
CA GLU A 99 40.65 -25.74 -19.25
C GLU A 99 41.15 -24.35 -19.64
N LEU A 100 40.84 -23.36 -18.79
CA LEU A 100 41.25 -21.99 -19.03
C LEU A 100 42.76 -21.86 -19.16
N MET A 101 43.50 -22.57 -18.32
CA MET A 101 44.94 -22.51 -18.43
C MET A 101 45.34 -23.05 -19.80
N LEU A 102 44.51 -23.95 -20.35
CA LEU A 102 44.78 -24.54 -21.66
C LEU A 102 44.43 -23.53 -22.75
N ALA A 103 43.19 -23.04 -22.71
CA ALA A 103 42.71 -22.06 -23.67
C ALA A 103 43.64 -20.87 -23.76
N ARG A 104 44.27 -20.54 -22.61
CA ARG A 104 45.17 -19.42 -22.49
C ARG A 104 46.60 -19.68 -22.91
N THR A 105 47.02 -20.93 -22.86
CA THR A 105 48.36 -21.25 -23.26
C THR A 105 48.44 -21.30 -24.77
N PHE A 106 47.29 -21.54 -25.39
CA PHE A 106 47.23 -21.64 -26.83
C PHE A 106 46.21 -20.66 -27.37
N SER A 107 46.22 -19.47 -26.80
CA SER A 107 45.29 -18.42 -27.21
C SER A 107 45.39 -18.17 -28.72
N GLY A 108 44.24 -18.11 -29.39
CA GLY A 108 44.24 -17.86 -30.82
C GLY A 108 44.55 -19.09 -31.64
N GLN A 109 45.60 -19.79 -31.23
CA GLN A 109 46.05 -21.02 -31.89
C GLN A 109 44.96 -22.10 -31.98
N TYR A 110 45.06 -22.91 -33.03
CA TYR A 110 44.11 -24.00 -33.28
C TYR A 110 42.67 -23.51 -33.04
N TRP A 111 41.84 -24.33 -32.39
CA TRP A 111 40.45 -23.93 -32.14
C TRP A 111 40.30 -23.06 -30.90
N PHE A 112 41.41 -22.56 -30.40
CA PHE A 112 41.38 -21.73 -29.20
C PHE A 112 41.23 -20.26 -29.51
N PRO A 113 40.25 -19.60 -28.86
CA PRO A 113 39.99 -18.18 -29.03
C PRO A 113 41.07 -17.35 -28.34
N ASP A 114 41.20 -16.10 -28.74
CA ASP A 114 42.19 -15.21 -28.16
C ASP A 114 41.71 -14.91 -26.75
N MET A 115 42.51 -15.28 -25.76
CA MET A 115 42.11 -15.01 -24.39
C MET A 115 42.59 -13.65 -23.92
N THR A 116 43.54 -13.08 -24.65
CA THR A 116 44.09 -11.76 -24.34
C THR A 116 42.95 -10.81 -24.00
N GLU A 117 43.04 -10.13 -22.86
CA GLU A 117 42.01 -9.18 -22.44
C GLU A 117 40.68 -9.85 -22.08
N LYS A 118 40.62 -11.17 -22.22
CA LYS A 118 39.41 -11.91 -21.92
C LYS A 118 39.34 -12.35 -20.46
N VAL A 119 38.29 -11.92 -19.76
CA VAL A 119 38.11 -12.33 -18.38
C VAL A 119 36.77 -13.07 -18.32
N VAL A 120 36.82 -14.34 -17.94
CA VAL A 120 35.62 -15.16 -17.88
C VAL A 120 34.68 -14.76 -16.73
N GLY A 121 33.40 -15.02 -16.91
CA GLY A 121 32.44 -14.67 -15.87
C GLY A 121 32.37 -15.70 -14.76
N ILE A 122 32.87 -15.33 -13.58
CA ILE A 122 32.85 -16.22 -12.43
C ILE A 122 31.38 -16.48 -12.07
N LYS A 123 30.65 -15.41 -11.73
CA LYS A 123 29.25 -15.54 -11.36
C LYS A 123 28.50 -16.56 -12.26
N GLU A 124 28.60 -16.36 -13.58
CA GLU A 124 27.95 -17.22 -14.56
C GLU A 124 28.18 -18.72 -14.30
N VAL A 125 29.41 -19.10 -13.99
CA VAL A 125 29.71 -20.50 -13.70
C VAL A 125 29.20 -20.96 -12.33
N VAL A 126 29.34 -20.12 -11.30
CA VAL A 126 28.87 -20.54 -9.99
C VAL A 126 27.36 -20.50 -10.04
N ASP A 127 26.84 -19.86 -11.09
CA ASP A 127 25.41 -19.79 -11.29
C ASP A 127 24.96 -21.13 -11.89
N LEU A 128 25.76 -21.67 -12.81
CA LEU A 128 25.47 -22.96 -13.43
C LEU A 128 25.39 -23.97 -12.28
N PHE A 129 26.40 -23.97 -11.42
CA PHE A 129 26.42 -24.89 -10.30
C PHE A 129 25.12 -24.81 -9.51
N ARG A 130 24.71 -23.60 -9.15
CA ARG A 130 23.49 -23.45 -8.37
C ARG A 130 22.30 -24.06 -9.11
N ALA A 131 22.30 -23.92 -10.43
CA ALA A 131 21.21 -24.42 -11.28
C ALA A 131 21.01 -25.97 -11.34
N GLY A 132 22.01 -26.73 -10.93
CA GLY A 132 21.88 -28.17 -10.96
C GLY A 132 22.22 -28.92 -9.68
N ARG A 133 22.98 -28.30 -8.77
CA ARG A 133 23.37 -28.96 -7.53
C ARG A 133 22.22 -29.65 -6.78
N ASN A 134 20.97 -29.22 -7.02
CA ASN A 134 19.84 -29.85 -6.32
C ASN A 134 19.41 -31.19 -6.91
N GLY A 135 19.83 -31.46 -8.15
CA GLY A 135 19.46 -32.72 -8.80
C GLY A 135 19.90 -33.88 -7.95
N PRO A 136 21.20 -33.98 -7.66
CA PRO A 136 21.71 -35.06 -6.84
C PRO A 136 21.06 -35.06 -5.46
N HIS A 137 20.85 -33.88 -4.87
CA HIS A 137 20.23 -33.80 -3.56
C HIS A 137 18.95 -34.61 -3.60
N GLY A 138 18.04 -34.16 -4.45
CA GLY A 138 16.77 -34.83 -4.61
C GLY A 138 16.94 -36.33 -4.79
N ILE A 139 18.01 -36.73 -5.46
CA ILE A 139 18.29 -38.15 -5.66
C ILE A 139 18.67 -38.76 -4.30
N MET A 140 19.53 -38.07 -3.57
CA MET A 140 19.96 -38.53 -2.25
C MET A 140 18.75 -38.74 -1.35
N ASN A 141 17.88 -37.73 -1.30
CA ASN A 141 16.69 -37.78 -0.46
C ASN A 141 15.77 -38.92 -0.85
N PHE A 142 15.41 -38.95 -2.13
CA PHE A 142 14.52 -39.98 -2.67
C PHE A 142 15.09 -41.36 -2.44
N GLN A 143 16.34 -41.52 -2.82
CA GLN A 143 17.04 -42.78 -2.69
C GLN A 143 17.25 -43.24 -1.24
N SER A 144 17.30 -42.30 -0.29
CA SER A 144 17.50 -42.63 1.12
C SER A 144 16.21 -43.05 1.79
N LYS A 145 15.13 -42.37 1.43
CA LYS A 145 13.82 -42.65 2.01
C LYS A 145 13.08 -43.86 1.41
N GLU A 146 13.06 -43.95 0.09
CA GLU A 146 12.36 -45.04 -0.60
C GLU A 146 13.13 -46.34 -0.74
N GLN A 147 14.41 -46.27 -1.05
CA GLN A 147 15.20 -47.49 -1.22
C GLN A 147 15.93 -47.93 0.04
N LEU A 148 16.46 -46.97 0.80
CA LEU A 148 17.19 -47.33 2.01
C LEU A 148 16.32 -47.32 3.27
N ASN A 149 15.07 -46.88 3.12
CA ASN A 149 14.16 -46.84 4.27
C ASN A 149 14.71 -46.01 5.43
N LEU A 150 15.76 -45.23 5.16
CA LEU A 150 16.37 -44.40 6.18
C LEU A 150 15.39 -43.36 6.75
N GLU A 151 15.46 -43.11 8.05
CA GLU A 151 14.58 -42.12 8.67
C GLU A 151 15.40 -40.86 8.93
N TYR A 152 14.79 -39.71 8.66
CA TYR A 152 15.49 -38.44 8.86
C TYR A 152 14.53 -37.29 9.04
N ILE A 153 15.09 -36.14 9.40
CA ILE A 153 14.34 -34.91 9.58
C ILE A 153 15.26 -33.84 9.02
N LEU A 154 14.86 -33.28 7.89
CA LEU A 154 15.69 -32.28 7.26
C LEU A 154 15.14 -30.87 7.39
N ASN A 155 16.02 -29.90 7.15
CA ASN A 155 15.66 -28.49 7.26
C ASN A 155 15.15 -28.21 8.67
N CYS A 156 15.98 -28.57 9.65
CA CYS A 156 15.67 -28.36 11.05
C CYS A 156 16.91 -28.59 11.88
N PRO A 157 17.33 -27.59 12.66
CA PRO A 157 18.53 -27.72 13.51
C PRO A 157 18.25 -28.68 14.68
N ALA A 158 19.24 -29.51 14.97
CA ALA A 158 19.13 -30.52 16.03
C ALA A 158 19.46 -29.98 17.42
N LYS A 159 18.59 -30.30 18.37
CA LYS A 159 18.76 -29.87 19.74
C LYS A 159 19.15 -31.08 20.57
N VAL A 160 20.44 -31.27 20.79
CA VAL A 160 20.88 -32.39 21.58
C VAL A 160 20.61 -32.05 23.05
N ILE A 161 19.48 -32.52 23.57
CA ILE A 161 19.12 -32.27 24.96
C ILE A 161 20.15 -32.89 25.90
N ASP A 162 20.40 -34.18 25.70
CA ASP A 162 21.37 -34.91 26.52
C ASP A 162 21.96 -36.11 25.80
N ASN A 163 22.65 -36.94 26.57
CA ASN A 163 23.30 -38.15 26.09
C ASN A 163 22.40 -39.14 25.36
N HIS A 164 21.12 -39.21 25.72
CA HIS A 164 20.23 -40.16 25.06
C HIS A 164 19.02 -39.52 24.44
N THR A 165 18.97 -38.19 24.44
CA THR A 165 17.82 -37.53 23.88
C THR A 165 18.17 -36.38 22.96
N VAL A 166 17.37 -36.24 21.91
CA VAL A 166 17.55 -35.19 20.91
C VAL A 166 16.16 -34.69 20.52
N GLU A 167 16.08 -33.43 20.14
CA GLU A 167 14.80 -32.85 19.76
C GLU A 167 14.84 -32.32 18.35
N ALA A 168 13.68 -32.31 17.69
CA ALA A 168 13.56 -31.84 16.33
C ALA A 168 12.09 -31.82 15.94
N ALA A 169 11.74 -30.90 15.05
CA ALA A 169 10.36 -30.79 14.60
C ALA A 169 9.43 -30.56 15.78
N GLY A 170 10.01 -30.18 16.91
CA GLY A 170 9.21 -29.93 18.10
C GLY A 170 8.85 -31.18 18.85
N LYS A 171 9.45 -32.31 18.49
CA LYS A 171 9.20 -33.57 19.17
C LYS A 171 10.45 -33.97 19.90
N VAL A 172 10.35 -34.99 20.76
CA VAL A 172 11.50 -35.46 21.53
C VAL A 172 11.86 -36.89 21.15
N PHE A 173 13.15 -37.14 20.95
CA PHE A 173 13.65 -38.48 20.58
C PHE A 173 14.71 -39.05 21.52
N LYS A 174 14.67 -40.36 21.70
CA LYS A 174 15.60 -41.07 22.55
C LYS A 174 16.28 -42.14 21.72
N ALA A 175 17.52 -42.45 22.05
CA ALA A 175 18.26 -43.45 21.31
C ALA A 175 19.40 -44.05 22.13
N LYS A 176 19.60 -45.37 22.00
CA LYS A 176 20.65 -46.04 22.73
C LYS A 176 22.00 -45.34 22.57
N ASN A 177 22.17 -44.66 21.44
CA ASN A 177 23.42 -43.97 21.13
C ASN A 177 23.21 -42.66 20.40
N LEU A 178 24.32 -41.92 20.27
CA LEU A 178 24.33 -40.62 19.60
C LEU A 178 25.62 -40.55 18.85
N ILE A 179 25.54 -40.28 17.56
CA ILE A 179 26.76 -40.14 16.79
C ILE A 179 26.75 -38.78 16.11
N LEU A 180 27.69 -37.95 16.56
CA LEU A 180 27.82 -36.58 16.09
C LEU A 180 28.50 -36.50 14.73
N ALA A 181 27.79 -35.95 13.77
CA ALA A 181 28.31 -35.82 12.42
C ALA A 181 27.86 -34.48 11.86
N VAL A 182 28.30 -33.41 12.51
CA VAL A 182 27.92 -32.07 12.12
C VAL A 182 29.00 -31.38 11.27
N GLY A 183 30.20 -31.97 11.27
CA GLY A 183 31.31 -31.45 10.51
C GLY A 183 31.90 -30.12 10.96
N ALA A 184 32.56 -29.42 10.04
CA ALA A 184 33.19 -28.13 10.33
C ALA A 184 32.64 -27.00 9.46
N GLY A 185 32.66 -25.78 10.01
CA GLY A 185 32.18 -24.62 9.28
C GLY A 185 33.38 -23.89 8.69
N PRO A 186 33.18 -23.05 7.67
CA PRO A 186 34.26 -22.30 7.03
C PRO A 186 35.07 -21.40 7.98
N GLY A 187 36.39 -21.46 7.84
CA GLY A 187 37.24 -20.64 8.69
C GLY A 187 36.97 -19.18 8.48
N THR A 188 37.50 -18.33 9.36
CA THR A 188 37.28 -16.89 9.22
C THR A 188 38.45 -16.04 9.72
N LEU A 189 38.38 -14.74 9.43
CA LEU A 189 39.43 -13.80 9.81
C LEU A 189 38.88 -12.70 10.72
N ASP A 190 39.53 -12.50 11.87
CA ASP A 190 39.13 -11.48 12.84
C ASP A 190 39.85 -10.18 12.51
N VAL A 191 39.31 -9.47 11.51
CA VAL A 191 39.90 -8.22 11.03
C VAL A 191 38.77 -7.27 10.61
N PRO A 192 39.00 -5.95 10.76
CA PRO A 192 37.95 -5.00 10.37
C PRO A 192 37.61 -5.03 8.89
N GLY A 193 36.33 -5.19 8.59
CA GLY A 193 35.88 -5.22 7.22
C GLY A 193 35.53 -6.62 6.73
N VAL A 194 35.90 -7.62 7.51
CA VAL A 194 35.66 -9.04 7.18
C VAL A 194 34.25 -9.33 6.66
N ASN A 195 33.31 -8.40 6.86
CA ASN A 195 31.95 -8.62 6.40
C ASN A 195 31.53 -7.73 5.25
N ALA A 196 32.48 -6.98 4.71
CA ALA A 196 32.19 -6.10 3.58
C ALA A 196 31.61 -6.98 2.48
N LYS A 197 30.51 -6.55 1.87
CA LYS A 197 29.84 -7.31 0.81
C LYS A 197 30.76 -8.11 -0.11
N GLY A 198 31.90 -7.53 -0.49
CA GLY A 198 32.81 -8.23 -1.39
C GLY A 198 33.59 -9.44 -0.88
N VAL A 199 33.59 -9.69 0.43
CA VAL A 199 34.32 -10.83 0.99
C VAL A 199 33.53 -12.14 0.82
N PHE A 200 34.23 -13.23 0.52
CA PHE A 200 33.62 -14.55 0.29
C PHE A 200 34.44 -15.72 0.81
N ASP A 201 33.77 -16.82 1.10
CA ASP A 201 34.44 -18.05 1.51
C ASP A 201 33.78 -19.16 0.65
N HIS A 202 34.36 -20.35 0.65
CA HIS A 202 33.84 -21.45 -0.15
C HIS A 202 32.32 -21.61 -0.10
N ALA A 203 31.75 -21.50 1.09
CA ALA A 203 30.30 -21.67 1.24
C ALA A 203 29.47 -20.47 0.78
N THR A 204 29.85 -19.29 1.27
CA THR A 204 29.14 -18.06 0.97
C THR A 204 29.22 -17.66 -0.49
N LEU A 205 30.10 -18.32 -1.23
CA LEU A 205 30.32 -18.00 -2.63
C LEU A 205 29.21 -18.50 -3.55
N VAL A 206 28.64 -19.66 -3.19
CA VAL A 206 27.58 -20.27 -3.99
C VAL A 206 26.17 -19.83 -3.55
N GLU A 207 26.12 -18.79 -2.73
CA GLU A 207 24.82 -18.30 -2.26
C GLU A 207 24.73 -16.78 -2.29
N GLU A 208 25.87 -16.09 -2.30
CA GLU A 208 25.88 -14.62 -2.27
C GLU A 208 26.60 -13.87 -3.39
N LEU A 209 27.02 -14.57 -4.43
CA LEU A 209 27.70 -13.91 -5.54
C LEU A 209 26.67 -13.24 -6.46
N ASP A 210 26.15 -12.10 -6.03
CA ASP A 210 25.13 -11.38 -6.79
C ASP A 210 25.67 -10.33 -7.76
N TYR A 211 26.97 -10.43 -8.06
CA TYR A 211 27.63 -9.51 -8.98
C TYR A 211 28.85 -10.19 -9.55
N GLU A 212 29.43 -9.60 -10.59
CA GLU A 212 30.63 -10.15 -11.24
C GLU A 212 31.86 -9.42 -10.73
N PRO A 213 32.81 -10.17 -10.14
CA PRO A 213 34.03 -9.54 -9.61
C PRO A 213 34.82 -8.74 -10.65
N GLY A 214 35.70 -7.88 -10.15
CA GLY A 214 36.52 -7.05 -11.00
C GLY A 214 37.81 -7.71 -11.44
N SER A 215 38.69 -6.92 -12.06
CA SER A 215 39.96 -7.39 -12.58
C SER A 215 40.95 -7.90 -11.52
N THR A 216 40.63 -7.72 -10.25
CA THR A 216 41.55 -8.19 -9.22
C THR A 216 40.86 -8.93 -8.09
N VAL A 217 41.53 -9.97 -7.58
CA VAL A 217 40.98 -10.76 -6.49
C VAL A 217 42.03 -11.11 -5.46
N VAL A 218 41.61 -11.16 -4.20
CA VAL A 218 42.54 -11.49 -3.15
C VAL A 218 42.05 -12.76 -2.46
N VAL A 219 42.95 -13.72 -2.33
CA VAL A 219 42.63 -14.99 -1.70
C VAL A 219 43.50 -15.10 -0.47
N VAL A 220 42.88 -15.36 0.68
CA VAL A 220 43.63 -15.47 1.92
C VAL A 220 43.74 -16.95 2.29
N GLY A 221 44.98 -17.45 2.35
CA GLY A 221 45.19 -18.85 2.69
C GLY A 221 46.24 -19.46 1.80
N GLY A 222 46.76 -20.63 2.16
CA GLY A 222 47.78 -21.23 1.33
C GLY A 222 47.69 -22.73 1.14
N SER A 223 46.59 -23.32 1.60
CA SER A 223 46.37 -24.74 1.49
C SER A 223 45.30 -25.01 0.40
N LYS A 224 44.86 -26.25 0.38
CA LYS A 224 43.90 -26.76 -0.61
C LYS A 224 42.93 -25.71 -1.19
N THR A 225 41.76 -25.60 -0.56
CA THR A 225 40.68 -24.71 -1.04
C THR A 225 41.20 -23.34 -1.49
N ALA A 226 42.16 -22.78 -0.75
CA ALA A 226 42.72 -21.48 -1.13
C ALA A 226 43.36 -21.56 -2.52
N VAL A 227 44.27 -22.52 -2.70
CA VAL A 227 44.92 -22.68 -4.00
C VAL A 227 43.91 -23.04 -5.09
N GLU A 228 43.01 -23.95 -4.77
CA GLU A 228 42.00 -24.40 -5.71
C GLU A 228 41.19 -23.24 -6.24
N TYR A 229 40.46 -22.58 -5.36
CA TYR A 229 39.66 -21.46 -5.80
C TYR A 229 40.59 -20.36 -6.31
N GLY A 230 41.81 -20.34 -5.81
CA GLY A 230 42.76 -19.34 -6.25
C GLY A 230 43.04 -19.47 -7.74
N CYS A 231 43.54 -20.63 -8.12
CA CYS A 231 43.88 -20.91 -9.51
C CYS A 231 42.70 -20.80 -10.45
N PHE A 232 41.50 -20.86 -9.90
CA PHE A 232 40.31 -20.74 -10.73
C PHE A 232 40.05 -19.25 -11.05
N PHE A 233 40.19 -18.39 -10.05
CA PHE A 233 39.98 -16.96 -10.27
C PHE A 233 41.09 -16.50 -11.17
N ASN A 234 42.28 -17.02 -10.93
CA ASN A 234 43.39 -16.65 -11.77
C ASN A 234 42.99 -16.95 -13.18
N ALA A 235 42.62 -18.21 -13.42
CA ALA A 235 42.21 -18.68 -14.73
C ALA A 235 41.16 -17.79 -15.40
N THR A 236 40.29 -17.17 -14.60
CA THR A 236 39.26 -16.30 -15.15
C THR A 236 39.86 -14.98 -15.62
N GLY A 237 41.19 -14.92 -15.60
CA GLY A 237 41.90 -13.72 -16.03
C GLY A 237 41.82 -12.54 -15.08
N ARG A 238 41.95 -12.84 -13.78
CA ARG A 238 41.91 -11.79 -12.75
C ARG A 238 43.18 -11.82 -11.94
N ARG A 239 43.89 -10.69 -11.88
CA ARG A 239 45.13 -10.65 -11.11
C ARG A 239 44.79 -11.26 -9.76
N THR A 240 45.50 -12.32 -9.40
CA THR A 240 45.22 -12.99 -8.13
C THR A 240 46.39 -12.90 -7.16
N VAL A 241 46.12 -12.30 -6.00
CA VAL A 241 47.15 -12.16 -4.99
C VAL A 241 46.77 -12.97 -3.77
N MET A 242 47.58 -14.00 -3.50
CA MET A 242 47.37 -14.86 -2.35
C MET A 242 48.16 -14.33 -1.16
N LEU A 243 47.49 -14.26 -0.01
CA LEU A 243 48.16 -13.80 1.19
C LEU A 243 48.17 -14.98 2.16
N VAL A 244 49.35 -15.59 2.27
CA VAL A 244 49.54 -16.76 3.13
C VAL A 244 50.14 -16.34 4.47
N ARG A 245 49.59 -16.87 5.57
CA ARG A 245 50.12 -16.54 6.90
C ARG A 245 51.50 -17.14 7.10
N THR A 246 51.72 -18.35 6.59
CA THR A 246 53.02 -19.02 6.74
C THR A 246 53.71 -19.37 5.41
N GLU A 247 53.41 -20.56 4.89
CA GLU A 247 53.95 -21.04 3.62
C GLU A 247 52.85 -21.76 2.85
N PRO A 248 52.79 -21.57 1.51
CA PRO A 248 51.75 -22.21 0.69
C PRO A 248 52.01 -23.69 0.41
N LEU A 249 50.92 -24.44 0.30
CA LEU A 249 51.00 -25.86 -0.02
C LEU A 249 52.00 -26.66 0.80
N LYS A 250 51.87 -26.57 2.12
CA LYS A 250 52.73 -27.32 3.04
C LYS A 250 52.36 -28.80 2.89
N LEU A 251 51.12 -29.04 2.50
CA LEU A 251 50.61 -30.38 2.29
C LEU A 251 51.42 -31.22 1.28
N ILE A 252 52.18 -30.56 0.40
CA ILE A 252 52.98 -31.27 -0.60
C ILE A 252 54.39 -31.44 -0.03
N LYS A 253 54.55 -32.45 0.82
CA LYS A 253 55.83 -32.71 1.47
C LYS A 253 57.02 -32.80 0.55
N ASP A 254 56.92 -33.51 -0.57
CA ASP A 254 58.09 -33.55 -1.46
C ASP A 254 58.38 -32.15 -1.98
N ASN A 255 59.57 -31.66 -1.69
CA ASN A 255 59.99 -30.33 -2.10
C ASN A 255 59.90 -30.06 -3.58
N GLU A 256 60.67 -30.80 -4.38
CA GLU A 256 60.64 -30.62 -5.84
C GLU A 256 59.21 -30.54 -6.39
N THR A 257 58.36 -31.48 -5.96
CA THR A 257 56.99 -31.49 -6.42
C THR A 257 56.32 -30.18 -6.05
N ARG A 258 56.41 -29.83 -4.77
CA ARG A 258 55.81 -28.61 -4.25
C ARG A 258 56.33 -27.37 -5.00
N ALA A 259 57.61 -27.43 -5.39
CA ALA A 259 58.24 -26.33 -6.10
C ALA A 259 57.67 -26.21 -7.50
N TYR A 260 57.66 -27.32 -8.21
CA TYR A 260 57.13 -27.36 -9.57
C TYR A 260 55.74 -26.76 -9.58
N VAL A 261 54.88 -27.22 -8.67
CA VAL A 261 53.53 -26.71 -8.58
C VAL A 261 53.55 -25.18 -8.50
N LEU A 262 54.19 -24.67 -7.46
CA LEU A 262 54.32 -23.24 -7.23
C LEU A 262 54.76 -22.48 -8.49
N ASP A 263 55.93 -22.81 -9.02
CA ASP A 263 56.41 -22.13 -10.21
C ASP A 263 55.33 -22.11 -11.29
N ARG A 264 54.48 -23.13 -11.35
CA ARG A 264 53.44 -23.14 -12.38
C ARG A 264 52.42 -22.07 -12.08
N MET A 265 52.02 -21.98 -10.82
CA MET A 265 51.06 -20.97 -10.44
C MET A 265 51.64 -19.58 -10.70
N LYS A 266 52.86 -19.35 -10.21
CA LYS A 266 53.54 -18.07 -10.43
C LYS A 266 53.47 -17.74 -11.93
N GLU A 267 53.91 -18.70 -12.72
CA GLU A 267 53.94 -18.60 -14.17
C GLU A 267 52.60 -18.21 -14.79
N GLN A 268 51.52 -18.39 -14.05
CA GLN A 268 50.20 -18.05 -14.55
C GLN A 268 49.82 -16.66 -14.08
N GLY A 269 50.76 -15.96 -13.45
CA GLY A 269 50.50 -14.61 -12.98
C GLY A 269 49.96 -14.52 -11.57
N MET A 270 49.96 -15.65 -10.86
CA MET A 270 49.49 -15.67 -9.49
C MET A 270 50.60 -15.13 -8.62
N GLU A 271 50.23 -14.24 -7.71
CA GLU A 271 51.18 -13.63 -6.79
C GLU A 271 50.93 -14.18 -5.40
N ILE A 272 51.85 -15.02 -4.94
CA ILE A 272 51.73 -15.66 -3.63
C ILE A 272 52.63 -15.01 -2.58
N ILE A 273 52.02 -14.40 -1.57
CA ILE A 273 52.79 -13.75 -0.52
C ILE A 273 52.86 -14.64 0.71
N SER A 274 54.07 -15.05 1.11
CA SER A 274 54.26 -15.88 2.30
C SER A 274 54.47 -15.00 3.53
N GLY A 275 53.83 -15.35 4.64
CA GLY A 275 53.99 -14.57 5.85
C GLY A 275 53.17 -13.28 5.81
N SER A 276 52.00 -13.36 5.21
CA SER A 276 51.15 -12.20 5.09
C SER A 276 49.87 -12.31 5.89
N ASN A 277 49.65 -11.31 6.73
CA ASN A 277 48.47 -11.25 7.56
C ASN A 277 47.66 -10.03 7.15
N VAL A 278 46.38 -10.23 6.92
CA VAL A 278 45.51 -9.15 6.51
C VAL A 278 45.32 -8.16 7.65
N THR A 279 45.64 -6.90 7.38
CA THR A 279 45.51 -5.83 8.36
C THR A 279 44.07 -5.43 8.52
N ARG A 280 43.40 -5.21 7.39
CA ARG A 280 42.00 -4.81 7.40
C ARG A 280 41.46 -4.76 5.98
N ILE A 281 40.15 -4.61 5.86
CA ILE A 281 39.48 -4.57 4.56
C ILE A 281 38.66 -3.28 4.40
N GLU A 282 39.11 -2.41 3.52
CA GLU A 282 38.44 -1.14 3.23
C GLU A 282 37.10 -1.34 2.52
N GLU A 283 36.18 -0.43 2.73
CA GLU A 283 34.85 -0.54 2.11
C GLU A 283 34.48 0.69 1.27
N ASP A 284 33.22 0.73 0.83
CA ASP A 284 32.70 1.83 0.04
C ASP A 284 31.71 2.55 0.94
N ALA A 285 31.16 3.64 0.40
CA ALA A 285 30.17 4.40 1.16
C ALA A 285 28.99 3.44 1.26
N ASN A 286 28.91 2.54 0.29
CA ASN A 286 27.84 1.56 0.24
C ASN A 286 28.10 0.36 1.15
N GLY A 287 29.37 0.02 1.36
CA GLY A 287 29.71 -1.09 2.25
C GLY A 287 30.44 -2.28 1.63
N ARG A 288 30.61 -2.28 0.31
CA ARG A 288 31.29 -3.38 -0.37
C ARG A 288 32.81 -3.27 -0.27
N VAL A 289 33.51 -4.38 -0.50
CA VAL A 289 34.96 -4.39 -0.44
C VAL A 289 35.46 -3.34 -1.43
N GLN A 290 36.66 -2.80 -1.18
CA GLN A 290 37.25 -1.77 -2.02
C GLN A 290 38.77 -1.95 -2.18
N ALA A 291 39.40 -2.56 -1.19
CA ALA A 291 40.84 -2.83 -1.19
C ALA A 291 41.25 -3.58 0.07
N VAL A 292 42.36 -4.30 -0.01
CA VAL A 292 42.85 -5.07 1.13
C VAL A 292 44.20 -4.54 1.58
N VAL A 293 44.33 -4.35 2.88
CA VAL A 293 45.58 -3.87 3.46
C VAL A 293 46.13 -5.04 4.25
N ALA A 294 47.42 -5.33 4.10
CA ALA A 294 47.99 -6.45 4.84
C ALA A 294 49.49 -6.34 5.04
N MET A 295 49.93 -6.90 6.15
CA MET A 295 51.33 -6.88 6.52
C MET A 295 52.05 -8.06 5.90
N THR A 296 53.27 -7.81 5.43
CA THR A 296 54.08 -8.86 4.82
C THR A 296 55.49 -8.65 5.35
N PRO A 297 56.30 -9.71 5.39
CA PRO A 297 57.67 -9.58 5.89
C PRO A 297 58.35 -8.33 5.34
N ASN A 298 57.97 -7.95 4.12
CA ASN A 298 58.55 -6.78 3.48
C ASN A 298 57.62 -5.59 3.50
N GLY A 299 57.22 -5.20 4.71
CA GLY A 299 56.35 -4.06 4.86
C GLY A 299 54.90 -4.27 4.47
N GLU A 300 54.06 -3.32 4.87
CA GLU A 300 52.65 -3.37 4.57
C GLU A 300 52.43 -3.14 3.08
N MET A 301 51.21 -3.40 2.63
CA MET A 301 50.89 -3.21 1.22
C MET A 301 49.38 -3.10 1.09
N ARG A 302 48.95 -2.28 0.14
CA ARG A 302 47.52 -2.08 -0.11
C ARG A 302 47.21 -2.55 -1.51
N ILE A 303 46.04 -3.19 -1.66
CA ILE A 303 45.65 -3.73 -2.95
C ILE A 303 44.15 -3.56 -3.16
N GLU A 304 43.80 -2.89 -4.27
CA GLU A 304 42.42 -2.63 -4.62
C GLU A 304 41.70 -3.82 -5.27
N THR A 305 40.53 -4.15 -4.75
CA THR A 305 39.74 -5.28 -5.24
C THR A 305 38.34 -5.27 -4.66
N ASP A 306 37.36 -5.50 -5.52
CA ASP A 306 35.96 -5.54 -5.07
C ASP A 306 35.58 -7.00 -4.81
N PHE A 307 36.59 -7.84 -4.61
CA PHE A 307 36.33 -9.25 -4.41
C PHE A 307 37.43 -9.90 -3.56
N VAL A 308 37.04 -10.58 -2.49
CA VAL A 308 38.00 -11.24 -1.63
C VAL A 308 37.52 -12.62 -1.22
N PHE A 309 38.30 -13.65 -1.52
CA PHE A 309 37.90 -14.99 -1.13
C PHE A 309 38.75 -15.53 0.02
N LEU A 310 38.06 -15.97 1.07
CA LEU A 310 38.68 -16.51 2.26
C LEU A 310 38.87 -18.00 2.12
N GLY A 311 40.12 -18.44 2.19
CA GLY A 311 40.40 -19.86 2.06
C GLY A 311 41.18 -20.37 3.26
N LEU A 312 40.57 -20.21 4.42
CA LEU A 312 41.18 -20.66 5.67
C LEU A 312 40.63 -22.05 6.01
N GLY A 313 41.33 -22.74 6.91
CA GLY A 313 40.91 -24.07 7.31
C GLY A 313 39.49 -24.08 7.82
N GLU A 314 38.86 -25.26 7.76
CA GLU A 314 37.48 -25.44 8.21
C GLU A 314 37.44 -25.68 9.74
N GLN A 315 36.54 -24.98 10.43
CA GLN A 315 36.45 -25.10 11.90
C GLN A 315 35.41 -26.09 12.43
N PRO A 316 35.88 -27.18 13.08
CA PRO A 316 34.96 -28.18 13.63
C PRO A 316 33.86 -27.50 14.46
N ARG A 317 32.60 -27.77 14.13
CA ARG A 317 31.48 -27.19 14.88
C ARG A 317 31.24 -27.97 16.17
N SER A 318 32.18 -27.87 17.10
CA SER A 318 32.11 -28.58 18.38
C SER A 318 31.60 -27.73 19.55
N ALA A 319 32.18 -26.55 19.68
CA ALA A 319 31.82 -25.58 20.73
C ALA A 319 30.53 -25.90 21.48
N GLU A 320 29.40 -25.61 20.85
CA GLU A 320 28.11 -25.82 21.47
C GLU A 320 27.81 -27.25 21.90
N LEU A 321 28.29 -28.23 21.13
CA LEU A 321 28.04 -29.63 21.47
C LEU A 321 28.92 -30.15 22.59
N ALA A 322 30.16 -29.69 22.63
CA ALA A 322 31.09 -30.10 23.68
C ALA A 322 30.68 -29.45 25.00
N LYS A 323 29.70 -28.56 24.90
CA LYS A 323 29.17 -27.83 26.04
C LYS A 323 27.99 -28.63 26.59
N ILE A 324 27.06 -28.98 25.71
CA ILE A 324 25.89 -29.73 26.12
C ILE A 324 26.25 -31.11 26.67
N LEU A 325 27.10 -31.84 25.96
CA LEU A 325 27.50 -33.18 26.38
C LEU A 325 28.76 -33.15 27.24
N GLY A 326 29.48 -32.02 27.23
CA GLY A 326 30.70 -31.92 27.99
C GLY A 326 31.79 -32.83 27.45
N LEU A 327 31.99 -32.77 26.14
CA LEU A 327 33.00 -33.60 25.45
C LEU A 327 34.40 -32.99 25.58
N ASP A 328 35.42 -33.80 25.32
CA ASP A 328 36.80 -33.35 25.38
C ASP A 328 37.17 -32.76 24.03
N LEU A 329 37.87 -31.63 24.02
CA LEU A 329 38.25 -31.04 22.74
C LEU A 329 39.75 -30.92 22.61
N GLY A 330 40.21 -30.75 21.37
CA GLY A 330 41.63 -30.63 21.10
C GLY A 330 41.97 -29.18 20.86
N PRO A 331 43.26 -28.87 20.58
CA PRO A 331 43.73 -27.50 20.33
C PRO A 331 43.12 -26.80 19.11
N LYS A 332 42.40 -27.54 18.27
CA LYS A 332 41.76 -26.93 17.11
C LYS A 332 40.24 -26.96 17.22
N GLY A 333 39.72 -27.41 18.36
CA GLY A 333 38.28 -27.47 18.55
C GLY A 333 37.66 -28.76 18.07
N GLU A 334 38.51 -29.75 17.78
CA GLU A 334 38.08 -31.06 17.32
C GLU A 334 37.65 -32.01 18.46
N VAL A 335 36.40 -32.47 18.41
CA VAL A 335 35.86 -33.39 19.41
C VAL A 335 36.75 -34.64 19.48
N LEU A 336 37.37 -34.86 20.63
CA LEU A 336 38.25 -35.99 20.79
C LEU A 336 37.46 -37.28 20.76
N VAL A 337 38.06 -38.28 20.13
CA VAL A 337 37.47 -39.60 19.99
C VAL A 337 38.60 -40.62 20.05
N ASN A 338 38.31 -41.77 20.65
CA ASN A 338 39.29 -42.84 20.77
C ASN A 338 39.27 -43.62 19.47
N GLU A 339 39.96 -44.77 19.44
CA GLU A 339 40.02 -45.60 18.23
C GLU A 339 38.68 -46.21 17.83
N TYR A 340 37.62 -45.85 18.54
CA TYR A 340 36.30 -46.37 18.23
C TYR A 340 35.33 -45.23 17.98
N LEU A 341 35.86 -44.08 17.56
CA LEU A 341 35.03 -42.91 17.29
C LEU A 341 34.20 -42.49 18.53
N GLN A 342 34.64 -42.95 19.70
CA GLN A 342 33.96 -42.68 20.97
C GLN A 342 34.49 -41.39 21.62
N THR A 343 33.57 -40.54 22.05
CA THR A 343 33.98 -39.30 22.69
C THR A 343 34.16 -39.57 24.18
N SER A 344 34.57 -38.55 24.91
CA SER A 344 34.75 -38.70 26.35
C SER A 344 33.44 -39.23 26.94
N VAL A 345 32.33 -38.70 26.46
CA VAL A 345 31.03 -39.14 26.93
C VAL A 345 30.69 -40.45 26.27
N PRO A 346 30.08 -41.40 27.02
CA PRO A 346 29.69 -42.72 26.54
C PRO A 346 28.44 -42.71 25.65
N ASN A 347 28.34 -43.70 24.76
CA ASN A 347 27.21 -43.80 23.83
C ASN A 347 27.22 -42.66 22.82
N VAL A 348 28.22 -41.79 22.93
CA VAL A 348 28.33 -40.65 22.02
C VAL A 348 29.54 -40.82 21.11
N TYR A 349 29.33 -40.64 19.80
CA TYR A 349 30.40 -40.76 18.83
C TYR A 349 30.52 -39.51 17.95
N ALA A 350 31.74 -39.19 17.54
CA ALA A 350 31.98 -38.05 16.67
C ALA A 350 32.63 -38.64 15.42
N VAL A 351 32.30 -38.14 14.25
CA VAL A 351 32.88 -38.72 13.04
C VAL A 351 33.34 -37.80 11.90
N GLY A 352 32.59 -36.75 11.63
CA GLY A 352 32.94 -35.88 10.52
C GLY A 352 34.24 -35.12 10.59
N ASP A 353 34.22 -33.92 10.04
CA ASP A 353 35.39 -33.05 10.08
C ASP A 353 35.53 -32.70 11.56
N LEU A 354 34.41 -32.89 12.28
CA LEU A 354 34.29 -32.66 13.71
C LEU A 354 35.43 -33.25 14.55
N ILE A 355 36.09 -34.29 14.04
CA ILE A 355 37.23 -34.90 14.74
C ILE A 355 38.52 -34.40 14.08
N GLY A 356 38.43 -33.28 13.38
CA GLY A 356 39.60 -32.71 12.74
C GLY A 356 40.17 -33.49 11.57
N GLY A 357 41.43 -33.21 11.24
CA GLY A 357 42.09 -33.86 10.12
C GLY A 357 42.26 -35.37 10.17
N PRO A 358 42.33 -36.03 9.01
CA PRO A 358 42.20 -35.35 7.72
C PRO A 358 40.72 -35.03 7.54
N MET A 359 40.40 -33.88 6.96
CA MET A 359 39.01 -33.51 6.75
C MET A 359 38.62 -33.80 5.31
N GLU A 360 38.64 -35.08 4.97
CA GLU A 360 38.31 -35.54 3.63
C GLU A 360 37.06 -36.43 3.65
N MET A 361 36.42 -36.54 2.49
CA MET A 361 35.20 -37.34 2.37
C MET A 361 35.41 -38.74 2.90
N PHE A 362 36.44 -39.41 2.43
CA PHE A 362 36.69 -40.78 2.86
C PHE A 362 36.69 -40.91 4.37
N LYS A 363 37.39 -40.00 5.06
CA LYS A 363 37.42 -40.08 6.50
C LYS A 363 35.99 -39.97 7.00
N ALA A 364 35.27 -39.00 6.46
CA ALA A 364 33.89 -38.77 6.86
C ALA A 364 33.03 -40.00 6.67
N ARG A 365 33.18 -40.63 5.51
CA ARG A 365 32.40 -41.80 5.17
C ARG A 365 32.81 -43.03 5.96
N LYS A 366 34.11 -43.25 6.11
CA LYS A 366 34.55 -44.40 6.86
C LYS A 366 34.15 -44.19 8.32
N SER A 367 34.64 -43.11 8.91
CA SER A 367 34.37 -42.80 10.30
C SER A 367 32.88 -42.90 10.62
N GLY A 368 32.03 -42.31 9.78
CA GLY A 368 30.61 -42.39 10.04
C GLY A 368 30.11 -43.83 9.91
N CYS A 369 30.76 -44.59 9.06
CA CYS A 369 30.41 -45.98 8.85
C CYS A 369 30.95 -46.84 10.00
N TYR A 370 32.24 -46.72 10.25
CA TYR A 370 32.88 -47.46 11.32
C TYR A 370 32.16 -47.25 12.63
N ALA A 371 31.73 -46.02 12.90
CA ALA A 371 31.04 -45.74 14.14
C ALA A 371 29.75 -46.54 14.24
N ALA A 372 28.87 -46.41 13.24
CA ALA A 372 27.59 -47.14 13.20
C ALA A 372 27.82 -48.63 13.47
N ARG A 373 28.91 -49.14 12.89
CA ARG A 373 29.28 -50.53 13.05
C ARG A 373 29.59 -50.83 14.52
N ASN A 374 30.34 -49.94 15.16
CA ASN A 374 30.68 -50.12 16.55
C ASN A 374 29.44 -50.11 17.44
N VAL A 375 28.49 -49.20 17.21
CA VAL A 375 27.29 -49.13 18.03
C VAL A 375 26.46 -50.42 17.90
N MET A 376 26.63 -51.13 16.80
CA MET A 376 25.89 -52.36 16.62
C MET A 376 26.62 -53.49 17.32
N GLY A 377 27.49 -53.10 18.26
CA GLY A 377 28.25 -54.08 19.01
C GLY A 377 29.64 -54.36 18.50
N GLU A 378 29.94 -54.02 17.24
CA GLU A 378 31.27 -54.29 16.72
C GLU A 378 32.35 -53.51 17.45
N LYS A 379 33.56 -54.03 17.42
CA LYS A 379 34.70 -53.40 18.08
C LYS A 379 35.76 -53.04 17.04
N ILE A 380 35.34 -52.29 16.03
CA ILE A 380 36.24 -51.86 14.97
C ILE A 380 36.89 -50.55 15.38
N SER A 381 38.19 -50.48 15.17
CA SER A 381 38.97 -49.30 15.49
C SER A 381 39.41 -48.59 14.21
N TYR A 382 39.36 -47.26 14.19
CA TYR A 382 39.76 -46.52 13.01
C TYR A 382 40.65 -45.34 13.32
N THR A 383 41.83 -45.31 12.72
CA THR A 383 42.78 -44.23 12.91
C THR A 383 43.48 -43.89 11.59
N PRO A 384 42.82 -43.07 10.76
CA PRO A 384 43.36 -42.65 9.47
C PRO A 384 44.83 -42.25 9.50
N LYS A 385 45.64 -43.04 8.82
CA LYS A 385 47.06 -42.77 8.74
C LYS A 385 47.59 -43.45 7.48
N ASN A 386 48.48 -42.80 6.75
CA ASN A 386 49.01 -43.34 5.50
C ASN A 386 47.93 -43.40 4.46
N TYR A 387 47.43 -42.25 4.05
CA TYR A 387 46.38 -42.22 3.05
C TYR A 387 46.78 -41.36 1.86
N PRO A 388 46.15 -41.59 0.71
CA PRO A 388 46.44 -40.83 -0.51
C PRO A 388 45.83 -39.46 -0.41
N ASP A 389 46.43 -38.49 -1.08
CA ASP A 389 45.86 -37.16 -1.02
C ASP A 389 45.98 -36.44 -2.36
N PHE A 390 45.35 -35.27 -2.46
CA PHE A 390 45.39 -34.50 -3.69
C PHE A 390 44.80 -33.11 -3.48
N LEU A 391 45.07 -32.23 -4.45
CA LEU A 391 44.55 -30.87 -4.45
C LEU A 391 44.74 -30.33 -5.86
N HIS A 392 43.89 -29.40 -6.27
CA HIS A 392 43.99 -28.79 -7.60
C HIS A 392 44.74 -27.47 -7.56
N THR A 393 44.96 -26.92 -8.75
CA THR A 393 45.59 -25.63 -9.00
C THR A 393 45.05 -25.60 -10.41
N HIS A 394 45.92 -25.53 -11.41
CA HIS A 394 45.44 -25.61 -12.78
C HIS A 394 45.77 -27.07 -13.16
N TYR A 395 46.53 -27.72 -12.28
CA TYR A 395 46.92 -29.12 -12.43
C TYR A 395 46.30 -29.94 -11.31
N GLU A 396 46.49 -31.25 -11.40
CA GLU A 396 45.98 -32.15 -10.38
C GLU A 396 47.21 -32.58 -9.61
N VAL A 397 47.19 -32.35 -8.31
CA VAL A 397 48.34 -32.71 -7.51
C VAL A 397 48.00 -33.87 -6.60
N SER A 398 48.57 -35.03 -6.91
CA SER A 398 48.32 -36.23 -6.13
C SER A 398 49.60 -36.66 -5.45
N PHE A 399 49.47 -37.03 -4.18
CA PHE A 399 50.61 -37.49 -3.37
C PHE A 399 50.21 -38.50 -2.28
N LEU A 400 51.14 -39.39 -1.97
CA LEU A 400 50.94 -40.39 -0.94
C LEU A 400 52.30 -40.75 -0.38
N GLY A 401 52.35 -41.02 0.92
CA GLY A 401 53.63 -41.37 1.55
C GLY A 401 54.61 -40.24 1.83
N MET A 402 55.86 -40.63 2.02
CA MET A 402 56.92 -39.69 2.31
C MET A 402 57.43 -38.96 1.09
N GLY A 403 57.77 -37.69 1.28
CA GLY A 403 58.34 -36.89 0.22
C GLY A 403 59.80 -37.31 0.18
N GLU A 404 60.58 -36.81 -0.78
CA GLU A 404 61.97 -37.24 -0.83
C GLU A 404 62.72 -36.90 0.44
N GLU A 405 62.83 -35.61 0.73
CA GLU A 405 63.54 -35.11 1.91
C GLU A 405 63.10 -35.89 3.14
N GLU A 406 61.78 -35.96 3.33
CA GLU A 406 61.14 -36.67 4.43
C GLU A 406 61.77 -38.06 4.68
N ALA A 407 61.78 -38.90 3.66
CA ALA A 407 62.34 -40.24 3.77
C ALA A 407 63.75 -40.26 4.36
N ARG A 408 64.61 -39.35 3.92
CA ARG A 408 65.96 -39.32 4.45
C ARG A 408 65.94 -39.01 5.95
N ALA A 409 65.19 -37.98 6.32
CA ALA A 409 65.08 -37.58 7.71
C ALA A 409 64.59 -38.75 8.56
N ALA A 410 63.87 -39.69 7.92
CA ALA A 410 63.33 -40.85 8.61
C ALA A 410 64.35 -41.99 8.57
N GLY A 411 65.59 -41.65 8.21
CA GLY A 411 66.65 -42.64 8.19
C GLY A 411 66.85 -43.44 6.91
N HIS A 412 65.83 -43.56 6.08
CA HIS A 412 65.96 -44.36 4.85
C HIS A 412 67.06 -43.89 3.88
N GLU A 413 67.66 -44.84 3.19
CA GLU A 413 68.67 -44.51 2.19
C GLU A 413 67.92 -44.67 0.88
N ILE A 414 67.30 -43.59 0.43
CA ILE A 414 66.49 -43.59 -0.77
C ILE A 414 67.19 -43.45 -2.11
N VAL A 415 66.38 -43.66 -3.16
CA VAL A 415 66.76 -43.56 -4.55
C VAL A 415 65.45 -43.05 -5.10
N THR A 416 65.52 -42.27 -6.17
CA THR A 416 64.29 -41.70 -6.69
C THR A 416 64.16 -41.77 -8.21
N ILE A 417 63.02 -42.28 -8.68
CA ILE A 417 62.77 -42.37 -10.10
C ILE A 417 61.72 -41.31 -10.40
N LYS A 418 61.98 -40.48 -11.40
CA LYS A 418 61.05 -39.40 -11.71
C LYS A 418 61.01 -38.97 -13.16
N MET A 419 60.00 -38.16 -13.45
CA MET A 419 59.77 -37.62 -14.77
C MET A 419 59.38 -36.16 -14.68
N PRO A 420 59.87 -35.33 -15.62
CA PRO A 420 60.75 -35.75 -16.71
C PRO A 420 62.10 -36.13 -16.14
N PRO A 421 62.99 -36.70 -16.97
CA PRO A 421 64.32 -37.11 -16.51
C PRO A 421 65.35 -35.99 -16.46
N ASP A 422 66.51 -36.31 -15.89
CA ASP A 422 67.63 -35.38 -15.78
C ASP A 422 68.32 -35.22 -17.13
N THR A 423 68.23 -34.02 -17.69
CA THR A 423 68.82 -33.72 -18.98
C THR A 423 69.12 -32.23 -18.98
N GLU A 424 70.06 -31.82 -19.83
CA GLU A 424 70.42 -30.42 -19.94
C GLU A 424 69.23 -29.61 -20.41
N ASN A 425 68.13 -30.26 -20.74
CA ASN A 425 66.95 -29.54 -21.22
C ASN A 425 65.92 -29.37 -20.11
N GLY A 426 66.28 -29.79 -18.91
CA GLY A 426 65.36 -29.66 -17.77
C GLY A 426 63.92 -30.10 -18.01
N LEU A 427 62.99 -29.24 -17.63
CA LEU A 427 61.58 -29.54 -17.80
C LEU A 427 61.10 -29.32 -19.23
N ASN A 428 61.90 -28.59 -20.01
CA ASN A 428 61.57 -28.28 -21.40
C ASN A 428 61.74 -29.50 -22.29
N VAL A 429 60.99 -30.54 -21.98
CA VAL A 429 61.02 -31.76 -22.74
C VAL A 429 59.57 -32.25 -22.89
N ALA A 430 59.27 -32.97 -23.96
CA ALA A 430 57.92 -33.48 -24.16
C ALA A 430 57.80 -34.71 -23.28
N LEU A 431 58.18 -34.52 -22.03
CA LEU A 431 58.15 -35.55 -20.99
C LEU A 431 57.92 -34.86 -19.66
N PRO A 432 57.08 -35.45 -18.82
CA PRO A 432 56.31 -36.67 -19.11
C PRO A 432 55.02 -36.28 -19.84
N ALA A 433 54.43 -37.23 -20.58
CA ALA A 433 53.18 -36.94 -21.29
C ALA A 433 52.16 -38.07 -21.14
N SER A 434 50.89 -37.72 -21.30
CA SER A 434 49.79 -38.66 -21.19
C SER A 434 48.54 -37.84 -21.44
N ASP A 435 47.37 -38.42 -21.21
CA ASP A 435 46.13 -37.69 -21.45
C ASP A 435 46.14 -36.29 -20.83
N ARG A 436 45.52 -35.36 -21.55
CA ARG A 436 45.41 -33.96 -21.14
C ARG A 436 46.71 -33.17 -20.93
N THR A 437 47.86 -33.73 -21.25
CA THR A 437 49.09 -32.98 -21.13
C THR A 437 49.81 -33.06 -22.45
N MET A 438 49.18 -33.68 -23.43
CA MET A 438 49.80 -33.83 -24.74
C MET A 438 50.12 -32.50 -25.39
N LEU A 439 49.11 -31.63 -25.50
CA LEU A 439 49.33 -30.32 -26.10
C LEU A 439 50.52 -29.62 -25.46
N TYR A 440 50.50 -29.51 -24.12
CA TYR A 440 51.60 -28.86 -23.39
C TYR A 440 52.94 -29.44 -23.77
N ALA A 441 52.97 -30.75 -23.98
CA ALA A 441 54.20 -31.44 -24.33
C ALA A 441 54.72 -31.06 -25.71
N PHE A 442 53.81 -30.94 -26.69
CA PHE A 442 54.24 -30.63 -28.06
C PHE A 442 54.14 -29.16 -28.47
N GLY A 443 53.48 -28.35 -27.64
CA GLY A 443 53.35 -26.94 -27.93
C GLY A 443 54.71 -26.29 -27.95
N LYS A 444 54.80 -25.11 -28.56
CA LYS A 444 56.05 -24.37 -28.64
C LYS A 444 56.37 -23.73 -27.29
N GLY A 445 57.42 -24.22 -26.64
CA GLY A 445 57.83 -23.68 -25.36
C GLY A 445 56.86 -23.91 -24.21
N THR A 446 56.10 -25.00 -24.27
CA THR A 446 55.16 -25.31 -23.19
C THR A 446 55.51 -26.66 -22.58
N ALA A 447 56.46 -27.38 -23.17
CA ALA A 447 56.84 -28.69 -22.68
C ALA A 447 57.04 -28.74 -21.16
N HIS A 448 57.60 -27.67 -20.60
CA HIS A 448 57.85 -27.61 -19.17
C HIS A 448 56.54 -27.75 -18.43
N MET A 449 55.43 -27.73 -19.18
CA MET A 449 54.10 -27.88 -18.61
C MET A 449 53.59 -29.32 -18.75
N SER A 450 54.37 -30.17 -19.44
CA SER A 450 53.99 -31.57 -19.64
C SER A 450 53.61 -32.24 -18.30
N GLY A 451 54.03 -31.65 -17.18
CA GLY A 451 53.69 -32.19 -15.87
C GLY A 451 54.91 -32.67 -15.11
N PHE A 452 54.76 -33.03 -13.84
CA PHE A 452 55.89 -33.52 -13.05
C PHE A 452 55.47 -34.68 -12.13
N GLN A 453 56.40 -35.62 -11.91
CA GLN A 453 56.10 -36.77 -11.07
C GLN A 453 57.36 -37.44 -10.49
N LYS A 454 57.17 -38.15 -9.38
CA LYS A 454 58.29 -38.81 -8.71
C LYS A 454 57.83 -39.95 -7.83
N ILE A 455 58.77 -40.82 -7.49
CA ILE A 455 58.50 -41.96 -6.64
C ILE A 455 59.70 -42.15 -5.72
N VAL A 456 59.46 -42.33 -4.43
CA VAL A 456 60.55 -42.51 -3.49
C VAL A 456 60.67 -43.98 -3.15
N ILE A 457 61.88 -44.51 -3.33
CA ILE A 457 62.14 -45.91 -3.07
C ILE A 457 63.30 -46.07 -2.10
N ASP A 458 63.21 -47.10 -1.28
CA ASP A 458 64.24 -47.41 -0.29
C ASP A 458 65.31 -48.34 -0.86
N ALA A 459 66.55 -47.86 -0.98
CA ALA A 459 67.64 -48.69 -1.48
C ALA A 459 67.75 -49.77 -0.43
N LYS A 460 67.92 -51.02 -0.84
CA LYS A 460 67.99 -52.12 0.13
C LYS A 460 66.64 -52.11 0.84
N THR A 461 65.80 -53.09 0.49
CA THR A 461 64.44 -53.23 1.02
C THR A 461 63.52 -52.87 -0.12
N ARG A 462 64.12 -52.27 -1.15
CA ARG A 462 63.46 -51.84 -2.36
C ARG A 462 61.98 -51.48 -2.25
N LYS A 463 61.51 -51.07 -1.07
CA LYS A 463 60.10 -50.74 -0.94
C LYS A 463 59.74 -49.33 -1.40
N VAL A 464 58.54 -49.16 -1.92
CA VAL A 464 58.12 -47.83 -2.35
C VAL A 464 57.68 -47.05 -1.12
N LEU A 465 58.35 -45.92 -0.85
CA LEU A 465 58.01 -45.06 0.28
C LEU A 465 57.05 -43.93 -0.08
N GLY A 466 57.04 -43.49 -1.34
CA GLY A 466 56.14 -42.40 -1.68
C GLY A 466 55.99 -42.08 -3.15
N ALA A 467 54.79 -41.67 -3.54
CA ALA A 467 54.49 -41.33 -4.93
C ALA A 467 53.96 -39.90 -5.06
N HIS A 468 54.52 -39.14 -6.00
CA HIS A 468 54.13 -37.74 -6.21
C HIS A 468 53.92 -37.46 -7.69
N HIS A 469 52.78 -36.89 -8.03
CA HIS A 469 52.48 -36.62 -9.42
C HIS A 469 51.68 -35.35 -9.61
N VAL A 470 52.06 -34.59 -10.63
CA VAL A 470 51.38 -33.34 -11.00
C VAL A 470 51.02 -33.56 -12.46
N GLY A 471 49.77 -33.31 -12.81
CA GLY A 471 49.32 -33.48 -14.18
C GLY A 471 47.82 -33.74 -14.15
N TYR A 472 47.39 -34.84 -14.74
CA TYR A 472 45.97 -35.18 -14.74
C TYR A 472 45.82 -36.70 -14.86
N GLY A 473 44.66 -37.20 -14.44
CA GLY A 473 44.37 -38.62 -14.51
C GLY A 473 45.24 -39.51 -13.66
N ALA A 474 45.69 -39.03 -12.51
CA ALA A 474 46.52 -39.86 -11.66
C ALA A 474 45.85 -40.02 -10.29
N LYS A 475 45.02 -39.02 -9.96
CA LYS A 475 44.33 -39.02 -8.69
C LYS A 475 43.71 -40.39 -8.41
N ASP A 476 42.71 -40.76 -9.21
CA ASP A 476 42.01 -42.03 -9.03
C ASP A 476 42.95 -43.22 -8.91
N ALA A 477 44.16 -43.06 -9.44
CA ALA A 477 45.13 -44.14 -9.40
C ALA A 477 45.75 -44.26 -8.03
N PHE A 478 45.92 -43.12 -7.37
CA PHE A 478 46.54 -43.12 -6.06
C PHE A 478 45.73 -43.89 -5.03
N GLN A 479 44.40 -43.89 -5.20
CA GLN A 479 43.53 -44.60 -4.27
C GLN A 479 43.97 -46.05 -4.19
N TYR A 480 44.20 -46.62 -5.36
CA TYR A 480 44.61 -48.01 -5.50
C TYR A 480 46.12 -48.21 -5.34
N LEU A 481 46.89 -47.27 -5.86
CA LEU A 481 48.35 -47.36 -5.76
C LEU A 481 48.74 -47.34 -4.28
N ASN A 482 48.04 -46.51 -3.51
CA ASN A 482 48.33 -46.41 -2.10
C ASN A 482 48.12 -47.75 -1.41
N VAL A 483 46.98 -48.39 -1.64
CA VAL A 483 46.70 -49.69 -1.04
C VAL A 483 47.85 -50.66 -1.32
N LEU A 484 48.25 -50.82 -2.58
CA LEU A 484 49.33 -51.72 -2.87
C LEU A 484 50.59 -51.32 -2.10
N ILE A 485 50.90 -50.02 -2.13
CA ILE A 485 52.08 -49.50 -1.44
C ILE A 485 52.02 -49.91 0.01
N LYS A 486 50.82 -49.87 0.57
CA LYS A 486 50.60 -50.27 1.96
C LYS A 486 50.80 -51.75 2.22
N GLN A 487 50.79 -52.57 1.17
CA GLN A 487 50.97 -54.01 1.35
C GLN A 487 52.44 -54.32 1.36
N GLY A 488 53.20 -53.37 0.85
CA GLY A 488 54.64 -53.56 0.76
C GLY A 488 54.97 -53.77 -0.69
N LEU A 489 55.00 -52.67 -1.44
CA LEU A 489 55.32 -52.73 -2.85
C LEU A 489 56.80 -52.48 -3.10
N THR A 490 57.47 -53.41 -3.77
CA THR A 490 58.87 -53.25 -4.08
C THR A 490 58.94 -52.70 -5.49
N VAL A 491 60.02 -51.99 -5.80
CA VAL A 491 60.20 -51.42 -7.12
C VAL A 491 60.05 -52.57 -8.11
N ASP A 492 60.50 -53.75 -7.70
CA ASP A 492 60.41 -54.94 -8.53
C ASP A 492 58.94 -55.27 -8.84
N GLU A 493 58.18 -55.51 -7.79
CA GLU A 493 56.76 -55.86 -7.94
C GLU A 493 56.01 -54.80 -8.72
N LEU A 494 56.45 -53.55 -8.64
CA LEU A 494 55.80 -52.46 -9.35
C LEU A 494 56.07 -52.56 -10.85
N GLY A 495 57.33 -52.81 -11.18
CA GLY A 495 57.71 -52.92 -12.57
C GLY A 495 57.16 -54.16 -13.26
N ASP A 496 56.44 -54.97 -12.51
CA ASP A 496 55.85 -56.20 -13.06
C ASP A 496 54.39 -56.05 -13.43
N MET A 497 53.80 -54.90 -13.12
CA MET A 497 52.40 -54.69 -13.44
C MET A 497 52.23 -54.39 -14.93
N ASP A 498 50.98 -54.33 -15.39
CA ASP A 498 50.71 -54.04 -16.80
C ASP A 498 50.27 -52.58 -16.93
N GLU A 499 51.15 -51.75 -17.49
CA GLU A 499 50.84 -50.34 -17.65
C GLU A 499 49.95 -50.10 -18.86
N LEU A 500 49.29 -48.95 -18.87
CA LEU A 500 48.44 -48.54 -19.98
C LEU A 500 49.03 -47.26 -20.57
N PHE A 501 50.06 -47.42 -21.40
CA PHE A 501 50.73 -46.29 -22.04
C PHE A 501 49.79 -45.53 -23.01
N LEU A 502 49.81 -44.20 -23.01
CA LEU A 502 50.65 -43.38 -22.13
C LEU A 502 49.89 -43.28 -20.81
N ASN A 503 50.57 -43.59 -19.71
CA ASN A 503 49.93 -43.52 -18.41
C ASN A 503 50.35 -42.29 -17.63
N PRO A 504 49.36 -41.61 -17.02
CA PRO A 504 49.61 -40.41 -16.23
C PRO A 504 50.83 -40.65 -15.34
N THR A 505 50.87 -41.81 -14.71
CA THR A 505 52.03 -42.17 -13.90
C THR A 505 52.83 -43.20 -14.71
N HIS A 506 54.11 -42.91 -14.95
CA HIS A 506 54.97 -43.82 -15.71
C HIS A 506 55.76 -44.71 -14.78
N PHE A 507 55.29 -44.83 -13.54
CA PHE A 507 55.99 -45.62 -12.53
C PHE A 507 56.23 -47.08 -12.88
N ILE A 508 55.18 -47.77 -13.33
CA ILE A 508 55.31 -49.17 -13.70
C ILE A 508 56.53 -49.49 -14.56
N GLN A 509 56.58 -48.94 -15.78
CA GLN A 509 57.69 -49.21 -16.70
C GLN A 509 59.07 -48.80 -16.18
N LEU A 510 59.14 -47.62 -15.58
CA LEU A 510 60.38 -47.06 -15.02
C LEU A 510 60.93 -47.91 -13.87
N SER A 511 60.04 -48.57 -13.13
CA SER A 511 60.42 -49.46 -12.01
C SER A 511 61.01 -50.76 -12.55
N ARG A 512 60.33 -51.32 -13.54
CA ARG A 512 60.75 -52.53 -14.20
C ARG A 512 62.18 -52.34 -14.63
N LEU A 513 62.42 -51.21 -15.29
CA LEU A 513 63.73 -50.85 -15.81
C LEU A 513 64.77 -50.60 -14.71
N ARG A 514 64.39 -49.85 -13.70
CA ARG A 514 65.29 -49.54 -12.60
C ARG A 514 65.57 -50.80 -11.79
N ALA A 515 64.53 -51.57 -11.54
CA ALA A 515 64.63 -52.80 -10.76
C ALA A 515 65.64 -53.77 -11.33
N GLY A 516 65.82 -53.72 -12.65
CA GLY A 516 66.76 -54.62 -13.29
C GLY A 516 68.19 -54.44 -12.85
N SER A 517 68.60 -53.19 -12.66
CA SER A 517 69.95 -52.89 -12.23
C SER A 517 70.26 -53.61 -10.92
N LYS A 518 71.54 -53.89 -10.69
CA LYS A 518 71.96 -54.55 -9.46
C LYS A 518 71.71 -53.62 -8.27
N ASN A 519 72.15 -52.37 -8.38
CA ASN A 519 71.98 -51.35 -7.34
C ASN A 519 71.04 -50.27 -7.85
N LEU A 520 69.97 -50.01 -7.08
CA LEU A 520 68.96 -49.01 -7.47
C LEU A 520 69.47 -47.60 -7.81
N VAL A 521 70.53 -47.18 -7.14
CA VAL A 521 71.09 -45.84 -7.35
C VAL A 521 71.14 -45.47 -8.84
N SER A 522 70.76 -44.22 -9.15
CA SER A 522 70.77 -43.72 -10.52
C SER A 522 70.24 -42.27 -10.63
N LEU A 523 68.99 -42.06 -10.22
CA LEU A 523 68.33 -40.75 -10.24
C LEU A 523 68.47 -40.04 -11.60
N LYS B 2 77.42 -42.48 -45.72
CA LYS B 2 76.73 -43.79 -45.61
C LYS B 2 76.78 -44.34 -44.18
N VAL B 3 77.99 -44.55 -43.66
CA VAL B 3 78.13 -45.07 -42.29
C VAL B 3 78.82 -44.11 -41.35
N TRP B 4 78.08 -43.66 -40.34
CA TRP B 4 78.62 -42.73 -39.35
C TRP B 4 78.96 -43.42 -38.04
N ASN B 5 80.23 -43.48 -37.69
CA ASN B 5 80.64 -44.09 -36.45
C ASN B 5 80.39 -43.05 -35.38
N ALA B 6 79.23 -43.12 -34.74
CA ALA B 6 78.86 -42.18 -33.69
C ALA B 6 79.48 -42.55 -32.35
N ARG B 7 80.05 -43.75 -32.29
CA ARG B 7 80.65 -44.26 -31.07
C ARG B 7 81.23 -43.19 -30.17
N ASN B 8 82.22 -42.47 -30.67
CA ASN B 8 82.86 -41.41 -29.89
C ASN B 8 82.51 -40.00 -30.35
N ASP B 9 81.28 -39.59 -30.14
CA ASP B 9 80.86 -38.25 -30.52
C ASP B 9 80.13 -37.58 -29.39
N HIS B 10 79.32 -38.35 -28.68
CA HIS B 10 78.58 -37.83 -27.54
C HIS B 10 77.83 -36.54 -27.90
N LEU B 11 76.80 -36.66 -28.73
CA LEU B 11 76.02 -35.51 -29.13
C LEU B 11 75.14 -35.09 -27.97
N THR B 12 74.51 -33.95 -28.11
CA THR B 12 73.63 -33.44 -27.08
C THR B 12 72.23 -33.93 -27.42
N ILE B 13 71.35 -33.96 -26.44
CA ILE B 13 69.99 -34.40 -26.69
C ILE B 13 69.46 -33.61 -27.87
N ASN B 14 69.69 -32.30 -27.87
CA ASN B 14 69.23 -31.41 -28.92
C ASN B 14 69.91 -31.73 -30.24
N GLN B 15 71.20 -32.01 -30.20
CA GLN B 15 71.94 -32.35 -31.39
C GLN B 15 71.36 -33.63 -31.96
N TRP B 16 71.00 -34.54 -31.06
CA TRP B 16 70.39 -35.80 -31.44
C TRP B 16 69.07 -35.52 -32.13
N ALA B 17 68.25 -34.70 -31.50
CA ALA B 17 66.97 -34.37 -32.07
C ALA B 17 67.16 -33.77 -33.47
N THR B 18 68.03 -32.78 -33.59
CA THR B 18 68.27 -32.12 -34.87
C THR B 18 68.79 -33.14 -35.88
N ARG B 19 69.78 -33.91 -35.47
CA ARG B 19 70.39 -34.95 -36.32
C ARG B 19 69.35 -35.94 -36.81
N ILE B 20 68.46 -36.33 -35.89
CA ILE B 20 67.40 -37.27 -36.18
C ILE B 20 66.45 -36.71 -37.22
N ASP B 21 66.09 -35.45 -37.08
CA ASP B 21 65.18 -34.80 -38.03
C ASP B 21 65.82 -34.77 -39.41
N GLU B 22 67.11 -34.44 -39.44
CA GLU B 22 67.86 -34.38 -40.69
C GLU B 22 67.87 -35.72 -41.38
N ILE B 23 68.32 -36.77 -40.67
CA ILE B 23 68.37 -38.10 -41.23
C ILE B 23 66.99 -38.52 -41.72
N LEU B 24 65.99 -38.18 -40.92
CA LEU B 24 64.60 -38.50 -41.18
C LEU B 24 64.02 -37.77 -42.40
N GLU B 25 64.60 -36.61 -42.74
CA GLU B 25 64.12 -35.85 -43.88
C GLU B 25 65.05 -35.88 -45.09
N ALA B 26 66.27 -36.37 -44.88
CA ALA B 26 67.24 -36.48 -45.96
C ALA B 26 66.58 -37.32 -47.07
N PRO B 27 66.76 -36.91 -48.34
CA PRO B 27 66.18 -37.62 -49.50
C PRO B 27 66.70 -39.04 -49.81
N ASP B 28 67.95 -39.32 -49.45
CA ASP B 28 68.53 -40.64 -49.71
C ASP B 28 68.39 -41.61 -48.54
N GLY B 29 67.69 -41.21 -47.49
CA GLY B 29 67.51 -42.08 -46.35
C GLY B 29 68.45 -41.80 -45.20
N GLY B 30 69.38 -40.87 -45.43
CA GLY B 30 70.30 -40.51 -44.37
C GLY B 30 71.40 -41.53 -44.10
N GLU B 31 72.32 -41.15 -43.22
CA GLU B 31 73.46 -41.98 -42.83
C GLU B 31 73.11 -43.01 -41.76
N VAL B 32 73.96 -44.01 -41.61
CA VAL B 32 73.72 -45.03 -40.64
C VAL B 32 74.40 -44.71 -39.34
N ILE B 33 73.61 -44.63 -38.28
CA ILE B 33 74.16 -44.35 -36.97
C ILE B 33 74.77 -45.66 -36.48
N TYR B 34 76.08 -45.64 -36.28
CA TYR B 34 76.82 -46.81 -35.83
C TYR B 34 77.40 -46.55 -34.44
N ASN B 35 76.83 -47.23 -33.46
CA ASN B 35 77.25 -47.07 -32.07
C ASN B 35 77.55 -48.41 -31.37
N VAL B 36 78.70 -48.99 -31.65
CA VAL B 36 79.08 -50.25 -31.03
C VAL B 36 80.41 -50.14 -30.28
N ASP B 37 80.45 -50.67 -29.06
CA ASP B 37 81.66 -50.64 -28.26
C ASP B 37 82.67 -51.58 -28.91
N GLU B 38 83.61 -51.04 -29.67
CA GLU B 38 84.61 -51.89 -30.33
C GLU B 38 85.83 -52.20 -29.47
N ASN B 39 85.63 -52.36 -28.17
CA ASN B 39 86.73 -52.67 -27.28
C ASN B 39 86.37 -53.89 -26.42
N ASP B 40 85.07 -54.10 -26.27
CA ASP B 40 84.55 -55.22 -25.51
C ASP B 40 84.86 -56.56 -26.18
N PRO B 41 85.37 -57.52 -25.39
CA PRO B 41 85.73 -58.86 -25.89
C PRO B 41 84.58 -59.87 -25.89
N ARG B 42 83.71 -59.80 -24.89
CA ARG B 42 82.60 -60.74 -24.79
C ARG B 42 81.67 -60.64 -26.00
N GLU B 43 81.07 -61.78 -26.36
CA GLU B 43 80.17 -61.87 -27.50
C GLU B 43 78.76 -61.37 -27.10
N TYR B 44 77.96 -60.98 -28.08
CA TYR B 44 76.61 -60.47 -27.82
C TYR B 44 75.70 -61.55 -27.27
N ASP B 45 75.16 -61.33 -26.08
CA ASP B 45 74.25 -62.28 -25.46
C ASP B 45 72.96 -62.34 -26.25
N ALA B 46 72.71 -61.32 -27.05
CA ALA B 46 71.51 -61.28 -27.86
C ALA B 46 71.46 -60.02 -28.70
N ILE B 47 71.08 -60.16 -29.97
CA ILE B 47 70.97 -59.01 -30.83
C ILE B 47 69.48 -58.77 -31.01
N PHE B 48 69.04 -57.54 -30.79
CA PHE B 48 67.62 -57.25 -30.92
C PHE B 48 67.31 -56.75 -32.32
N ILE B 49 66.48 -57.49 -33.03
CA ILE B 49 66.08 -57.08 -34.37
C ILE B 49 64.89 -56.16 -34.13
N GLY B 50 65.17 -54.85 -34.13
CA GLY B 50 64.15 -53.85 -33.87
C GLY B 50 64.45 -53.23 -32.52
N GLY B 51 64.49 -51.90 -32.44
CA GLY B 51 64.81 -51.25 -31.17
C GLY B 51 63.73 -50.30 -30.69
N GLY B 52 62.50 -50.78 -30.73
CA GLY B 52 61.36 -49.98 -30.30
C GLY B 52 60.98 -50.37 -28.89
N ALA B 53 59.69 -50.42 -28.61
CA ALA B 53 59.20 -50.78 -27.29
C ALA B 53 59.90 -51.99 -26.73
N ALA B 54 59.74 -53.12 -27.38
CA ALA B 54 60.34 -54.37 -26.94
C ALA B 54 61.87 -54.37 -27.03
N GLY B 55 62.38 -53.94 -28.18
CA GLY B 55 63.82 -53.93 -28.35
C GLY B 55 64.54 -53.05 -27.34
N ARG B 56 64.29 -51.76 -27.42
CA ARG B 56 64.91 -50.78 -26.51
C ARG B 56 64.87 -51.28 -25.07
N PHE B 57 63.67 -51.55 -24.57
CA PHE B 57 63.50 -52.02 -23.22
C PHE B 57 64.35 -53.27 -22.98
N GLY B 58 64.05 -54.34 -23.70
CA GLY B 58 64.81 -55.56 -23.53
C GLY B 58 66.30 -55.26 -23.42
N SER B 59 66.82 -54.49 -24.37
CA SER B 59 68.24 -54.13 -24.40
C SER B 59 68.71 -53.50 -23.09
N ALA B 60 67.88 -52.58 -22.58
CA ALA B 60 68.21 -51.88 -21.36
C ALA B 60 68.32 -52.85 -20.21
N TYR B 61 67.35 -53.75 -20.10
CA TYR B 61 67.34 -54.74 -19.05
C TYR B 61 68.51 -55.72 -19.16
N LEU B 62 68.74 -56.24 -20.36
CA LEU B 62 69.84 -57.17 -20.54
C LEU B 62 71.14 -56.47 -20.19
N ARG B 63 71.30 -55.25 -20.69
CA ARG B 63 72.50 -54.48 -20.41
C ARG B 63 72.67 -54.31 -18.90
N ALA B 64 71.55 -54.09 -18.20
CA ALA B 64 71.54 -53.90 -16.77
C ALA B 64 71.90 -55.18 -16.02
N MET B 65 71.67 -56.32 -16.68
CA MET B 65 71.97 -57.61 -16.07
C MET B 65 73.41 -58.01 -16.25
N GLY B 66 74.15 -57.23 -17.04
CA GLY B 66 75.55 -57.52 -17.24
C GLY B 66 75.87 -58.11 -18.59
N GLY B 67 74.83 -58.35 -19.39
CA GLY B 67 75.06 -58.93 -20.70
C GLY B 67 75.39 -57.87 -21.74
N ARG B 68 75.87 -58.32 -22.88
CA ARG B 68 76.23 -57.43 -23.98
C ARG B 68 75.05 -57.52 -24.96
N GLN B 69 74.64 -56.41 -25.54
CA GLN B 69 73.53 -56.43 -26.48
C GLN B 69 73.74 -55.50 -27.67
N LEU B 70 72.94 -55.69 -28.71
CA LEU B 70 73.02 -54.85 -29.89
C LEU B 70 71.60 -54.66 -30.40
N ILE B 71 71.34 -53.44 -30.86
CA ILE B 71 70.05 -53.09 -31.41
C ILE B 71 70.29 -52.70 -32.83
N VAL B 72 69.35 -53.03 -33.72
CA VAL B 72 69.44 -52.65 -35.11
C VAL B 72 68.14 -52.13 -35.57
N ASP B 73 68.17 -51.31 -36.55
CA ASP B 73 66.94 -50.69 -36.94
C ASP B 73 66.95 -49.83 -38.17
N ARG B 74 65.86 -49.71 -38.61
CA ARG B 74 65.55 -48.99 -39.80
C ARG B 74 65.48 -47.51 -39.46
N TRP B 75 64.84 -47.22 -38.36
CA TRP B 75 64.65 -45.84 -37.90
C TRP B 75 65.91 -45.30 -37.24
N PRO B 76 66.16 -43.98 -37.35
CA PRO B 76 67.33 -43.32 -36.77
C PRO B 76 67.17 -43.06 -35.28
N PHE B 77 66.20 -43.70 -34.66
CA PHE B 77 65.95 -43.51 -33.23
C PHE B 77 65.36 -44.77 -32.58
N LEU B 78 65.55 -44.87 -31.28
CA LEU B 78 65.03 -46.00 -30.53
C LEU B 78 63.62 -45.60 -30.10
N GLY B 79 62.80 -46.58 -29.71
CA GLY B 79 61.46 -46.23 -29.27
C GLY B 79 60.31 -46.87 -30.01
N GLY B 80 60.44 -47.09 -31.31
CA GLY B 80 59.37 -47.72 -32.05
C GLY B 80 58.23 -46.82 -32.49
N SER B 81 57.10 -47.43 -32.85
CA SER B 81 55.93 -46.71 -33.37
C SER B 81 55.26 -45.71 -32.44
N CYS B 82 55.19 -46.10 -31.17
CA CYS B 82 54.55 -45.31 -30.13
C CYS B 82 54.83 -43.80 -30.17
N PRO B 83 56.11 -43.42 -30.10
CA PRO B 83 56.55 -42.03 -30.10
C PRO B 83 56.75 -41.39 -31.49
N HIS B 84 56.39 -42.10 -32.54
CA HIS B 84 56.58 -41.58 -33.89
C HIS B 84 55.31 -41.54 -34.73
N ASN B 85 54.46 -42.55 -34.60
CA ASN B 85 53.20 -42.59 -35.34
C ASN B 85 52.15 -43.44 -34.67
N ALA B 86 52.42 -43.95 -33.47
CA ALA B 86 51.44 -44.79 -32.78
C ALA B 86 50.73 -44.12 -31.60
N CYS B 87 51.01 -44.62 -30.40
CA CYS B 87 50.41 -44.12 -29.17
C CYS B 87 50.36 -42.61 -29.06
N VAL B 88 51.54 -42.04 -28.86
CA VAL B 88 51.70 -40.61 -28.69
C VAL B 88 50.83 -39.81 -29.63
N PRO B 89 51.19 -39.73 -30.92
CA PRO B 89 50.34 -38.95 -31.82
C PRO B 89 48.86 -39.25 -31.67
N HIS B 90 48.57 -40.51 -31.35
CA HIS B 90 47.18 -40.94 -31.17
C HIS B 90 46.59 -40.24 -29.93
N HIS B 91 47.37 -40.13 -28.86
CA HIS B 91 46.90 -39.45 -27.65
C HIS B 91 46.63 -37.97 -27.95
N LEU B 92 47.59 -37.32 -28.62
CA LEU B 92 47.44 -35.92 -28.99
C LEU B 92 46.11 -35.70 -29.72
N PHE B 93 45.74 -36.65 -30.58
CA PHE B 93 44.49 -36.50 -31.32
C PHE B 93 43.32 -36.72 -30.39
N SER B 94 43.50 -37.63 -29.44
CA SER B 94 42.44 -37.94 -28.48
C SER B 94 42.13 -36.75 -27.56
N ASP B 95 43.18 -36.06 -27.11
CA ASP B 95 42.96 -34.90 -26.26
C ASP B 95 42.11 -33.91 -27.03
N CYS B 96 42.53 -33.61 -28.25
CA CYS B 96 41.79 -32.68 -29.10
C CYS B 96 40.37 -33.19 -29.27
N ALA B 97 40.22 -34.50 -29.46
CA ALA B 97 38.89 -35.07 -29.62
C ALA B 97 38.03 -34.79 -28.38
N ALA B 98 38.63 -34.93 -27.20
CA ALA B 98 37.92 -34.69 -25.94
C ALA B 98 37.61 -33.21 -25.72
N GLU B 99 38.62 -32.38 -26.02
CA GLU B 99 38.51 -30.94 -25.90
C GLU B 99 37.48 -30.37 -26.88
N LEU B 100 37.51 -30.84 -28.13
CA LEU B 100 36.55 -30.37 -29.12
C LEU B 100 35.12 -30.76 -28.77
N MET B 101 34.91 -31.98 -28.31
CA MET B 101 33.56 -32.39 -27.94
C MET B 101 33.05 -31.42 -26.85
N LEU B 102 33.92 -31.07 -25.91
CA LEU B 102 33.57 -30.15 -24.84
C LEU B 102 33.18 -28.84 -25.51
N ALA B 103 34.17 -28.23 -26.17
CA ALA B 103 34.01 -26.97 -26.88
C ALA B 103 32.75 -26.93 -27.74
N ARG B 104 32.47 -28.04 -28.42
CA ARG B 104 31.27 -28.10 -29.25
C ARG B 104 29.97 -28.21 -28.48
N THR B 105 30.02 -28.91 -27.34
CA THR B 105 28.81 -29.07 -26.52
C THR B 105 28.40 -27.75 -25.89
N PHE B 106 29.39 -26.88 -25.69
CA PHE B 106 29.17 -25.57 -25.09
C PHE B 106 29.54 -24.41 -26.01
N SER B 107 29.31 -24.60 -27.32
CA SER B 107 29.60 -23.57 -28.31
C SER B 107 29.00 -22.24 -27.88
N GLY B 108 29.78 -21.17 -28.02
CA GLY B 108 29.29 -19.84 -27.65
C GLY B 108 29.19 -19.60 -26.17
N GLN B 109 28.80 -20.63 -25.43
CA GLN B 109 28.67 -20.56 -23.98
C GLN B 109 29.97 -20.31 -23.26
N TYR B 110 29.88 -19.70 -22.08
CA TYR B 110 31.04 -19.40 -21.27
C TYR B 110 32.20 -18.90 -22.15
N TRP B 111 33.42 -19.33 -21.86
CA TRP B 111 34.58 -18.90 -22.64
C TRP B 111 34.71 -19.72 -23.92
N PHE B 112 33.64 -20.44 -24.26
CA PHE B 112 33.66 -21.28 -25.45
C PHE B 112 33.15 -20.61 -26.71
N PRO B 113 34.02 -20.55 -27.74
CA PRO B 113 33.68 -19.94 -29.03
C PRO B 113 32.62 -20.75 -29.77
N ASP B 114 31.90 -20.10 -30.69
CA ASP B 114 30.88 -20.79 -31.47
C ASP B 114 31.60 -21.79 -32.36
N MET B 115 31.16 -23.05 -32.35
CA MET B 115 31.79 -24.07 -33.17
C MET B 115 31.01 -24.33 -34.46
N THR B 116 29.75 -23.93 -34.47
CA THR B 116 28.89 -24.09 -35.65
C THR B 116 29.70 -23.70 -36.88
N GLU B 117 29.66 -24.54 -37.92
CA GLU B 117 30.38 -24.27 -39.18
C GLU B 117 31.91 -24.36 -39.06
N LYS B 118 32.42 -24.34 -37.83
CA LYS B 118 33.85 -24.39 -37.56
C LYS B 118 34.49 -25.77 -37.71
N VAL B 119 35.44 -25.88 -38.63
CA VAL B 119 36.16 -27.15 -38.83
C VAL B 119 37.62 -26.90 -38.47
N VAL B 120 38.13 -27.66 -37.51
CA VAL B 120 39.50 -27.51 -37.04
C VAL B 120 40.47 -28.04 -38.08
N GLY B 121 41.67 -27.51 -38.07
CA GLY B 121 42.68 -27.95 -39.01
C GLY B 121 43.39 -29.21 -38.54
N ILE B 122 43.15 -30.31 -39.25
CA ILE B 122 43.79 -31.57 -38.93
C ILE B 122 45.29 -31.42 -39.24
N LYS B 123 45.61 -30.99 -40.45
CA LYS B 123 47.02 -30.82 -40.84
C LYS B 123 47.82 -30.07 -39.79
N GLU B 124 47.27 -28.95 -39.33
CA GLU B 124 47.93 -28.12 -38.33
C GLU B 124 48.28 -28.89 -37.04
N VAL B 125 47.35 -29.69 -36.53
CA VAL B 125 47.60 -30.49 -35.31
C VAL B 125 48.57 -31.64 -35.56
N VAL B 126 48.47 -32.33 -36.70
CA VAL B 126 49.42 -33.39 -36.95
C VAL B 126 50.76 -32.76 -37.32
N ASP B 127 50.74 -31.46 -37.64
CA ASP B 127 51.96 -30.73 -37.98
C ASP B 127 52.70 -30.39 -36.67
N LEU B 128 51.92 -30.15 -35.62
CA LEU B 128 52.46 -29.84 -34.29
C LEU B 128 53.15 -31.06 -33.71
N PHE B 129 52.60 -32.23 -34.02
CA PHE B 129 53.17 -33.47 -33.54
C PHE B 129 54.54 -33.68 -34.20
N ARG B 130 54.59 -33.50 -35.51
CA ARG B 130 55.83 -33.69 -36.25
C ARG B 130 56.89 -32.72 -35.81
N ALA B 131 56.46 -31.53 -35.43
CA ALA B 131 57.39 -30.48 -35.01
C ALA B 131 58.18 -30.80 -33.75
N GLY B 132 57.63 -31.68 -32.90
CA GLY B 132 58.32 -31.99 -31.66
C GLY B 132 58.56 -33.44 -31.29
N ARG B 133 57.98 -34.36 -32.05
CA ARG B 133 58.15 -35.78 -31.75
C ARG B 133 59.62 -36.17 -31.70
N ASN B 134 60.48 -35.40 -32.37
CA ASN B 134 61.91 -35.70 -32.39
C ASN B 134 62.64 -35.44 -31.09
N GLY B 135 62.01 -34.63 -30.23
CA GLY B 135 62.62 -34.32 -28.94
C GLY B 135 62.87 -35.61 -28.18
N PRO B 136 61.80 -36.38 -27.89
CA PRO B 136 61.88 -37.65 -27.16
C PRO B 136 62.85 -38.67 -27.80
N HIS B 137 62.91 -38.71 -29.13
CA HIS B 137 63.82 -39.63 -29.80
C HIS B 137 65.23 -39.25 -29.36
N GLY B 138 65.56 -37.98 -29.58
CA GLY B 138 66.86 -37.47 -29.21
C GLY B 138 67.21 -37.86 -27.79
N ILE B 139 66.23 -37.79 -26.88
CA ILE B 139 66.48 -38.15 -25.50
C ILE B 139 66.71 -39.66 -25.41
N MET B 140 65.79 -40.43 -25.99
CA MET B 140 65.92 -41.88 -26.00
C MET B 140 67.33 -42.24 -26.49
N ASN B 141 67.75 -41.64 -27.60
CA ASN B 141 69.05 -41.91 -28.19
C ASN B 141 70.23 -41.52 -27.31
N PHE B 142 70.18 -40.31 -26.76
CA PHE B 142 71.24 -39.79 -25.90
C PHE B 142 71.38 -40.60 -24.64
N GLN B 143 70.25 -40.77 -23.98
CA GLN B 143 70.15 -41.50 -22.73
C GLN B 143 70.61 -42.95 -22.88
N SER B 144 70.21 -43.59 -23.97
CA SER B 144 70.60 -44.98 -24.23
C SER B 144 72.09 -45.22 -24.38
N LYS B 145 72.74 -44.39 -25.20
CA LYS B 145 74.17 -44.53 -25.46
C LYS B 145 75.09 -44.03 -24.33
N GLU B 146 74.78 -42.85 -23.80
CA GLU B 146 75.59 -42.25 -22.74
C GLU B 146 75.33 -42.75 -21.33
N GLN B 147 74.07 -42.97 -20.98
CA GLN B 147 73.76 -43.43 -19.63
C GLN B 147 73.62 -44.96 -19.49
N LEU B 148 72.93 -45.59 -20.44
CA LEU B 148 72.74 -47.03 -20.38
C LEU B 148 73.83 -47.81 -21.08
N ASN B 149 74.79 -47.11 -21.68
CA ASN B 149 75.88 -47.78 -22.39
C ASN B 149 75.38 -48.79 -23.42
N LEU B 150 74.11 -48.66 -23.82
CA LEU B 150 73.52 -49.58 -24.79
C LEU B 150 74.17 -49.43 -26.16
N GLU B 151 74.37 -50.54 -26.85
CA GLU B 151 74.98 -50.53 -28.18
C GLU B 151 73.89 -50.70 -29.22
N TYR B 152 74.00 -49.94 -30.32
CA TYR B 152 73.00 -50.01 -31.37
C TYR B 152 73.44 -49.50 -32.73
N ILE B 153 72.59 -49.70 -33.71
CA ILE B 153 72.85 -49.25 -35.06
C ILE B 153 71.51 -48.81 -35.55
N LEU B 154 71.37 -47.52 -35.82
CA LEU B 154 70.10 -47.01 -36.27
C LEU B 154 70.12 -46.56 -37.72
N ASN B 155 68.91 -46.45 -38.29
CA ASN B 155 68.72 -46.03 -39.67
C ASN B 155 69.40 -47.00 -40.62
N CYS B 156 69.14 -48.29 -40.42
CA CYS B 156 69.68 -49.35 -41.25
C CYS B 156 68.87 -50.62 -41.04
N PRO B 157 68.23 -51.11 -42.11
CA PRO B 157 67.44 -52.34 -41.97
C PRO B 157 68.36 -53.49 -41.54
N ALA B 158 67.82 -54.39 -40.73
CA ALA B 158 68.60 -55.53 -40.23
C ALA B 158 68.58 -56.72 -41.17
N LYS B 159 69.74 -57.32 -41.38
CA LYS B 159 69.84 -58.48 -42.24
C LYS B 159 70.19 -59.69 -41.38
N VAL B 160 69.17 -60.44 -40.97
CA VAL B 160 69.40 -61.63 -40.17
C VAL B 160 69.88 -62.72 -41.14
N ILE B 161 71.18 -63.00 -41.10
CA ILE B 161 71.76 -64.01 -41.98
C ILE B 161 71.30 -65.39 -41.54
N ASP B 162 71.40 -65.66 -40.25
CA ASP B 162 70.98 -66.94 -39.70
C ASP B 162 70.62 -66.85 -38.23
N ASN B 163 70.69 -67.99 -37.57
CA ASN B 163 70.35 -68.15 -36.18
C ASN B 163 71.29 -67.44 -35.18
N HIS B 164 72.57 -67.30 -35.53
CA HIS B 164 73.54 -66.65 -34.64
C HIS B 164 74.27 -65.48 -35.29
N THR B 165 73.86 -65.09 -36.50
CA THR B 165 74.54 -63.99 -37.16
C THR B 165 73.58 -63.00 -37.80
N VAL B 166 73.89 -61.72 -37.68
CA VAL B 166 73.09 -60.63 -38.23
C VAL B 166 74.03 -59.64 -38.87
N GLU B 167 73.58 -58.98 -39.93
CA GLU B 167 74.42 -58.02 -40.64
C GLU B 167 73.85 -56.61 -40.59
N ALA B 168 74.73 -55.63 -40.48
CA ALA B 168 74.30 -54.24 -40.43
C ALA B 168 75.48 -53.32 -40.68
N ALA B 169 75.19 -52.15 -41.22
CA ALA B 169 76.22 -51.17 -41.51
C ALA B 169 77.30 -51.78 -42.40
N GLY B 170 76.98 -52.89 -43.05
CA GLY B 170 77.95 -53.53 -43.92
C GLY B 170 78.94 -54.43 -43.19
N LYS B 171 78.66 -54.70 -41.92
CA LYS B 171 79.49 -55.56 -41.09
C LYS B 171 78.68 -56.78 -40.70
N VAL B 172 79.35 -57.80 -40.17
CA VAL B 172 78.66 -59.01 -39.78
C VAL B 172 78.78 -59.22 -38.27
N PHE B 173 77.68 -59.56 -37.61
CA PHE B 173 77.71 -59.76 -36.17
C PHE B 173 77.26 -61.14 -35.74
N LYS B 174 77.85 -61.64 -34.67
CA LYS B 174 77.47 -62.94 -34.10
C LYS B 174 76.99 -62.76 -32.65
N ALA B 175 75.95 -63.51 -32.30
CA ALA B 175 75.41 -63.42 -30.95
C ALA B 175 74.90 -64.77 -30.45
N LYS B 176 75.08 -65.01 -29.16
CA LYS B 176 74.64 -66.24 -28.50
C LYS B 176 73.14 -66.43 -28.68
N ASN B 177 72.42 -65.34 -28.86
CA ASN B 177 70.98 -65.42 -29.07
C ASN B 177 70.52 -64.31 -30.01
N LEU B 178 69.26 -64.43 -30.43
CA LEU B 178 68.64 -63.46 -31.31
C LEU B 178 67.28 -63.25 -30.74
N ILE B 179 66.87 -62.00 -30.62
CA ILE B 179 65.55 -61.72 -30.10
C ILE B 179 64.90 -60.70 -31.05
N LEU B 180 63.93 -61.22 -31.80
CA LEU B 180 63.19 -60.47 -32.81
C LEU B 180 62.11 -59.61 -32.23
N ALA B 181 62.26 -58.30 -32.40
CA ALA B 181 61.29 -57.35 -31.89
C ALA B 181 61.10 -56.29 -32.98
N VAL B 182 60.59 -56.74 -34.11
CA VAL B 182 60.34 -55.89 -35.27
C VAL B 182 58.90 -55.35 -35.34
N GLY B 183 58.06 -55.82 -34.44
CA GLY B 183 56.69 -55.35 -34.38
C GLY B 183 55.80 -55.64 -35.57
N ALA B 184 54.69 -54.91 -35.65
CA ALA B 184 53.70 -55.06 -36.72
C ALA B 184 53.54 -53.80 -37.56
N GLY B 185 53.21 -53.99 -38.83
CA GLY B 185 53.03 -52.89 -39.75
C GLY B 185 51.57 -52.63 -39.96
N PRO B 186 51.19 -51.38 -40.27
CA PRO B 186 49.79 -51.01 -40.49
C PRO B 186 49.01 -51.93 -41.42
N GLY B 187 47.82 -52.30 -40.99
CA GLY B 187 46.97 -53.16 -41.80
C GLY B 187 46.57 -52.45 -43.08
N THR B 188 46.15 -53.23 -44.06
CA THR B 188 45.74 -52.67 -45.35
C THR B 188 44.51 -53.30 -45.98
N LEU B 189 44.02 -52.69 -47.04
CA LEU B 189 42.84 -53.16 -47.74
C LEU B 189 43.21 -53.46 -49.19
N ASP B 190 42.85 -54.65 -49.65
CA ASP B 190 43.17 -55.06 -51.03
C ASP B 190 42.00 -54.70 -51.94
N VAL B 191 41.89 -53.41 -52.23
CA VAL B 191 40.80 -52.90 -53.04
C VAL B 191 41.40 -51.92 -54.05
N PRO B 192 40.71 -51.67 -55.17
CA PRO B 192 41.22 -50.72 -56.16
C PRO B 192 41.15 -49.27 -55.67
N GLY B 193 42.26 -48.56 -55.76
CA GLY B 193 42.29 -47.17 -55.33
C GLY B 193 42.87 -47.00 -53.94
N VAL B 194 43.10 -48.12 -53.26
CA VAL B 194 43.64 -48.10 -51.91
C VAL B 194 44.85 -47.17 -51.78
N ASN B 195 45.50 -46.85 -52.90
CA ASN B 195 46.69 -45.97 -52.89
C ASN B 195 46.49 -44.55 -53.35
N ALA B 196 45.26 -44.20 -53.72
CA ALA B 196 44.99 -42.85 -54.15
C ALA B 196 45.54 -41.92 -53.06
N LYS B 197 46.20 -40.85 -53.48
CA LYS B 197 46.79 -39.89 -52.55
C LYS B 197 45.98 -39.63 -51.26
N GLY B 198 44.66 -39.53 -51.37
CA GLY B 198 43.87 -39.26 -50.18
C GLY B 198 43.75 -40.33 -49.10
N VAL B 199 44.18 -41.55 -49.40
CA VAL B 199 44.11 -42.65 -48.43
C VAL B 199 45.22 -42.59 -47.39
N PHE B 200 44.87 -42.80 -46.13
CA PHE B 200 45.84 -42.76 -45.04
C PHE B 200 45.66 -43.90 -44.03
N ASP B 201 46.69 -44.10 -43.22
CA ASP B 201 46.65 -45.08 -42.15
C ASP B 201 47.33 -44.38 -40.96
N HIS B 202 47.48 -45.05 -39.83
CA HIS B 202 48.06 -44.40 -38.66
C HIS B 202 49.50 -43.92 -38.83
N ALA B 203 50.28 -44.69 -39.58
CA ALA B 203 51.69 -44.39 -39.79
C ALA B 203 51.96 -43.47 -40.98
N THR B 204 51.05 -43.48 -41.94
CA THR B 204 51.21 -42.67 -43.14
C THR B 204 50.61 -41.28 -42.96
N LEU B 205 49.81 -41.12 -41.91
CA LEU B 205 49.18 -39.85 -41.65
C LEU B 205 50.17 -38.83 -41.14
N VAL B 206 51.16 -39.29 -40.37
CA VAL B 206 52.15 -38.38 -39.81
C VAL B 206 53.37 -38.16 -40.71
N GLU B 207 53.21 -38.42 -42.01
CA GLU B 207 54.31 -38.26 -42.96
C GLU B 207 53.92 -37.86 -44.37
N GLU B 208 52.61 -37.84 -44.66
CA GLU B 208 52.16 -37.49 -46.00
C GLU B 208 50.91 -36.61 -46.05
N LEU B 209 50.54 -36.05 -44.92
CA LEU B 209 49.36 -35.20 -44.88
C LEU B 209 49.74 -33.81 -45.42
N ASP B 210 50.03 -33.75 -46.71
CA ASP B 210 50.45 -32.51 -47.35
C ASP B 210 49.32 -31.57 -47.77
N TYR B 211 48.13 -31.76 -47.18
CA TYR B 211 46.97 -30.90 -47.45
C TYR B 211 46.00 -30.90 -46.26
N GLU B 212 44.89 -30.20 -46.39
CA GLU B 212 43.89 -30.17 -45.32
C GLU B 212 42.61 -30.83 -45.83
N PRO B 213 42.23 -31.97 -45.22
CA PRO B 213 41.04 -32.74 -45.58
C PRO B 213 39.79 -31.92 -45.90
N GLY B 214 38.79 -32.59 -46.45
CA GLY B 214 37.54 -31.92 -46.78
C GLY B 214 36.50 -32.03 -45.69
N SER B 215 35.29 -31.61 -46.00
CA SER B 215 34.17 -31.63 -45.07
C SER B 215 33.69 -33.03 -44.65
N THR B 216 34.25 -34.05 -45.29
CA THR B 216 33.85 -35.42 -44.98
C THR B 216 35.05 -36.33 -44.92
N VAL B 217 34.97 -37.36 -44.08
CA VAL B 217 36.05 -38.34 -43.92
C VAL B 217 35.48 -39.76 -43.81
N VAL B 218 36.25 -40.73 -44.32
CA VAL B 218 35.85 -42.12 -44.26
C VAL B 218 36.96 -42.90 -43.54
N VAL B 219 36.56 -43.58 -42.46
CA VAL B 219 37.45 -44.40 -41.65
C VAL B 219 37.04 -45.86 -41.84
N VAL B 220 38.01 -46.72 -42.12
CA VAL B 220 37.73 -48.14 -42.30
C VAL B 220 38.22 -48.91 -41.08
N GLY B 221 37.27 -49.45 -40.31
CA GLY B 221 37.59 -50.20 -39.11
C GLY B 221 36.54 -50.09 -38.02
N GLY B 222 36.70 -50.89 -36.96
CA GLY B 222 35.74 -50.87 -35.87
C GLY B 222 36.33 -51.00 -34.47
N SER B 223 37.65 -51.12 -34.36
CA SER B 223 38.29 -51.24 -33.06
C SER B 223 38.98 -49.95 -32.56
N LYS B 224 40.08 -50.12 -31.82
CA LYS B 224 40.82 -49.00 -31.24
C LYS B 224 41.19 -47.81 -32.12
N THR B 225 42.31 -47.93 -32.81
CA THR B 225 42.82 -46.85 -33.65
C THR B 225 41.79 -46.30 -34.63
N ALA B 226 40.91 -47.17 -35.13
CA ALA B 226 39.86 -46.75 -36.05
C ALA B 226 38.95 -45.72 -35.38
N VAL B 227 38.41 -46.10 -34.22
CA VAL B 227 37.52 -45.21 -33.46
C VAL B 227 38.25 -43.99 -32.94
N GLU B 228 39.47 -44.24 -32.46
CA GLU B 228 40.31 -43.19 -31.92
C GLU B 228 40.46 -42.06 -32.94
N TYR B 229 41.16 -42.33 -34.04
CA TYR B 229 41.30 -41.30 -35.06
C TYR B 229 39.91 -40.86 -35.59
N GLY B 230 38.95 -41.78 -35.57
CA GLY B 230 37.61 -41.47 -36.03
C GLY B 230 36.91 -40.37 -35.26
N CYS B 231 36.97 -40.43 -33.92
CA CYS B 231 36.33 -39.42 -33.08
C CYS B 231 37.07 -38.09 -33.17
N PHE B 232 38.35 -38.15 -33.51
CA PHE B 232 39.13 -36.94 -33.64
C PHE B 232 38.70 -36.17 -34.90
N PHE B 233 38.69 -36.86 -36.06
CA PHE B 233 38.28 -36.23 -37.32
C PHE B 233 36.87 -35.73 -37.14
N ASN B 234 36.04 -36.53 -36.48
CA ASN B 234 34.67 -36.12 -36.23
C ASN B 234 34.72 -34.86 -35.39
N ALA B 235 35.59 -34.87 -34.39
CA ALA B 235 35.73 -33.73 -33.50
C ALA B 235 36.07 -32.43 -34.23
N THR B 236 36.90 -32.53 -35.26
CA THR B 236 37.27 -31.36 -36.04
C THR B 236 36.08 -30.84 -36.85
N GLY B 237 34.90 -31.42 -36.62
CA GLY B 237 33.70 -31.00 -37.33
C GLY B 237 33.65 -31.41 -38.79
N ARG B 238 33.82 -32.71 -39.04
CA ARG B 238 33.79 -33.26 -40.40
C ARG B 238 32.91 -34.50 -40.39
N ARG B 239 31.99 -34.60 -41.34
CA ARG B 239 31.12 -35.77 -41.42
C ARG B 239 32.04 -36.99 -41.42
N THR B 240 31.86 -37.87 -40.44
CA THR B 240 32.69 -39.06 -40.35
C THR B 240 31.86 -40.32 -40.45
N VAL B 241 32.20 -41.14 -41.45
CA VAL B 241 31.51 -42.39 -41.71
C VAL B 241 32.47 -43.55 -41.53
N MET B 242 32.17 -44.38 -40.53
CA MET B 242 32.99 -45.55 -40.24
C MET B 242 32.35 -46.74 -40.93
N LEU B 243 33.17 -47.49 -41.65
CA LEU B 243 32.67 -48.65 -42.37
C LEU B 243 33.29 -49.86 -41.68
N VAL B 244 32.46 -50.55 -40.91
CA VAL B 244 32.93 -51.72 -40.14
C VAL B 244 32.60 -53.07 -40.81
N ARG B 245 33.63 -53.87 -41.07
CA ARG B 245 33.47 -55.18 -41.70
C ARG B 245 32.51 -56.04 -40.89
N THR B 246 32.57 -55.91 -39.57
CA THR B 246 31.72 -56.68 -38.67
C THR B 246 30.89 -55.81 -37.72
N GLU B 247 31.43 -55.63 -36.53
CA GLU B 247 30.80 -54.84 -35.48
C GLU B 247 31.85 -53.96 -34.79
N PRO B 248 31.46 -52.73 -34.40
CA PRO B 248 32.37 -51.79 -33.73
C PRO B 248 32.62 -52.05 -32.24
N LEU B 249 33.84 -51.74 -31.82
CA LEU B 249 34.23 -51.86 -30.44
C LEU B 249 33.87 -53.19 -29.79
N LYS B 250 34.26 -54.27 -30.44
CA LYS B 250 33.97 -55.59 -29.90
C LYS B 250 34.80 -55.70 -28.64
N LEU B 251 35.91 -54.97 -28.64
CA LEU B 251 36.85 -54.95 -27.54
C LEU B 251 36.21 -54.53 -26.21
N ILE B 252 34.99 -54.01 -26.26
CA ILE B 252 34.28 -53.61 -25.04
C ILE B 252 33.25 -54.68 -24.78
N LYS B 253 33.64 -55.71 -24.02
CA LYS B 253 32.75 -56.83 -23.71
C LYS B 253 31.44 -56.55 -22.94
N ASP B 254 31.45 -55.74 -21.90
CA ASP B 254 30.19 -55.47 -21.21
C ASP B 254 29.34 -54.68 -22.18
N ASN B 255 28.18 -55.24 -22.53
CA ASN B 255 27.23 -54.62 -23.46
C ASN B 255 26.85 -53.20 -23.13
N GLU B 256 26.19 -53.01 -21.99
CA GLU B 256 25.78 -51.68 -21.58
C GLU B 256 26.88 -50.68 -21.83
N THR B 257 28.09 -51.00 -21.36
CA THR B 257 29.22 -50.11 -21.53
C THR B 257 29.43 -49.76 -22.99
N ARG B 258 29.65 -50.80 -23.80
CA ARG B 258 29.86 -50.63 -25.23
C ARG B 258 28.70 -49.87 -25.86
N ALA B 259 27.50 -50.08 -25.33
CA ALA B 259 26.32 -49.41 -25.85
C ALA B 259 26.38 -47.91 -25.59
N TYR B 260 26.73 -47.54 -24.36
CA TYR B 260 26.79 -46.12 -24.00
C TYR B 260 27.76 -45.42 -24.94
N VAL B 261 28.96 -45.99 -25.03
CA VAL B 261 30.03 -45.45 -25.86
C VAL B 261 29.60 -45.17 -27.30
N LEU B 262 28.88 -46.12 -27.88
CA LEU B 262 28.39 -46.00 -29.25
C LEU B 262 27.40 -44.85 -29.38
N ASP B 263 26.36 -44.87 -28.55
CA ASP B 263 25.37 -43.83 -28.58
C ASP B 263 26.04 -42.46 -28.53
N ARG B 264 27.01 -42.33 -27.65
CA ARG B 264 27.73 -41.07 -27.56
C ARG B 264 28.25 -40.69 -28.94
N MET B 265 29.06 -41.56 -29.51
CA MET B 265 29.61 -41.31 -30.84
C MET B 265 28.53 -40.95 -31.84
N LYS B 266 27.44 -41.71 -31.83
CA LYS B 266 26.35 -41.46 -32.74
C LYS B 266 25.96 -40.03 -32.54
N GLU B 267 25.73 -39.69 -31.27
CA GLU B 267 25.34 -38.36 -30.86
C GLU B 267 26.23 -37.27 -31.43
N GLN B 268 27.49 -37.60 -31.67
CA GLN B 268 28.46 -36.64 -32.21
C GLN B 268 28.45 -36.51 -33.74
N GLY B 269 27.47 -37.15 -34.38
CA GLY B 269 27.36 -37.07 -35.82
C GLY B 269 28.10 -38.17 -36.54
N MET B 270 28.74 -39.05 -35.79
CA MET B 270 29.47 -40.15 -36.40
C MET B 270 28.48 -41.17 -36.95
N GLU B 271 28.77 -41.66 -38.15
CA GLU B 271 27.93 -42.65 -38.78
C GLU B 271 28.77 -43.92 -38.82
N ILE B 272 28.30 -44.95 -38.12
CA ILE B 272 29.00 -46.22 -38.06
C ILE B 272 28.22 -47.33 -38.77
N ILE B 273 28.81 -47.87 -39.84
CA ILE B 273 28.19 -48.93 -40.62
C ILE B 273 28.79 -50.31 -40.33
N SER B 274 27.96 -51.19 -39.78
CA SER B 274 28.38 -52.54 -39.43
C SER B 274 28.18 -53.46 -40.65
N GLY B 275 29.07 -54.46 -40.81
CA GLY B 275 28.99 -55.37 -41.95
C GLY B 275 29.18 -54.62 -43.26
N SER B 276 30.13 -53.69 -43.25
CA SER B 276 30.41 -52.89 -44.42
C SER B 276 31.82 -53.15 -44.92
N ASN B 277 31.92 -53.41 -46.22
CA ASN B 277 33.22 -53.65 -46.85
C ASN B 277 33.39 -52.64 -47.96
N VAL B 278 34.62 -52.16 -48.14
CA VAL B 278 34.91 -51.19 -49.17
C VAL B 278 34.98 -51.86 -50.55
N THR B 279 34.15 -51.37 -51.48
CA THR B 279 34.13 -51.90 -52.85
C THR B 279 35.31 -51.35 -53.64
N ARG B 280 35.52 -50.04 -53.55
CA ARG B 280 36.63 -49.42 -54.26
C ARG B 280 36.74 -47.94 -53.95
N ILE B 281 37.91 -47.38 -54.22
CA ILE B 281 38.21 -45.96 -53.96
C ILE B 281 38.44 -45.15 -55.24
N GLU B 282 37.43 -44.38 -55.65
CA GLU B 282 37.50 -43.55 -56.85
C GLU B 282 38.53 -42.43 -56.72
N GLU B 283 39.21 -42.09 -57.81
CA GLU B 283 40.21 -41.04 -57.77
C GLU B 283 39.88 -39.84 -58.68
N ASP B 284 40.86 -38.96 -58.85
CA ASP B 284 40.75 -37.77 -59.70
C ASP B 284 41.62 -37.98 -60.92
N ALA B 285 41.53 -37.08 -61.89
CA ALA B 285 42.36 -37.20 -63.07
C ALA B 285 43.77 -37.14 -62.49
N ASN B 286 43.89 -36.41 -61.38
CA ASN B 286 45.15 -36.21 -60.69
C ASN B 286 45.62 -37.43 -59.93
N GLY B 287 44.68 -38.22 -59.41
CA GLY B 287 45.04 -39.44 -58.71
C GLY B 287 44.76 -39.50 -57.23
N ARG B 288 44.15 -38.45 -56.69
CA ARG B 288 43.82 -38.40 -55.26
C ARG B 288 42.43 -38.98 -55.05
N VAL B 289 42.15 -39.44 -53.84
CA VAL B 289 40.83 -40.00 -53.51
C VAL B 289 39.77 -39.02 -53.97
N GLN B 290 38.56 -39.52 -54.21
CA GLN B 290 37.48 -38.66 -54.67
C GLN B 290 36.16 -39.08 -54.06
N ALA B 291 36.05 -40.39 -53.81
CA ALA B 291 34.86 -40.96 -53.22
C ALA B 291 35.12 -42.42 -52.88
N VAL B 292 34.29 -42.94 -51.98
CA VAL B 292 34.42 -44.31 -51.55
C VAL B 292 33.13 -45.05 -51.86
N VAL B 293 33.28 -46.23 -52.45
CA VAL B 293 32.14 -47.06 -52.77
C VAL B 293 32.32 -48.31 -51.93
N ALA B 294 31.25 -48.72 -51.26
CA ALA B 294 31.30 -49.90 -50.41
C ALA B 294 29.96 -50.58 -50.23
N MET B 295 30.00 -51.86 -49.96
CA MET B 295 28.79 -52.65 -49.75
C MET B 295 28.43 -52.71 -48.28
N THR B 296 27.14 -52.59 -48.00
CA THR B 296 26.65 -52.64 -46.63
C THR B 296 25.45 -53.57 -46.67
N PRO B 297 25.15 -54.25 -45.54
CA PRO B 297 24.00 -55.16 -45.52
C PRO B 297 22.84 -54.59 -46.31
N ASN B 298 22.64 -53.28 -46.15
CA ASN B 298 21.55 -52.62 -46.84
C ASN B 298 21.97 -52.02 -48.19
N GLY B 299 22.44 -52.88 -49.08
CA GLY B 299 22.85 -52.41 -50.38
C GLY B 299 24.10 -51.54 -50.40
N GLU B 300 24.65 -51.36 -51.59
CA GLU B 300 25.85 -50.56 -51.81
C GLU B 300 25.58 -49.09 -51.49
N MET B 301 26.65 -48.30 -51.44
CA MET B 301 26.52 -46.87 -51.16
C MET B 301 27.80 -46.16 -51.58
N ARG B 302 27.65 -44.93 -52.05
CA ARG B 302 28.80 -44.15 -52.49
C ARG B 302 28.88 -42.92 -51.60
N ILE B 303 30.08 -42.55 -51.19
CA ILE B 303 30.29 -41.41 -50.30
C ILE B 303 31.52 -40.58 -50.71
N GLU B 304 31.29 -39.35 -51.15
CA GLU B 304 32.36 -38.44 -51.59
C GLU B 304 33.28 -37.96 -50.48
N THR B 305 34.59 -38.09 -50.71
CA THR B 305 35.59 -37.67 -49.73
C THR B 305 37.00 -37.61 -50.29
N ASP B 306 37.73 -36.56 -49.97
CA ASP B 306 39.10 -36.45 -50.45
C ASP B 306 40.04 -36.91 -49.35
N PHE B 307 39.49 -37.64 -48.39
CA PHE B 307 40.28 -38.11 -47.27
C PHE B 307 39.76 -39.42 -46.72
N VAL B 308 40.64 -40.41 -46.61
CA VAL B 308 40.25 -41.71 -46.10
C VAL B 308 41.29 -42.26 -45.13
N PHE B 309 40.83 -42.65 -43.95
CA PHE B 309 41.75 -43.20 -42.96
C PHE B 309 41.51 -44.67 -42.73
N LEU B 310 42.56 -45.46 -42.92
CA LEU B 310 42.48 -46.89 -42.72
C LEU B 310 42.89 -47.25 -41.31
N GLY B 311 41.94 -47.82 -40.57
CA GLY B 311 42.21 -48.20 -39.19
C GLY B 311 42.02 -49.69 -38.98
N LEU B 312 42.75 -50.47 -39.76
CA LEU B 312 42.67 -51.91 -39.67
C LEU B 312 43.66 -52.37 -38.60
N GLY B 313 43.62 -53.64 -38.25
CA GLY B 313 44.54 -54.13 -37.25
C GLY B 313 45.97 -54.06 -37.78
N GLU B 314 46.94 -54.20 -36.88
CA GLU B 314 48.35 -54.15 -37.26
C GLU B 314 48.79 -55.59 -37.65
N GLN B 315 49.62 -55.72 -38.67
CA GLN B 315 50.06 -57.05 -39.12
C GLN B 315 51.50 -57.38 -38.76
N PRO B 316 51.71 -58.39 -37.88
CA PRO B 316 53.06 -58.77 -37.47
C PRO B 316 54.00 -58.82 -38.68
N ARG B 317 55.22 -58.31 -38.52
CA ARG B 317 56.20 -58.30 -39.60
C ARG B 317 57.02 -59.58 -39.55
N SER B 318 56.32 -60.71 -39.70
CA SER B 318 56.93 -62.04 -39.62
C SER B 318 57.37 -62.66 -40.94
N ALA B 319 56.60 -62.40 -41.99
CA ALA B 319 56.87 -62.94 -43.34
C ALA B 319 58.32 -63.27 -43.65
N GLU B 320 59.10 -62.22 -43.92
CA GLU B 320 60.50 -62.39 -44.27
C GLU B 320 61.42 -63.03 -43.23
N LEU B 321 61.12 -62.89 -41.95
CA LEU B 321 61.98 -63.46 -40.90
C LEU B 321 61.71 -64.93 -40.72
N ALA B 322 60.43 -65.28 -40.69
CA ALA B 322 60.01 -66.67 -40.54
C ALA B 322 60.44 -67.50 -41.77
N LYS B 323 60.94 -66.78 -42.78
CA LYS B 323 61.38 -67.40 -44.02
C LYS B 323 62.88 -67.64 -43.95
N ILE B 324 63.57 -66.79 -43.20
CA ILE B 324 65.01 -66.93 -43.05
C ILE B 324 65.33 -67.91 -41.92
N LEU B 325 64.62 -67.77 -40.79
CA LEU B 325 64.84 -68.65 -39.66
C LEU B 325 63.90 -69.85 -39.74
N GLY B 326 62.90 -69.76 -40.61
CA GLY B 326 61.94 -70.83 -40.74
C GLY B 326 61.23 -70.98 -39.42
N LEU B 327 60.57 -69.90 -39.00
CA LEU B 327 59.85 -69.88 -37.73
C LEU B 327 58.41 -70.31 -37.92
N ASP B 328 57.80 -70.81 -36.86
CA ASP B 328 56.41 -71.23 -36.90
C ASP B 328 55.56 -69.97 -36.79
N LEU B 329 54.46 -69.92 -37.53
CA LEU B 329 53.58 -68.76 -37.50
C LEU B 329 52.16 -69.19 -37.23
N GLY B 330 51.31 -68.22 -36.90
CA GLY B 330 49.93 -68.51 -36.61
C GLY B 330 49.04 -68.03 -37.75
N PRO B 331 47.73 -68.22 -37.64
CA PRO B 331 46.78 -67.80 -38.67
C PRO B 331 46.79 -66.30 -39.00
N LYS B 332 47.35 -65.47 -38.13
CA LYS B 332 47.37 -64.03 -38.35
C LYS B 332 48.74 -63.50 -38.77
N GLY B 333 49.73 -64.38 -38.80
CA GLY B 333 51.08 -63.99 -39.18
C GLY B 333 51.96 -63.80 -37.97
N GLU B 334 51.47 -64.20 -36.81
CA GLU B 334 52.21 -64.05 -35.55
C GLU B 334 53.30 -65.11 -35.35
N VAL B 335 54.52 -64.67 -35.03
CA VAL B 335 55.61 -65.62 -34.79
C VAL B 335 55.29 -66.33 -33.48
N LEU B 336 55.08 -67.64 -33.57
CA LEU B 336 54.76 -68.44 -32.41
C LEU B 336 55.90 -68.53 -31.40
N VAL B 337 55.58 -68.32 -30.13
CA VAL B 337 56.58 -68.43 -29.06
C VAL B 337 55.95 -69.21 -27.93
N ASN B 338 56.76 -69.93 -27.17
CA ASN B 338 56.24 -70.66 -26.05
C ASN B 338 56.23 -69.68 -24.87
N GLU B 339 55.94 -70.17 -23.69
CA GLU B 339 55.87 -69.34 -22.49
C GLU B 339 57.19 -68.63 -22.18
N TYR B 340 58.23 -68.91 -22.96
CA TYR B 340 59.53 -68.28 -22.73
C TYR B 340 59.93 -67.44 -23.94
N LEU B 341 58.93 -66.89 -24.61
CA LEU B 341 59.17 -66.06 -25.79
C LEU B 341 60.09 -66.75 -26.80
N GLN B 342 60.23 -68.06 -26.66
CA GLN B 342 61.05 -68.85 -27.56
C GLN B 342 60.29 -69.27 -28.82
N THR B 343 60.92 -69.09 -29.96
CA THR B 343 60.30 -69.45 -31.24
C THR B 343 60.66 -70.91 -31.54
N SER B 344 60.10 -71.44 -32.62
CA SER B 344 60.38 -72.81 -33.02
C SER B 344 61.89 -72.98 -33.15
N VAL B 345 62.56 -71.92 -33.57
CA VAL B 345 64.01 -71.92 -33.74
C VAL B 345 64.72 -71.66 -32.40
N PRO B 346 65.77 -72.42 -32.10
CA PRO B 346 66.47 -72.21 -30.82
C PRO B 346 67.34 -70.96 -30.78
N ASN B 347 67.52 -70.37 -29.61
CA ASN B 347 68.33 -69.18 -29.47
C ASN B 347 67.67 -67.99 -30.15
N VAL B 348 66.40 -68.16 -30.53
CA VAL B 348 65.65 -67.11 -31.19
C VAL B 348 64.34 -66.79 -30.47
N TYR B 349 64.20 -65.54 -30.03
CA TYR B 349 63.02 -65.09 -29.33
C TYR B 349 62.27 -64.02 -30.11
N ALA B 350 60.95 -64.03 -29.99
CA ALA B 350 60.09 -63.04 -30.64
C ALA B 350 59.44 -62.33 -29.45
N VAL B 351 59.10 -61.06 -29.59
CA VAL B 351 58.51 -60.33 -28.47
C VAL B 351 57.49 -59.21 -28.76
N GLY B 352 57.65 -58.50 -29.86
CA GLY B 352 56.74 -57.39 -30.12
C GLY B 352 55.29 -57.72 -30.44
N ASP B 353 54.72 -56.93 -31.35
CA ASP B 353 53.37 -57.15 -31.83
C ASP B 353 53.60 -58.36 -32.71
N LEU B 354 54.89 -58.65 -32.92
CA LEU B 354 55.35 -59.76 -33.73
C LEU B 354 54.71 -61.05 -33.27
N ILE B 355 54.42 -61.13 -31.98
CA ILE B 355 53.78 -62.30 -31.40
C ILE B 355 52.28 -62.10 -31.32
N GLY B 356 51.77 -61.14 -32.07
CA GLY B 356 50.34 -60.91 -32.05
C GLY B 356 49.79 -60.22 -30.81
N GLY B 357 48.52 -60.47 -30.53
CA GLY B 357 47.89 -59.85 -29.38
C GLY B 357 48.27 -60.38 -28.00
N PRO B 358 48.09 -59.54 -26.96
CA PRO B 358 47.62 -58.18 -27.15
C PRO B 358 48.78 -57.33 -27.71
N MET B 359 48.48 -56.40 -28.62
CA MET B 359 49.55 -55.55 -29.17
C MET B 359 49.53 -54.20 -28.48
N GLU B 360 50.04 -54.19 -27.25
CA GLU B 360 50.11 -53.00 -26.42
C GLU B 360 51.55 -52.79 -25.96
N MET B 361 51.82 -51.61 -25.44
CA MET B 361 53.15 -51.27 -24.97
C MET B 361 53.62 -52.19 -23.84
N PHE B 362 52.75 -52.44 -22.87
CA PHE B 362 53.13 -53.26 -21.74
C PHE B 362 53.58 -54.65 -22.15
N LYS B 363 52.90 -55.24 -23.12
CA LYS B 363 53.27 -56.57 -23.57
C LYS B 363 54.65 -56.45 -24.23
N ALA B 364 54.75 -55.55 -25.20
CA ALA B 364 55.99 -55.34 -25.93
C ALA B 364 57.13 -55.06 -24.97
N ARG B 365 56.87 -54.28 -23.93
CA ARG B 365 57.94 -54.00 -22.97
C ARG B 365 58.21 -55.24 -22.09
N LYS B 366 57.18 -55.79 -21.47
CA LYS B 366 57.39 -56.98 -20.64
C LYS B 366 58.02 -58.14 -21.41
N SER B 367 57.44 -58.49 -22.55
CA SER B 367 57.95 -59.59 -23.36
C SER B 367 59.37 -59.27 -23.76
N GLY B 368 59.59 -58.01 -24.12
CA GLY B 368 60.91 -57.60 -24.53
C GLY B 368 61.83 -57.86 -23.39
N CYS B 369 61.42 -57.39 -22.21
CA CYS B 369 62.21 -57.55 -20.99
C CYS B 369 62.35 -58.99 -20.52
N TYR B 370 61.23 -59.71 -20.44
CA TYR B 370 61.21 -61.11 -20.03
C TYR B 370 62.11 -62.01 -20.86
N ALA B 371 62.09 -61.82 -22.18
CA ALA B 371 62.93 -62.60 -23.06
C ALA B 371 64.41 -62.40 -22.72
N ALA B 372 64.84 -61.14 -22.60
CA ALA B 372 66.23 -60.83 -22.26
C ALA B 372 66.65 -61.56 -20.99
N ARG B 373 65.77 -61.54 -20.00
CA ARG B 373 66.01 -62.23 -18.73
C ARG B 373 66.26 -63.72 -18.99
N ASN B 374 65.42 -64.32 -19.83
CA ASN B 374 65.56 -65.73 -20.15
C ASN B 374 66.90 -66.03 -20.79
N VAL B 375 67.34 -65.20 -21.75
CA VAL B 375 68.62 -65.47 -22.41
C VAL B 375 69.77 -65.38 -21.42
N MET B 376 69.57 -64.66 -20.33
CA MET B 376 70.62 -64.54 -19.32
C MET B 376 70.60 -65.76 -18.38
N GLY B 377 69.82 -66.77 -18.75
CA GLY B 377 69.76 -67.98 -17.95
C GLY B 377 68.49 -68.12 -17.14
N GLU B 378 67.77 -67.03 -16.95
CA GLU B 378 66.53 -67.12 -16.17
C GLU B 378 65.48 -67.94 -16.91
N LYS B 379 64.60 -68.56 -16.12
CA LYS B 379 63.51 -69.38 -16.64
C LYS B 379 62.18 -68.71 -16.29
N ILE B 380 61.99 -67.49 -16.80
CA ILE B 380 60.76 -66.76 -16.57
C ILE B 380 59.82 -67.02 -17.73
N SER B 381 58.57 -67.32 -17.39
CA SER B 381 57.56 -67.61 -18.38
C SER B 381 56.56 -66.48 -18.39
N TYR B 382 56.13 -66.08 -19.58
CA TYR B 382 55.18 -64.98 -19.71
C TYR B 382 54.02 -65.30 -20.67
N THR B 383 52.80 -65.15 -20.19
CA THR B 383 51.63 -65.41 -21.02
C THR B 383 50.55 -64.41 -20.67
N PRO B 384 50.58 -63.25 -21.33
CA PRO B 384 49.61 -62.19 -21.09
C PRO B 384 48.18 -62.65 -21.07
N LYS B 385 47.52 -62.43 -19.94
CA LYS B 385 46.13 -62.78 -19.75
C LYS B 385 45.66 -61.97 -18.53
N ASN B 386 44.38 -61.63 -18.51
CA ASN B 386 43.84 -60.82 -17.42
C ASN B 386 44.67 -59.56 -17.26
N TYR B 387 44.53 -58.63 -18.19
CA TYR B 387 45.25 -57.37 -18.13
C TYR B 387 44.26 -56.24 -18.33
N PRO B 388 44.59 -55.04 -17.84
CA PRO B 388 43.68 -53.92 -18.01
C PRO B 388 43.75 -53.48 -19.47
N ASP B 389 42.78 -52.69 -19.91
CA ASP B 389 42.80 -52.23 -21.29
C ASP B 389 42.07 -50.90 -21.42
N PHE B 390 42.11 -50.29 -22.59
CA PHE B 390 41.44 -49.01 -22.78
C PHE B 390 41.50 -48.60 -24.24
N LEU B 391 40.81 -47.51 -24.56
CA LEU B 391 40.76 -46.95 -25.91
C LEU B 391 39.96 -45.64 -25.87
N HIS B 392 40.30 -44.72 -26.77
CA HIS B 392 39.63 -43.42 -26.83
C HIS B 392 38.56 -43.31 -27.90
N THR B 393 37.71 -42.31 -27.70
CA THR B 393 36.64 -41.90 -28.61
C THR B 393 36.73 -40.41 -28.24
N HIS B 394 35.67 -39.84 -27.69
CA HIS B 394 35.75 -38.46 -27.23
C HIS B 394 35.87 -38.65 -25.73
N TYR B 395 35.73 -39.90 -25.33
CA TYR B 395 35.81 -40.31 -23.93
C TYR B 395 36.94 -41.29 -23.76
N GLU B 396 37.31 -41.52 -22.50
CA GLU B 396 38.33 -42.50 -22.18
C GLU B 396 37.53 -43.74 -21.80
N VAL B 397 37.86 -44.88 -22.38
CA VAL B 397 37.13 -46.09 -22.06
C VAL B 397 38.07 -47.13 -21.47
N SER B 398 37.89 -47.40 -20.18
CA SER B 398 38.71 -48.39 -19.49
C SER B 398 37.88 -49.57 -19.03
N PHE B 399 38.39 -50.77 -19.30
CA PHE B 399 37.71 -52.00 -18.91
C PHE B 399 38.73 -53.05 -18.55
N LEU B 400 38.31 -53.99 -17.71
CA LEU B 400 39.18 -55.07 -17.29
C LEU B 400 38.29 -56.21 -16.77
N GLY B 401 38.77 -57.44 -16.98
CA GLY B 401 38.04 -58.60 -16.55
C GLY B 401 36.78 -58.82 -17.34
N MET B 402 35.85 -59.54 -16.75
CA MET B 402 34.59 -59.86 -17.41
C MET B 402 33.57 -58.75 -17.45
N GLY B 403 32.79 -58.76 -18.54
CA GLY B 403 31.71 -57.81 -18.69
C GLY B 403 30.54 -58.50 -18.01
N GLU B 404 29.44 -57.78 -17.81
CA GLU B 404 28.30 -58.39 -17.16
C GLU B 404 27.90 -59.68 -17.86
N GLU B 405 27.31 -59.54 -19.05
CA GLU B 405 26.89 -60.68 -19.84
C GLU B 405 27.92 -61.82 -19.79
N GLU B 406 29.18 -61.45 -19.88
CA GLU B 406 30.30 -62.39 -19.87
C GLU B 406 30.41 -63.23 -18.59
N ALA B 407 30.21 -62.60 -17.45
CA ALA B 407 30.30 -63.30 -16.18
C ALA B 407 29.26 -64.39 -16.10
N ARG B 408 28.03 -64.06 -16.51
CA ARG B 408 26.92 -65.02 -16.47
C ARG B 408 27.23 -66.26 -17.30
N ALA B 409 27.70 -66.02 -18.52
CA ALA B 409 28.03 -67.09 -19.44
C ALA B 409 29.12 -67.98 -18.88
N ALA B 410 29.81 -67.48 -17.87
CA ALA B 410 30.90 -68.24 -17.23
C ALA B 410 30.37 -68.95 -15.99
N GLY B 411 29.06 -68.90 -15.80
CA GLY B 411 28.47 -69.56 -14.66
C GLY B 411 28.25 -68.72 -13.42
N HIS B 412 28.96 -67.61 -13.30
CA HIS B 412 28.81 -66.78 -12.11
C HIS B 412 27.39 -66.22 -12.02
N GLU B 413 26.92 -66.05 -10.79
CA GLU B 413 25.61 -65.46 -10.51
C GLU B 413 25.98 -64.06 -9.98
N ILE B 414 26.02 -63.10 -10.90
CA ILE B 414 26.43 -61.75 -10.58
C ILE B 414 25.41 -60.75 -10.03
N VAL B 415 25.97 -59.65 -9.56
CA VAL B 415 25.22 -58.51 -9.03
C VAL B 415 26.02 -57.37 -9.65
N THR B 416 25.43 -56.19 -9.80
CA THR B 416 26.20 -55.13 -10.44
C THR B 416 25.99 -53.70 -9.92
N ILE B 417 27.07 -53.11 -9.39
CA ILE B 417 27.00 -51.74 -8.89
C ILE B 417 27.51 -50.78 -9.98
N LYS B 418 26.68 -49.79 -10.34
CA LYS B 418 27.06 -48.86 -11.40
C LYS B 418 26.54 -47.41 -11.29
N MET B 419 27.12 -46.55 -12.14
CA MET B 419 26.74 -45.15 -12.21
C MET B 419 26.51 -44.77 -13.68
N PRO B 420 25.47 -43.96 -13.97
CA PRO B 420 24.55 -43.44 -12.96
C PRO B 420 23.65 -44.57 -12.42
N PRO B 421 22.89 -44.28 -11.36
CA PRO B 421 22.00 -45.31 -10.81
C PRO B 421 20.66 -45.39 -11.52
N ASP B 422 19.95 -46.49 -11.27
CA ASP B 422 18.64 -46.71 -11.85
C ASP B 422 17.66 -45.70 -11.27
N THR B 423 17.11 -44.87 -12.16
CA THR B 423 16.15 -43.83 -11.79
C THR B 423 15.34 -43.50 -13.04
N GLU B 424 14.19 -42.86 -12.85
CA GLU B 424 13.33 -42.48 -13.97
C GLU B 424 14.01 -41.44 -14.88
N ASN B 425 15.13 -40.89 -14.41
CA ASN B 425 15.86 -39.90 -15.19
C ASN B 425 17.02 -40.54 -15.93
N GLY B 426 17.07 -41.86 -15.90
CA GLY B 426 18.11 -42.59 -16.60
C GLY B 426 19.48 -41.97 -16.50
N LEU B 427 20.06 -41.66 -17.65
CA LEU B 427 21.39 -41.06 -17.73
C LEU B 427 21.38 -39.55 -17.54
N ASN B 428 20.26 -38.91 -17.86
CA ASN B 428 20.12 -37.46 -17.73
C ASN B 428 20.17 -36.95 -16.28
N VAL B 429 21.25 -37.25 -15.57
CA VAL B 429 21.41 -36.84 -14.18
C VAL B 429 22.86 -36.42 -14.01
N ALA B 430 23.11 -35.54 -13.04
CA ALA B 430 24.47 -35.07 -12.79
C ALA B 430 25.31 -36.16 -12.11
N LEU B 431 25.09 -37.40 -12.53
CA LEU B 431 25.82 -38.55 -12.05
C LEU B 431 26.14 -39.41 -13.27
N PRO B 432 27.33 -40.00 -13.32
CA PRO B 432 28.38 -39.83 -12.31
C PRO B 432 29.17 -38.59 -12.74
N ALA B 433 30.05 -38.11 -11.87
CA ALA B 433 30.84 -36.95 -12.21
C ALA B 433 32.16 -36.97 -11.45
N SER B 434 33.12 -36.21 -11.95
CA SER B 434 34.41 -36.10 -11.33
C SER B 434 35.19 -35.17 -12.22
N ASP B 435 36.51 -35.29 -12.27
CA ASP B 435 37.27 -34.37 -13.09
C ASP B 435 36.97 -34.45 -14.58
N ARG B 436 36.84 -33.28 -15.21
CA ARG B 436 36.57 -33.19 -16.65
C ARG B 436 35.19 -33.66 -17.14
N THR B 437 34.23 -33.83 -16.22
CA THR B 437 32.89 -34.25 -16.58
C THR B 437 31.94 -33.41 -15.76
N MET B 438 32.48 -32.46 -15.00
CA MET B 438 31.65 -31.59 -14.17
C MET B 438 30.71 -30.72 -15.03
N LEU B 439 31.25 -30.12 -16.08
CA LEU B 439 30.45 -29.28 -16.98
C LEU B 439 29.32 -30.08 -17.62
N TYR B 440 29.66 -31.25 -18.16
CA TYR B 440 28.66 -32.11 -18.80
C TYR B 440 27.58 -32.42 -17.78
N ALA B 441 28.03 -32.71 -16.55
CA ALA B 441 27.15 -33.04 -15.45
C ALA B 441 26.16 -31.94 -15.11
N PHE B 442 26.64 -30.69 -15.09
CA PHE B 442 25.79 -29.56 -14.75
C PHE B 442 25.26 -28.73 -15.93
N GLY B 443 25.65 -29.09 -17.15
CA GLY B 443 25.17 -28.36 -18.31
C GLY B 443 23.69 -28.60 -18.55
N LYS B 444 23.05 -27.77 -19.37
CA LYS B 444 21.63 -27.96 -19.66
C LYS B 444 21.48 -29.06 -20.70
N GLY B 445 20.97 -30.21 -20.29
CA GLY B 445 20.77 -31.30 -21.22
C GLY B 445 22.06 -32.01 -21.63
N THR B 446 23.09 -31.95 -20.79
CA THR B 446 24.33 -32.62 -21.13
C THR B 446 24.68 -33.69 -20.10
N ALA B 447 23.93 -33.71 -19.00
CA ALA B 447 24.12 -34.67 -17.93
C ALA B 447 24.36 -36.09 -18.44
N HIS B 448 23.59 -36.50 -19.45
CA HIS B 448 23.73 -37.86 -20.00
C HIS B 448 25.15 -38.09 -20.49
N MET B 449 25.96 -37.03 -20.49
CA MET B 449 27.35 -37.14 -20.91
C MET B 449 28.27 -37.19 -19.67
N SER B 450 27.69 -37.06 -18.48
CA SER B 450 28.47 -37.08 -17.24
C SER B 450 29.35 -38.32 -17.19
N GLY B 451 29.00 -39.34 -17.98
CA GLY B 451 29.80 -40.56 -18.04
C GLY B 451 29.08 -41.84 -17.65
N PHE B 452 29.79 -42.97 -17.76
CA PHE B 452 29.21 -44.26 -17.41
C PHE B 452 30.24 -45.18 -16.78
N GLN B 453 29.84 -46.00 -15.82
CA GLN B 453 30.79 -46.93 -15.18
C GLN B 453 30.09 -48.08 -14.45
N LYS B 454 30.69 -49.26 -14.54
CA LYS B 454 30.11 -50.43 -13.91
C LYS B 454 31.15 -51.36 -13.32
N ILE B 455 30.73 -52.17 -12.36
CA ILE B 455 31.59 -53.17 -11.73
C ILE B 455 30.77 -54.46 -11.66
N VAL B 456 31.41 -55.56 -11.94
CA VAL B 456 30.73 -56.86 -11.90
C VAL B 456 31.22 -57.66 -10.70
N ILE B 457 30.29 -58.01 -9.84
CA ILE B 457 30.60 -58.75 -8.62
C ILE B 457 29.83 -60.07 -8.59
N ASP B 458 30.47 -61.04 -8.01
CA ASP B 458 29.94 -62.39 -7.89
C ASP B 458 29.21 -62.56 -6.55
N ALA B 459 27.91 -62.78 -6.64
CA ALA B 459 27.11 -63.08 -5.45
C ALA B 459 27.67 -64.41 -4.91
N LYS B 460 27.96 -64.44 -3.61
CA LYS B 460 28.60 -65.60 -2.92
C LYS B 460 30.07 -65.70 -3.33
N THR B 461 30.90 -65.13 -2.46
CA THR B 461 32.35 -65.04 -2.67
C THR B 461 32.68 -63.58 -3.01
N ARG B 462 31.61 -62.90 -3.36
CA ARG B 462 31.58 -61.47 -3.70
C ARG B 462 32.90 -60.95 -4.29
N LYS B 463 33.66 -61.82 -4.97
CA LYS B 463 34.95 -61.39 -5.59
C LYS B 463 34.65 -60.57 -6.86
N VAL B 464 35.54 -59.64 -7.17
CA VAL B 464 35.35 -58.85 -8.37
C VAL B 464 35.81 -59.59 -9.59
N LEU B 465 34.92 -59.50 -10.52
CA LEU B 465 35.04 -60.10 -11.80
C LEU B 465 35.44 -59.05 -12.84
N GLY B 466 34.90 -57.83 -12.79
CA GLY B 466 35.28 -56.84 -13.84
C GLY B 466 34.83 -55.41 -13.56
N ALA B 467 35.66 -54.49 -14.05
CA ALA B 467 35.43 -53.03 -13.92
C ALA B 467 35.32 -52.40 -15.32
N HIS B 468 34.36 -51.49 -15.46
CA HIS B 468 34.12 -50.78 -16.73
C HIS B 468 33.82 -49.31 -16.44
N HIS B 469 34.49 -48.44 -17.20
CA HIS B 469 34.34 -47.00 -16.97
C HIS B 469 34.52 -46.15 -18.21
N VAL B 470 33.63 -45.19 -18.37
CA VAL B 470 33.66 -44.27 -19.51
C VAL B 470 33.64 -42.87 -18.93
N GLY B 471 34.68 -42.10 -19.22
CA GLY B 471 34.81 -40.73 -18.75
C GLY B 471 36.26 -40.35 -18.91
N TYR B 472 36.88 -39.86 -17.84
CA TYR B 472 38.28 -39.50 -17.89
C TYR B 472 38.89 -39.69 -16.53
N GLY B 473 40.21 -39.83 -16.51
CA GLY B 473 40.92 -39.98 -15.26
C GLY B 473 40.61 -41.29 -14.56
N ALA B 474 40.53 -42.38 -15.32
CA ALA B 474 40.25 -43.68 -14.76
C ALA B 474 41.25 -44.69 -15.31
N LYS B 475 41.74 -44.41 -16.51
CA LYS B 475 42.67 -45.31 -17.15
C LYS B 475 43.78 -45.73 -16.20
N ASP B 476 44.57 -44.74 -15.80
CA ASP B 476 45.71 -44.96 -14.91
C ASP B 476 45.34 -45.74 -13.67
N ALA B 477 44.11 -45.57 -13.19
CA ALA B 477 43.64 -46.28 -11.99
C ALA B 477 43.50 -47.78 -12.28
N PHE B 478 42.92 -48.10 -13.42
CA PHE B 478 42.74 -49.48 -13.81
C PHE B 478 44.03 -50.31 -13.80
N GLN B 479 45.19 -49.65 -13.96
CA GLN B 479 46.46 -50.38 -13.94
C GLN B 479 46.61 -51.05 -12.58
N TYR B 480 46.32 -50.28 -11.54
CA TYR B 480 46.44 -50.73 -10.17
C TYR B 480 45.18 -51.47 -9.70
N LEU B 481 44.01 -51.02 -10.11
CA LEU B 481 42.76 -51.68 -9.74
C LEU B 481 42.77 -53.11 -10.23
N ASN B 482 43.38 -53.33 -11.39
CA ASN B 482 43.45 -54.66 -11.93
C ASN B 482 44.34 -55.52 -11.05
N VAL B 483 45.50 -55.00 -10.65
CA VAL B 483 46.40 -55.76 -9.79
C VAL B 483 45.70 -56.28 -8.53
N LEU B 484 44.85 -55.44 -7.93
CA LEU B 484 44.13 -55.84 -6.74
C LEU B 484 43.01 -56.84 -7.06
N ILE B 485 42.34 -56.62 -8.19
CA ILE B 485 41.28 -57.53 -8.57
C ILE B 485 41.88 -58.94 -8.79
N LYS B 486 43.12 -59.01 -9.27
CA LYS B 486 43.76 -60.30 -9.51
C LYS B 486 44.17 -60.97 -8.20
N GLN B 487 44.35 -60.19 -7.14
CA GLN B 487 44.73 -60.77 -5.86
C GLN B 487 43.52 -61.44 -5.24
N GLY B 488 42.35 -61.11 -5.79
CA GLY B 488 41.10 -61.63 -5.28
C GLY B 488 40.49 -60.53 -4.43
N LEU B 489 39.89 -59.55 -5.10
CA LEU B 489 39.29 -58.42 -4.40
C LEU B 489 37.81 -58.67 -4.16
N THR B 490 37.38 -58.46 -2.91
CA THR B 490 35.99 -58.64 -2.55
C THR B 490 35.32 -57.27 -2.45
N VAL B 491 34.02 -57.22 -2.73
CA VAL B 491 33.28 -55.96 -2.68
C VAL B 491 33.47 -55.35 -1.29
N ASP B 492 33.87 -56.17 -0.32
CA ASP B 492 34.08 -55.69 1.05
C ASP B 492 35.42 -54.95 1.13
N GLU B 493 36.50 -55.62 0.71
CA GLU B 493 37.85 -55.07 0.73
C GLU B 493 37.96 -53.81 -0.14
N LEU B 494 37.07 -53.68 -1.10
CA LEU B 494 37.07 -52.53 -1.99
C LEU B 494 36.38 -51.36 -1.32
N GLY B 495 35.29 -51.63 -0.64
CA GLY B 495 34.59 -50.55 0.03
C GLY B 495 35.44 -49.96 1.13
N ASP B 496 36.42 -50.75 1.59
CA ASP B 496 37.31 -50.34 2.67
C ASP B 496 38.45 -49.40 2.32
N MET B 497 38.72 -49.23 1.04
CA MET B 497 39.81 -48.37 0.62
C MET B 497 39.48 -46.90 0.85
N ASP B 498 40.47 -46.04 0.69
CA ASP B 498 40.25 -44.60 0.89
C ASP B 498 40.03 -43.92 -0.47
N GLU B 499 38.83 -43.41 -0.70
CA GLU B 499 38.55 -42.77 -1.97
C GLU B 499 38.90 -41.27 -1.99
N LEU B 500 39.09 -40.74 -3.19
CA LEU B 500 39.39 -39.34 -3.36
C LEU B 500 38.26 -38.76 -4.18
N PHE B 501 37.17 -38.42 -3.49
CA PHE B 501 35.98 -37.86 -4.11
C PHE B 501 36.33 -36.47 -4.59
N LEU B 502 35.82 -36.05 -5.77
CA LEU B 502 34.98 -36.88 -6.63
C LEU B 502 35.97 -37.75 -7.38
N ASN B 503 35.76 -39.05 -7.37
CA ASN B 503 36.67 -39.95 -8.06
C ASN B 503 36.12 -40.44 -9.40
N PRO B 504 36.94 -40.40 -10.45
CA PRO B 504 36.52 -40.87 -11.77
C PRO B 504 35.72 -42.16 -11.64
N THR B 505 36.22 -43.09 -10.81
CA THR B 505 35.54 -44.36 -10.53
C THR B 505 34.97 -44.24 -9.11
N HIS B 506 33.66 -44.38 -8.96
CA HIS B 506 33.03 -44.30 -7.65
C HIS B 506 32.87 -45.69 -7.03
N PHE B 507 33.73 -46.61 -7.45
CA PHE B 507 33.65 -47.97 -6.96
C PHE B 507 33.81 -48.12 -5.47
N ILE B 508 34.92 -47.61 -4.95
CA ILE B 508 35.19 -47.71 -3.51
C ILE B 508 33.96 -47.49 -2.60
N GLN B 509 33.45 -46.26 -2.55
CA GLN B 509 32.30 -45.91 -1.70
C GLN B 509 31.02 -46.70 -1.96
N LEU B 510 30.71 -46.98 -3.23
CA LEU B 510 29.51 -47.74 -3.58
C LEU B 510 29.58 -49.19 -3.04
N SER B 511 30.77 -49.77 -3.08
CA SER B 511 30.99 -51.14 -2.60
C SER B 511 30.93 -51.25 -1.06
N ARG B 512 31.33 -50.19 -0.38
CA ARG B 512 31.33 -50.13 1.08
C ARG B 512 29.87 -50.17 1.51
N LEU B 513 29.06 -49.46 0.75
CA LEU B 513 27.63 -49.36 1.00
C LEU B 513 26.90 -50.65 0.62
N ARG B 514 27.22 -51.19 -0.56
CA ARG B 514 26.60 -52.42 -1.05
C ARG B 514 27.03 -53.65 -0.27
N ALA B 515 28.30 -53.66 0.16
CA ALA B 515 28.86 -54.75 0.94
C ALA B 515 28.20 -54.86 2.32
N GLY B 516 27.66 -53.75 2.80
CA GLY B 516 27.01 -53.74 4.10
C GLY B 516 25.78 -54.63 4.14
N SER B 517 24.99 -54.57 3.07
CA SER B 517 23.77 -55.38 2.95
C SER B 517 24.07 -56.86 3.17
N LYS B 518 23.06 -57.61 3.62
CA LYS B 518 23.23 -59.03 3.85
C LYS B 518 23.42 -59.74 2.51
N ASN B 519 22.57 -59.41 1.54
CA ASN B 519 22.64 -60.00 0.19
C ASN B 519 22.96 -58.91 -0.83
N LEU B 520 24.09 -59.06 -1.53
CA LEU B 520 24.53 -58.08 -2.52
C LEU B 520 23.48 -57.63 -3.54
N VAL B 521 22.56 -58.52 -3.87
CA VAL B 521 21.52 -58.22 -4.85
C VAL B 521 20.93 -56.84 -4.62
N SER B 522 20.73 -56.08 -5.71
CA SER B 522 20.16 -54.75 -5.63
C SER B 522 20.07 -54.07 -7.00
N LEU B 523 21.20 -53.87 -7.65
CA LEU B 523 21.24 -53.24 -8.97
C LEU B 523 20.38 -51.96 -9.00
N LYS C 2 -73.91 8.55 -2.22
CA LYS C 2 -73.02 9.10 -3.29
C LYS C 2 -73.12 10.62 -3.42
N VAL C 3 -74.35 11.13 -3.55
CA VAL C 3 -74.56 12.57 -3.66
C VAL C 3 -75.43 13.11 -2.51
N TRP C 4 -74.84 13.96 -1.68
CA TRP C 4 -75.55 14.53 -0.56
C TRP C 4 -76.02 15.95 -0.80
N ASN C 5 -77.31 16.17 -0.81
CA ASN C 5 -77.82 17.52 -1.03
C ASN C 5 -77.79 18.28 0.29
N ALA C 6 -76.63 18.90 0.56
CA ALA C 6 -76.43 19.66 1.79
C ALA C 6 -77.18 20.99 1.80
N ARG C 7 -77.59 21.45 0.62
CA ARG C 7 -78.28 22.73 0.48
C ARG C 7 -79.07 23.12 1.71
N ASN C 8 -80.04 22.29 2.07
CA ASN C 8 -80.88 22.54 3.23
C ASN C 8 -80.53 21.69 4.44
N ASP C 9 -79.35 21.90 5.00
CA ASP C 9 -78.95 21.15 6.18
C ASP C 9 -78.35 22.02 7.28
N HIS C 10 -77.70 23.11 6.91
CA HIS C 10 -77.13 24.03 7.90
C HIS C 10 -76.44 23.29 9.06
N LEU C 11 -75.28 22.70 8.78
CA LEU C 11 -74.52 21.99 9.80
C LEU C 11 -73.79 22.98 10.69
N THR C 12 -73.35 22.50 11.85
CA THR C 12 -72.61 23.32 12.78
C THR C 12 -71.14 23.26 12.39
N ILE C 13 -70.40 24.32 12.69
CA ILE C 13 -68.98 24.37 12.39
C ILE C 13 -68.36 23.04 12.81
N ASN C 14 -68.71 22.61 14.02
CA ASN C 14 -68.24 21.36 14.61
C ASN C 14 -68.71 20.20 13.76
N GLN C 15 -70.00 20.19 13.44
CA GLN C 15 -70.57 19.14 12.62
C GLN C 15 -69.82 19.09 11.31
N TRP C 16 -69.57 20.25 10.72
CA TRP C 16 -68.83 20.30 9.47
C TRP C 16 -67.49 19.63 9.64
N ALA C 17 -66.79 19.98 10.70
CA ALA C 17 -65.48 19.42 10.98
C ALA C 17 -65.51 17.90 11.15
N THR C 18 -66.52 17.38 11.86
CA THR C 18 -66.64 15.94 12.07
C THR C 18 -67.02 15.23 10.78
N ARG C 19 -67.85 15.89 9.98
CA ARG C 19 -68.33 15.38 8.70
C ARG C 19 -67.21 15.37 7.68
N ILE C 20 -66.39 16.43 7.72
CA ILE C 20 -65.27 16.55 6.82
C ILE C 20 -64.31 15.43 7.18
N ASP C 21 -64.10 15.21 8.46
CA ASP C 21 -63.20 14.15 8.88
C ASP C 21 -63.70 12.80 8.40
N GLU C 22 -65.00 12.56 8.53
CA GLU C 22 -65.55 11.27 8.10
C GLU C 22 -65.37 11.08 6.60
N ILE C 23 -65.73 12.10 5.83
CA ILE C 23 -65.58 12.01 4.37
C ILE C 23 -64.13 11.81 3.96
N LEU C 24 -63.26 12.58 4.61
CA LEU C 24 -61.84 12.56 4.37
C LEU C 24 -61.20 11.20 4.64
N GLU C 25 -61.76 10.46 5.59
CA GLU C 25 -61.22 9.16 5.97
C GLU C 25 -62.02 7.99 5.40
N ALA C 26 -63.19 8.29 4.87
CA ALA C 26 -64.05 7.26 4.27
C ALA C 26 -63.21 6.52 3.23
N PRO C 27 -63.30 5.17 3.20
CA PRO C 27 -62.54 4.34 2.26
C PRO C 27 -62.91 4.47 0.78
N ASP C 28 -64.18 4.78 0.51
CA ASP C 28 -64.68 4.92 -0.86
C ASP C 28 -64.64 6.35 -1.39
N GLY C 29 -64.05 7.27 -0.62
CA GLY C 29 -63.97 8.66 -1.06
C GLY C 29 -65.04 9.54 -0.46
N GLY C 30 -66.00 8.92 0.23
CA GLY C 30 -67.07 9.66 0.86
C GLY C 30 -68.13 10.12 -0.12
N GLU C 31 -69.15 10.80 0.40
CA GLU C 31 -70.23 11.31 -0.42
C GLU C 31 -69.84 12.66 -1.00
N VAL C 32 -70.70 13.19 -1.87
CA VAL C 32 -70.46 14.47 -2.52
C VAL C 32 -71.27 15.57 -1.87
N ILE C 33 -70.58 16.58 -1.35
CA ILE C 33 -71.27 17.69 -0.74
C ILE C 33 -71.84 18.50 -1.90
N TYR C 34 -73.16 18.51 -1.99
CA TYR C 34 -73.85 19.24 -3.04
C TYR C 34 -74.62 20.42 -2.43
N ASN C 35 -74.09 21.62 -2.63
CA ASN C 35 -74.68 22.84 -2.08
C ASN C 35 -74.91 23.92 -3.14
N VAL C 36 -76.04 23.84 -3.83
CA VAL C 36 -76.36 24.82 -4.87
C VAL C 36 -77.77 25.41 -4.68
N ASP C 37 -77.87 26.72 -4.79
CA ASP C 37 -79.16 27.38 -4.65
C ASP C 37 -79.99 27.06 -5.89
N GLU C 38 -80.97 26.16 -5.74
CA GLU C 38 -81.80 25.76 -6.88
C GLU C 38 -83.09 26.54 -7.03
N ASN C 39 -83.06 27.80 -6.64
CA ASN C 39 -84.22 28.66 -6.74
C ASN C 39 -83.84 29.91 -7.51
N ASP C 40 -82.53 30.13 -7.60
CA ASP C 40 -81.98 31.26 -8.29
C ASP C 40 -82.17 31.03 -9.79
N PRO C 41 -82.61 32.08 -10.52
CA PRO C 41 -82.85 32.02 -11.98
C PRO C 41 -81.63 32.42 -12.82
N ARG C 42 -80.91 33.44 -12.39
CA ARG C 42 -79.74 33.92 -13.11
C ARG C 42 -78.69 32.81 -13.33
N GLU C 43 -77.94 32.92 -14.42
CA GLU C 43 -76.90 31.96 -14.79
C GLU C 43 -75.59 32.25 -14.06
N TYR C 44 -74.72 31.25 -13.95
CA TYR C 44 -73.45 31.46 -13.25
C TYR C 44 -72.53 32.44 -13.98
N ASP C 45 -72.16 33.52 -13.31
CA ASP C 45 -71.27 34.52 -13.88
C ASP C 45 -69.92 33.88 -14.09
N ALA C 46 -69.65 32.86 -13.27
CA ALA C 46 -68.41 32.11 -13.33
C ALA C 46 -68.49 30.88 -12.43
N ILE C 47 -67.80 29.83 -12.86
CA ILE C 47 -67.74 28.62 -12.06
C ILE C 47 -66.26 28.49 -11.69
N PHE C 48 -65.98 28.25 -10.42
CA PHE C 48 -64.59 28.12 -10.00
C PHE C 48 -64.13 26.68 -9.91
N ILE C 49 -63.25 26.29 -10.82
CA ILE C 49 -62.69 24.96 -10.83
C ILE C 49 -61.63 25.00 -9.74
N GLY C 50 -62.01 24.60 -8.54
CA GLY C 50 -61.09 24.61 -7.41
C GLY C 50 -61.52 25.66 -6.40
N GLY C 51 -61.77 25.22 -5.16
CA GLY C 51 -62.21 26.14 -4.14
C GLY C 51 -61.15 26.42 -3.09
N GLY C 52 -59.90 26.51 -3.53
CA GLY C 52 -58.80 26.79 -2.63
C GLY C 52 -58.64 28.28 -2.39
N ALA C 53 -57.42 28.72 -2.11
CA ALA C 53 -57.12 30.13 -1.84
C ALA C 53 -57.74 31.04 -2.89
N ALA C 54 -57.34 30.87 -4.15
CA ALA C 54 -57.86 31.68 -5.25
C ALA C 54 -59.36 31.47 -5.42
N GLY C 55 -59.78 30.20 -5.51
CA GLY C 55 -61.20 29.89 -5.68
C GLY C 55 -62.14 30.38 -4.59
N ARG C 56 -61.85 30.01 -3.35
CA ARG C 56 -62.70 30.42 -2.23
C ARG C 56 -62.79 31.93 -2.20
N PHE C 57 -61.64 32.58 -2.35
CA PHE C 57 -61.58 34.03 -2.31
C PHE C 57 -62.35 34.67 -3.46
N GLY C 58 -62.02 34.27 -4.69
CA GLY C 58 -62.70 34.82 -5.85
C GLY C 58 -64.20 34.71 -5.71
N SER C 59 -64.68 33.51 -5.36
CA SER C 59 -66.11 33.28 -5.20
C SER C 59 -66.68 34.27 -4.19
N ALA C 60 -66.05 34.32 -3.03
CA ALA C 60 -66.49 35.23 -1.99
C ALA C 60 -66.67 36.60 -2.58
N TYR C 61 -65.61 37.15 -3.17
CA TYR C 61 -65.63 38.49 -3.76
C TYR C 61 -66.71 38.66 -4.84
N LEU C 62 -66.73 37.74 -5.80
CA LEU C 62 -67.71 37.79 -6.85
C LEU C 62 -69.12 37.77 -6.26
N ARG C 63 -69.34 36.88 -5.30
CA ARG C 63 -70.64 36.79 -4.65
C ARG C 63 -71.01 38.14 -4.07
N ALA C 64 -70.03 38.78 -3.43
CA ALA C 64 -70.20 40.08 -2.79
C ALA C 64 -70.51 41.20 -3.78
N MET C 65 -70.17 40.99 -5.04
CA MET C 65 -70.43 41.99 -6.08
C MET C 65 -71.80 41.83 -6.69
N GLY C 66 -72.54 40.82 -6.24
CA GLY C 66 -73.87 40.61 -6.74
C GLY C 66 -73.97 39.46 -7.71
N GLY C 67 -72.81 38.95 -8.13
CA GLY C 67 -72.77 37.85 -9.07
C GLY C 67 -73.07 36.51 -8.45
N ARG C 68 -73.39 35.54 -9.30
CA ARG C 68 -73.69 34.18 -8.88
C ARG C 68 -72.44 33.37 -9.21
N GLN C 69 -72.05 32.47 -8.29
CA GLN C 69 -70.87 31.64 -8.51
C GLN C 69 -71.08 30.18 -8.12
N LEU C 70 -70.11 29.34 -8.49
CA LEU C 70 -70.15 27.91 -8.17
C LEU C 70 -68.75 27.33 -8.04
N ILE C 71 -68.45 26.78 -6.86
CA ILE C 71 -67.15 26.17 -6.60
C ILE C 71 -67.25 24.66 -6.77
N VAL C 72 -66.17 24.03 -7.20
CA VAL C 72 -66.12 22.58 -7.35
C VAL C 72 -64.73 22.13 -6.89
N ASP C 73 -64.68 21.22 -5.92
CA ASP C 73 -63.41 20.75 -5.38
C ASP C 73 -63.36 19.25 -5.08
N ARG C 74 -62.23 18.61 -5.35
CA ARG C 74 -62.08 17.18 -5.06
C ARG C 74 -62.13 16.99 -3.55
N TRP C 75 -61.65 18.00 -2.82
CA TRP C 75 -61.65 17.96 -1.35
C TRP C 75 -63.04 18.32 -0.84
N PRO C 76 -63.42 17.76 0.32
CA PRO C 76 -64.74 18.03 0.94
C PRO C 76 -64.78 19.36 1.74
N PHE C 77 -63.79 20.22 1.49
CA PHE C 77 -63.70 21.50 2.17
C PHE C 77 -63.10 22.55 1.25
N LEU C 78 -63.37 23.80 1.57
CA LEU C 78 -62.84 24.91 0.80
C LEU C 78 -61.53 25.31 1.49
N GLY C 79 -60.65 26.02 0.78
CA GLY C 79 -59.42 26.45 1.42
C GLY C 79 -58.09 26.10 0.76
N GLY C 80 -58.07 25.02 -0.02
CA GLY C 80 -56.86 24.64 -0.71
C GLY C 80 -55.77 23.98 0.12
N SER C 81 -54.57 23.92 -0.43
CA SER C 81 -53.44 23.27 0.25
C SER C 81 -52.99 23.87 1.58
N CYS C 82 -52.91 25.19 1.62
CA CYS C 82 -52.46 25.94 2.79
C CYS C 82 -52.95 25.48 4.18
N PRO C 83 -54.26 25.25 4.33
CA PRO C 83 -54.76 24.81 5.64
C PRO C 83 -54.88 23.28 5.82
N HIS C 84 -54.35 22.52 4.87
CA HIS C 84 -54.44 21.06 4.93
C HIS C 84 -53.09 20.37 4.80
N ASN C 85 -52.20 20.90 3.98
CA ASN C 85 -50.88 20.31 3.83
C ASN C 85 -49.85 21.32 3.39
N ALA C 86 -50.24 22.59 3.36
CA ALA C 86 -49.32 23.62 2.92
C ALA C 86 -48.76 24.55 4.00
N CYS C 87 -49.07 25.83 3.89
CA CYS C 87 -48.57 26.83 4.80
C CYS C 87 -48.69 26.47 6.26
N VAL C 88 -49.93 26.33 6.71
CA VAL C 88 -50.25 26.01 8.09
C VAL C 88 -49.38 24.92 8.72
N PRO C 89 -49.49 23.65 8.24
CA PRO C 89 -48.67 22.58 8.81
C PRO C 89 -47.19 22.87 8.68
N HIS C 90 -46.85 23.73 7.72
CA HIS C 90 -45.47 24.10 7.47
C HIS C 90 -45.00 25.10 8.52
N HIS C 91 -45.93 25.94 8.97
CA HIS C 91 -45.64 26.93 10.00
C HIS C 91 -45.45 26.23 11.35
N LEU C 92 -46.34 25.28 11.63
CA LEU C 92 -46.29 24.51 12.86
C LEU C 92 -44.93 23.84 12.99
N PHE C 93 -44.41 23.35 11.87
CA PHE C 93 -43.12 22.69 11.90
C PHE C 93 -42.04 23.72 12.14
N SER C 94 -42.23 24.91 11.57
CA SER C 94 -41.28 26.00 11.70
C SER C 94 -41.16 26.45 13.15
N ASP C 95 -42.30 26.65 13.80
CA ASP C 95 -42.32 27.04 15.21
C ASP C 95 -41.46 26.07 16.02
N CYS C 96 -41.68 24.77 15.78
CA CYS C 96 -40.93 23.73 16.48
C CYS C 96 -39.44 23.84 16.16
N ALA C 97 -39.15 24.17 14.91
CA ALA C 97 -37.76 24.32 14.47
C ALA C 97 -37.06 25.44 15.21
N ALA C 98 -37.79 26.54 15.41
CA ALA C 98 -37.26 27.71 16.10
C ALA C 98 -37.10 27.40 17.58
N GLU C 99 -38.14 26.79 18.16
CA GLU C 99 -38.12 26.41 19.56
C GLU C 99 -37.07 25.35 19.83
N LEU C 100 -37.00 24.32 18.99
CA LEU C 100 -36.01 23.27 19.21
C LEU C 100 -34.58 23.78 19.13
N MET C 101 -34.34 24.73 18.23
CA MET C 101 -33.01 25.31 18.11
C MET C 101 -32.68 25.98 19.44
N LEU C 102 -33.62 26.72 19.98
CA LEU C 102 -33.45 27.40 21.24
C LEU C 102 -33.14 26.37 22.35
N ALA C 103 -34.12 25.52 22.64
CA ALA C 103 -33.98 24.49 23.65
C ALA C 103 -32.68 23.72 23.52
N ARG C 104 -32.20 23.57 22.29
CA ARG C 104 -30.94 22.85 22.04
C ARG C 104 -29.73 23.72 22.32
N THR C 105 -29.86 25.03 22.05
CA THR C 105 -28.76 25.95 22.26
C THR C 105 -28.55 26.17 23.76
N PHE C 106 -29.60 25.94 24.54
CA PHE C 106 -29.46 26.09 25.97
C PHE C 106 -29.79 24.83 26.72
N SER C 107 -29.34 23.71 26.16
CA SER C 107 -29.56 22.40 26.73
C SER C 107 -29.13 22.37 28.20
N GLY C 108 -30.03 21.92 29.07
CA GLY C 108 -29.74 21.83 30.48
C GLY C 108 -29.91 23.16 31.21
N GLN C 109 -29.40 24.22 30.59
CA GLN C 109 -29.50 25.57 31.14
C GLN C 109 -30.91 26.07 31.42
N TYR C 110 -31.02 26.86 32.49
CA TYR C 110 -32.30 27.44 32.90
C TYR C 110 -33.42 26.39 32.96
N TRP C 111 -34.56 26.65 32.32
CA TRP C 111 -35.65 25.69 32.34
C TRP C 111 -35.60 24.78 31.12
N PHE C 112 -34.44 24.72 30.46
CA PHE C 112 -34.26 23.91 29.27
C PHE C 112 -33.66 22.55 29.55
N PRO C 113 -34.36 21.48 29.14
CA PRO C 113 -33.95 20.09 29.31
C PRO C 113 -32.74 19.76 28.46
N ASP C 114 -31.99 18.76 28.89
CA ASP C 114 -30.82 18.34 28.12
C ASP C 114 -31.32 17.75 26.81
N MET C 115 -30.88 18.30 25.68
CA MET C 115 -31.30 17.79 24.39
C MET C 115 -30.34 16.78 23.81
N THR C 116 -29.18 16.63 24.44
CA THR C 116 -28.17 15.68 23.98
C THR C 116 -28.84 14.32 23.79
N GLU C 117 -28.62 13.69 22.64
CA GLU C 117 -29.22 12.37 22.38
C GLU C 117 -30.74 12.40 22.19
N LYS C 118 -31.36 13.55 22.46
CA LYS C 118 -32.81 13.68 22.34
C LYS C 118 -33.29 13.91 20.90
N VAL C 119 -34.15 13.03 20.42
CA VAL C 119 -34.71 13.19 19.08
C VAL C 119 -36.21 13.31 19.31
N VAL C 120 -36.81 14.38 18.80
CA VAL C 120 -38.24 14.56 18.99
C VAL C 120 -39.02 13.72 17.99
N GLY C 121 -40.22 13.33 18.40
CA GLY C 121 -41.07 12.53 17.53
C GLY C 121 -41.71 13.41 16.46
N ILE C 122 -41.35 13.15 15.21
CA ILE C 122 -41.91 13.89 14.11
C ILE C 122 -43.38 13.52 13.98
N LYS C 123 -43.66 12.22 13.85
CA LYS C 123 -45.02 11.71 13.70
C LYS C 123 -46.01 12.38 14.65
N GLU C 124 -45.63 12.42 15.92
CA GLU C 124 -46.44 13.00 16.97
C GLU C 124 -46.90 14.46 16.69
N VAL C 125 -46.01 15.26 16.10
CA VAL C 125 -46.35 16.65 15.77
C VAL C 125 -47.22 16.73 14.51
N VAL C 126 -46.85 15.99 13.45
CA VAL C 126 -47.69 16.01 12.26
C VAL C 126 -49.02 15.34 12.60
N ASP C 127 -49.03 14.54 13.68
CA ASP C 127 -50.26 13.89 14.16
C ASP C 127 -51.13 14.97 14.83
N LEU C 128 -50.50 15.92 15.51
CA LEU C 128 -51.23 16.99 16.15
C LEU C 128 -51.94 17.81 15.09
N PHE C 129 -51.22 18.09 14.01
CA PHE C 129 -51.78 18.85 12.90
C PHE C 129 -53.07 18.19 12.40
N ARG C 130 -52.96 16.94 11.97
CA ARG C 130 -54.11 16.22 11.47
C ARG C 130 -55.27 16.28 12.45
N ALA C 131 -54.95 16.29 13.74
CA ALA C 131 -55.97 16.30 14.79
C ALA C 131 -56.84 17.53 14.88
N GLY C 132 -56.41 18.63 14.28
CA GLY C 132 -57.23 19.82 14.37
C GLY C 132 -57.42 20.58 13.07
N ARG C 133 -56.66 20.22 12.04
CA ARG C 133 -56.77 20.93 10.79
C ARG C 133 -58.21 21.03 10.27
N ASN C 134 -59.06 20.10 10.67
CA ASN C 134 -60.45 20.09 10.20
C ASN C 134 -61.34 21.16 10.82
N GLY C 135 -60.90 21.75 11.93
CA GLY C 135 -61.68 22.78 12.58
C GLY C 135 -61.83 23.95 11.62
N PRO C 136 -60.71 24.53 11.17
CA PRO C 136 -60.73 25.66 10.24
C PRO C 136 -61.56 25.33 8.98
N HIS C 137 -61.38 24.11 8.46
CA HIS C 137 -62.12 23.62 7.29
C HIS C 137 -63.61 23.77 7.56
N GLY C 138 -64.05 23.13 8.64
CA GLY C 138 -65.44 23.19 9.02
C GLY C 138 -65.93 24.63 9.11
N ILE C 139 -65.07 25.51 9.62
CA ILE C 139 -65.44 26.92 9.75
C ILE C 139 -65.57 27.53 8.34
N MET C 140 -64.58 27.23 7.50
CA MET C 140 -64.57 27.71 6.12
C MET C 140 -65.87 27.30 5.46
N ASN C 141 -66.21 26.02 5.58
CA ASN C 141 -67.44 25.50 4.99
C ASN C 141 -68.70 26.13 5.58
N PHE C 142 -68.82 26.08 6.90
CA PHE C 142 -70.01 26.65 7.53
C PHE C 142 -70.21 28.10 7.15
N GLN C 143 -69.15 28.86 7.35
CA GLN C 143 -69.08 30.28 7.06
C GLN C 143 -69.47 30.56 5.60
N SER C 144 -68.80 29.88 4.68
CA SER C 144 -69.04 30.06 3.25
C SER C 144 -70.48 29.88 2.76
N LYS C 145 -71.13 28.80 3.21
CA LYS C 145 -72.50 28.52 2.80
C LYS C 145 -73.58 29.34 3.53
N GLU C 146 -73.45 29.44 4.85
CA GLU C 146 -74.42 30.16 5.69
C GLU C 146 -74.29 31.68 5.72
N GLN C 147 -73.06 32.18 5.82
CA GLN C 147 -72.85 33.63 5.88
C GLN C 147 -72.66 34.28 4.52
N LEU C 148 -71.80 33.69 3.70
CA LEU C 148 -71.52 34.23 2.36
C LEU C 148 -72.46 33.74 1.27
N ASN C 149 -73.41 32.88 1.64
CA ASN C 149 -74.36 32.36 0.66
C ASN C 149 -73.71 31.78 -0.59
N LEU C 150 -72.42 31.44 -0.49
CA LEU C 150 -71.67 30.88 -1.61
C LEU C 150 -72.23 29.51 -2.00
N GLU C 151 -72.13 29.17 -3.28
CA GLU C 151 -72.61 27.88 -3.76
C GLU C 151 -71.41 27.02 -4.10
N TYR C 152 -71.45 25.76 -3.69
CA TYR C 152 -70.33 24.91 -4.01
C TYR C 152 -70.68 23.43 -4.04
N ILE C 153 -69.70 22.65 -4.47
CA ILE C 153 -69.84 21.21 -4.56
C ILE C 153 -68.46 20.72 -4.14
N LEU C 154 -68.40 20.02 -3.01
CA LEU C 154 -67.14 19.54 -2.50
C LEU C 154 -67.02 18.02 -2.55
N ASN C 155 -65.78 17.55 -2.53
CA ASN C 155 -65.47 16.13 -2.58
C ASN C 155 -66.00 15.51 -3.88
N CYS C 156 -65.62 16.13 -4.99
CA CYS C 156 -66.02 15.68 -6.33
C CYS C 156 -65.18 16.38 -7.39
N PRO C 157 -64.40 15.63 -8.17
CA PRO C 157 -63.57 16.24 -9.20
C PRO C 157 -64.46 16.95 -10.23
N ALA C 158 -63.99 18.12 -10.68
CA ALA C 158 -64.71 18.92 -11.66
C ALA C 158 -64.39 18.44 -13.06
N LYS C 159 -65.42 18.40 -13.91
CA LYS C 159 -65.28 17.95 -15.29
C LYS C 159 -65.61 19.10 -16.22
N VAL C 160 -64.57 19.80 -16.67
CA VAL C 160 -64.77 20.92 -17.58
C VAL C 160 -65.06 20.31 -18.95
N ILE C 161 -66.34 20.31 -19.31
CA ILE C 161 -66.81 19.79 -20.59
C ILE C 161 -66.32 20.68 -21.71
N ASP C 162 -66.53 21.98 -21.57
CA ASP C 162 -66.08 22.95 -22.57
C ASP C 162 -65.95 24.33 -21.96
N ASN C 163 -66.00 25.35 -22.82
CA ASN C 163 -65.85 26.75 -22.43
C ASN C 163 -66.93 27.35 -21.52
N HIS C 164 -68.15 26.86 -21.62
CA HIS C 164 -69.26 27.40 -20.82
C HIS C 164 -70.01 26.34 -20.00
N THR C 165 -69.50 25.11 -20.02
CA THR C 165 -70.17 24.04 -19.31
C THR C 165 -69.24 23.15 -18.51
N VAL C 166 -69.66 22.85 -17.29
CA VAL C 166 -68.87 22.00 -16.40
C VAL C 166 -69.81 20.95 -15.83
N GLU C 167 -69.23 19.85 -15.37
CA GLU C 167 -70.03 18.77 -14.81
C GLU C 167 -69.54 18.38 -13.41
N ALA C 168 -70.49 18.06 -12.55
CA ALA C 168 -70.18 17.66 -11.18
C ALA C 168 -71.41 17.03 -10.56
N ALA C 169 -71.18 16.13 -9.59
CA ALA C 169 -72.27 15.46 -8.91
C ALA C 169 -73.17 14.75 -9.93
N GLY C 170 -72.63 14.54 -11.13
CA GLY C 170 -73.41 13.88 -12.17
C GLY C 170 -74.38 14.82 -12.89
N LYS C 171 -74.31 16.11 -12.59
CA LYS C 171 -75.19 17.09 -13.23
C LYS C 171 -74.36 17.94 -14.18
N VAL C 172 -75.02 18.77 -14.98
CA VAL C 172 -74.31 19.66 -15.92
C VAL C 172 -74.59 21.14 -15.64
N PHE C 173 -73.52 21.94 -15.62
CA PHE C 173 -73.65 23.37 -15.33
C PHE C 173 -73.15 24.30 -16.43
N LYS C 174 -73.82 25.43 -16.59
CA LYS C 174 -73.42 26.41 -17.58
C LYS C 174 -73.16 27.77 -16.93
N ALA C 175 -72.05 28.40 -17.32
CA ALA C 175 -71.68 29.69 -16.75
C ALA C 175 -71.09 30.64 -17.80
N LYS C 176 -71.49 31.91 -17.71
CA LYS C 176 -71.02 32.93 -18.63
C LYS C 176 -69.50 32.96 -18.66
N ASN C 177 -68.90 32.48 -17.58
CA ASN C 177 -67.45 32.43 -17.44
C ASN C 177 -66.94 31.22 -16.65
N LEU C 178 -65.66 30.92 -16.84
CA LEU C 178 -64.99 29.83 -16.15
C LEU C 178 -63.72 30.44 -15.58
N ILE C 179 -63.42 30.11 -14.35
CA ILE C 179 -62.20 30.59 -13.73
C ILE C 179 -61.52 29.40 -13.06
N LEU C 180 -60.45 28.97 -13.69
CA LEU C 180 -59.67 27.83 -13.26
C LEU C 180 -58.83 28.18 -12.05
N ALA C 181 -59.04 27.46 -10.97
CA ALA C 181 -58.32 27.71 -9.73
C ALA C 181 -58.00 26.36 -9.08
N VAL C 182 -57.29 25.52 -9.82
CA VAL C 182 -56.92 24.18 -9.36
C VAL C 182 -55.51 24.10 -8.73
N GLY C 183 -54.76 25.19 -8.78
CA GLY C 183 -53.44 25.22 -8.19
C GLY C 183 -52.45 24.22 -8.77
N ALA C 184 -51.37 23.97 -8.02
CA ALA C 184 -50.32 23.05 -8.44
C ALA C 184 -50.14 21.85 -7.50
N GLY C 185 -49.69 20.75 -8.07
CA GLY C 185 -49.47 19.53 -7.29
C GLY C 185 -47.99 19.37 -6.95
N PRO C 186 -47.70 18.78 -5.79
CA PRO C 186 -46.30 18.58 -5.36
C PRO C 186 -45.38 18.12 -6.47
N GLY C 187 -44.16 18.65 -6.49
CA GLY C 187 -43.20 18.24 -7.50
C GLY C 187 -42.81 16.80 -7.24
N THR C 188 -42.05 16.20 -8.15
CA THR C 188 -41.60 14.82 -7.97
C THR C 188 -40.26 14.52 -8.62
N LEU C 189 -39.71 13.36 -8.31
CA LEU C 189 -38.42 12.95 -8.84
C LEU C 189 -38.57 11.70 -9.69
N ASP C 190 -38.07 11.75 -10.93
CA ASP C 190 -38.16 10.57 -11.80
C ASP C 190 -36.91 9.70 -11.60
N VAL C 191 -36.94 8.92 -10.53
CA VAL C 191 -35.82 8.07 -10.17
C VAL C 191 -36.31 6.75 -9.57
N PRO C 192 -35.61 5.65 -9.85
CA PRO C 192 -36.05 4.36 -9.30
C PRO C 192 -36.13 4.35 -7.79
N GLY C 193 -37.30 4.01 -7.27
CA GLY C 193 -37.49 3.95 -5.83
C GLY C 193 -38.29 5.10 -5.27
N VAL C 194 -38.52 6.12 -6.09
CA VAL C 194 -39.26 7.31 -5.66
C VAL C 194 -40.55 6.99 -4.90
N ASN C 195 -41.00 5.74 -4.96
CA ASN C 195 -42.23 5.36 -4.28
C ASN C 195 -42.08 4.48 -3.05
N ALA C 196 -40.85 4.11 -2.73
CA ALA C 196 -40.61 3.29 -1.54
C ALA C 196 -41.39 3.95 -0.41
N LYS C 197 -41.99 3.15 0.46
CA LYS C 197 -42.78 3.66 1.57
C LYS C 197 -42.22 4.87 2.32
N GLY C 198 -40.90 4.88 2.53
CA GLY C 198 -40.30 5.99 3.27
C GLY C 198 -40.25 7.38 2.64
N VAL C 199 -40.33 7.47 1.31
CA VAL C 199 -40.27 8.77 0.65
C VAL C 199 -41.53 9.58 0.96
N PHE C 200 -41.40 10.89 0.99
CA PHE C 200 -42.55 11.76 1.29
C PHE C 200 -42.39 13.13 0.67
N ASP C 201 -43.50 13.86 0.63
CA ASP C 201 -43.51 15.21 0.12
C ASP C 201 -44.44 16.00 1.05
N HIS C 202 -44.44 17.32 0.92
CA HIS C 202 -45.25 18.16 1.79
C HIS C 202 -46.69 17.69 2.01
N ALA C 203 -47.32 17.17 0.97
CA ALA C 203 -48.72 16.75 1.06
C ALA C 203 -48.88 15.34 1.58
N THR C 204 -48.06 14.44 1.04
CA THR C 204 -48.11 13.05 1.42
C THR C 204 -47.67 12.83 2.87
N LEU C 205 -46.90 13.78 3.40
CA LEU C 205 -46.39 13.68 4.76
C LEU C 205 -47.49 13.77 5.82
N VAL C 206 -48.50 14.59 5.56
CA VAL C 206 -49.59 14.74 6.53
C VAL C 206 -50.72 13.72 6.34
N GLU C 207 -50.41 12.62 5.65
CA GLU C 207 -51.41 11.58 5.40
C GLU C 207 -50.87 10.14 5.43
N GLU C 208 -49.56 9.98 5.30
CA GLU C 208 -48.98 8.64 5.27
C GLU C 208 -47.84 8.37 6.22
N LEU C 209 -47.67 9.22 7.22
CA LEU C 209 -46.60 9.03 8.19
C LEU C 209 -47.13 8.04 9.24
N ASP C 210 -47.08 6.76 8.90
CA ASP C 210 -47.58 5.73 9.82
C ASP C 210 -46.46 5.12 10.68
N TYR C 211 -45.36 5.85 10.81
CA TYR C 211 -44.23 5.39 11.61
C TYR C 211 -43.39 6.59 12.05
N GLU C 212 -42.38 6.35 12.87
CA GLU C 212 -41.50 7.40 13.34
C GLU C 212 -40.16 7.25 12.64
N PRO C 213 -39.77 8.22 11.79
CA PRO C 213 -38.49 8.16 11.07
C PRO C 213 -37.26 7.81 11.90
N GLY C 214 -36.18 7.47 11.21
CA GLY C 214 -34.93 7.12 11.87
C GLY C 214 -33.99 8.30 12.17
N SER C 215 -32.81 7.98 12.70
CA SER C 215 -31.79 8.97 13.07
C SER C 215 -31.24 9.78 11.90
N THR C 216 -31.67 9.46 10.69
CA THR C 216 -31.22 10.20 9.52
C THR C 216 -32.36 10.50 8.57
N VAL C 217 -32.25 11.66 7.91
CA VAL C 217 -33.27 12.09 6.97
C VAL C 217 -32.59 12.69 5.76
N VAL C 218 -33.24 12.57 4.61
CA VAL C 218 -32.71 13.15 3.39
C VAL C 218 -33.79 14.04 2.77
N VAL C 219 -33.41 15.26 2.47
CA VAL C 219 -34.32 16.23 1.87
C VAL C 219 -33.83 16.58 0.47
N VAL C 220 -34.75 16.56 -0.48
CA VAL C 220 -34.38 16.89 -1.85
C VAL C 220 -34.98 18.23 -2.22
N GLY C 221 -34.11 19.18 -2.52
CA GLY C 221 -34.53 20.53 -2.87
C GLY C 221 -33.63 21.53 -2.16
N GLY C 222 -33.78 22.80 -2.50
CA GLY C 222 -32.95 23.83 -1.89
C GLY C 222 -33.65 25.14 -1.62
N SER C 223 -34.92 25.26 -2.00
CA SER C 223 -35.64 26.49 -1.78
C SER C 223 -36.50 26.40 -0.51
N LYS C 224 -37.55 27.21 -0.47
CA LYS C 224 -38.43 27.26 0.67
C LYS C 224 -38.75 25.94 1.32
N THR C 225 -39.89 25.36 0.96
CA THR C 225 -40.35 24.10 1.56
C THR C 225 -39.23 23.11 1.95
N ALA C 226 -38.24 22.92 1.09
CA ALA C 226 -37.17 21.99 1.41
C ALA C 226 -36.39 22.44 2.64
N VAL C 227 -36.04 23.71 2.71
CA VAL C 227 -35.29 24.21 3.85
C VAL C 227 -36.20 24.28 5.06
N GLU C 228 -37.47 24.58 4.83
CA GLU C 228 -38.43 24.68 5.91
C GLU C 228 -38.60 23.36 6.66
N TYR C 229 -38.98 22.31 5.95
CA TYR C 229 -39.15 21.02 6.57
C TYR C 229 -37.78 20.45 6.94
N GLY C 230 -36.76 20.83 6.17
CA GLY C 230 -35.41 20.36 6.44
C GLY C 230 -34.86 20.82 7.79
N CYS C 231 -35.07 22.09 8.12
CA CYS C 231 -34.60 22.66 9.39
C CYS C 231 -35.43 22.10 10.55
N PHE C 232 -36.69 21.77 10.28
CA PHE C 232 -37.56 21.20 11.31
C PHE C 232 -37.09 19.78 11.66
N PHE C 233 -36.81 18.97 10.65
CA PHE C 233 -36.36 17.60 10.90
C PHE C 233 -35.04 17.72 11.65
N ASN C 234 -34.16 18.56 11.13
CA ASN C 234 -32.87 18.76 11.76
C ASN C 234 -33.09 19.07 13.23
N ALA C 235 -34.08 19.92 13.51
CA ALA C 235 -34.42 20.33 14.87
C ALA C 235 -34.87 19.19 15.76
N THR C 236 -35.56 18.21 15.16
CA THR C 236 -36.01 17.05 15.93
C THR C 236 -34.80 16.18 16.26
N GLY C 237 -33.62 16.71 16.00
CA GLY C 237 -32.39 15.99 16.29
C GLY C 237 -32.13 14.80 15.38
N ARG C 238 -32.04 15.06 14.09
CA ARG C 238 -31.77 13.99 13.12
C ARG C 238 -30.79 14.50 12.08
N ARG C 239 -29.77 13.71 11.78
CA ARG C 239 -28.79 14.11 10.78
C ARG C 239 -29.62 14.44 9.54
N THR C 240 -29.57 15.69 9.09
CA THR C 240 -30.34 16.05 7.91
C THR C 240 -29.40 16.43 6.80
N VAL C 241 -29.54 15.74 5.68
CA VAL C 241 -28.72 15.99 4.52
C VAL C 241 -29.60 16.51 3.40
N MET C 242 -29.30 17.72 2.96
CA MET C 242 -30.03 18.36 1.86
C MET C 242 -29.29 18.12 0.55
N LEU C 243 -30.00 17.61 -0.44
CA LEU C 243 -29.41 17.36 -1.74
C LEU C 243 -30.02 18.37 -2.70
N VAL C 244 -29.24 19.39 -3.04
CA VAL C 244 -29.69 20.45 -3.93
C VAL C 244 -29.16 20.29 -5.35
N ARG C 245 -30.08 20.39 -6.32
CA ARG C 245 -29.71 20.25 -7.73
C ARG C 245 -28.71 21.33 -8.11
N THR C 246 -29.01 22.57 -7.72
CA THR C 246 -28.14 23.71 -8.02
C THR C 246 -27.50 24.35 -6.77
N GLU C 247 -28.13 25.42 -6.28
CA GLU C 247 -27.66 26.14 -5.11
C GLU C 247 -28.84 26.37 -4.19
N PRO C 248 -28.58 26.39 -2.87
CA PRO C 248 -29.64 26.58 -1.87
C PRO C 248 -30.10 28.03 -1.64
N LEU C 249 -31.37 28.14 -1.27
CA LEU C 249 -31.97 29.43 -0.98
C LEU C 249 -31.56 30.50 -1.97
N LYS C 250 -31.84 30.28 -3.25
CA LYS C 250 -31.50 31.26 -4.27
C LYS C 250 -32.42 32.47 -4.04
N LEU C 251 -33.56 32.22 -3.42
CA LEU C 251 -34.54 33.25 -3.17
C LEU C 251 -34.04 34.41 -2.29
N ILE C 252 -32.85 34.26 -1.71
CA ILE C 252 -32.28 35.32 -0.88
C ILE C 252 -31.21 35.99 -1.73
N LYS C 253 -31.62 37.01 -2.46
CA LYS C 253 -30.72 37.70 -3.37
C LYS C 253 -29.51 38.37 -2.71
N ASP C 254 -29.71 39.09 -1.60
CA ASP C 254 -28.59 39.73 -0.91
C ASP C 254 -27.61 38.65 -0.37
N ASN C 255 -26.41 38.58 -0.95
CA ASN C 255 -25.43 37.59 -0.54
C ASN C 255 -25.21 37.43 0.95
N GLU C 256 -24.78 38.50 1.61
CA GLU C 256 -24.52 38.46 3.04
C GLU C 256 -25.67 37.84 3.82
N THR C 257 -26.90 38.24 3.51
CA THR C 257 -28.03 37.67 4.21
C THR C 257 -28.03 36.16 4.00
N ARG C 258 -28.19 35.76 2.74
CA ARG C 258 -28.21 34.35 2.36
C ARG C 258 -27.05 33.61 3.01
N ALA C 259 -25.89 34.23 3.06
CA ALA C 259 -24.71 33.61 3.67
C ALA C 259 -24.89 33.40 5.18
N TYR C 260 -25.45 34.39 5.87
CA TYR C 260 -25.69 34.31 7.30
C TYR C 260 -26.61 33.14 7.59
N VAL C 261 -27.76 33.13 6.89
CA VAL C 261 -28.74 32.07 7.05
C VAL C 261 -28.11 30.69 6.94
N LEU C 262 -27.30 30.51 5.89
CA LEU C 262 -26.63 29.24 5.66
C LEU C 262 -25.71 28.84 6.80
N ASP C 263 -24.76 29.71 7.14
CA ASP C 263 -23.83 29.40 8.21
C ASP C 263 -24.60 28.96 9.44
N ARG C 264 -25.77 29.56 9.66
CA ARG C 264 -26.58 29.16 10.79
C ARG C 264 -26.97 27.67 10.61
N MET C 265 -27.60 27.35 9.49
CA MET C 265 -28.02 25.97 9.18
C MET C 265 -26.89 24.98 9.35
N LYS C 266 -25.75 25.27 8.74
CA LYS C 266 -24.59 24.40 8.84
C LYS C 266 -24.34 24.18 10.31
N GLU C 267 -24.26 25.28 11.05
CA GLU C 267 -24.01 25.26 12.48
C GLU C 267 -24.96 24.37 13.26
N GLN C 268 -26.13 24.11 12.69
CA GLN C 268 -27.13 23.27 13.33
C GLN C 268 -26.98 21.79 12.98
N GLY C 269 -25.89 21.47 12.29
CA GLY C 269 -25.66 20.08 11.93
C GLY C 269 -26.23 19.72 10.60
N MET C 270 -26.85 20.68 9.92
CA MET C 270 -27.41 20.39 8.61
C MET C 270 -26.26 20.29 7.62
N GLU C 271 -26.37 19.34 6.70
CA GLU C 271 -25.37 19.14 5.66
C GLU C 271 -26.06 19.45 4.34
N ILE C 272 -25.57 20.48 3.65
CA ILE C 272 -26.18 20.88 2.39
C ILE C 272 -25.27 20.59 1.22
N ILE C 273 -25.74 19.79 0.27
CA ILE C 273 -24.94 19.49 -0.91
C ILE C 273 -25.48 20.20 -2.16
N SER C 274 -24.63 21.01 -2.76
CA SER C 274 -25.00 21.76 -3.97
C SER C 274 -24.64 20.94 -5.21
N GLY C 275 -25.46 21.03 -6.25
CA GLY C 275 -25.16 20.30 -7.47
C GLY C 275 -25.27 18.79 -7.30
N SER C 276 -26.22 18.39 -6.46
CA SER C 276 -26.44 16.99 -6.19
C SER C 276 -27.76 16.54 -6.81
N ASN C 277 -27.71 15.42 -7.51
CA ASN C 277 -28.87 14.83 -8.15
C ASN C 277 -29.05 13.41 -7.61
N VAL C 278 -30.27 13.07 -7.19
CA VAL C 278 -30.52 11.74 -6.64
C VAL C 278 -30.43 10.64 -7.70
N THR C 279 -29.52 9.69 -7.49
CA THR C 279 -29.35 8.57 -8.41
C THR C 279 -30.51 7.60 -8.30
N ARG C 280 -30.78 7.13 -7.08
CA ARG C 280 -31.87 6.20 -6.84
C ARG C 280 -32.14 6.01 -5.36
N ILE C 281 -33.25 5.35 -5.06
CA ILE C 281 -33.66 5.12 -3.69
C ILE C 281 -33.78 3.63 -3.38
N GLU C 282 -32.84 3.12 -2.59
CA GLU C 282 -32.80 1.70 -2.20
C GLU C 282 -33.97 1.34 -1.30
N GLU C 283 -34.46 0.10 -1.42
CA GLU C 283 -35.60 -0.37 -0.61
C GLU C 283 -35.26 -1.53 0.31
N ASP C 284 -36.31 -2.08 0.93
CA ASP C 284 -36.20 -3.23 1.84
C ASP C 284 -36.88 -4.38 1.12
N ALA C 285 -36.76 -5.58 1.69
CA ALA C 285 -37.41 -6.74 1.12
C ALA C 285 -38.87 -6.36 1.18
N ASN C 286 -39.22 -5.59 2.22
CA ASN C 286 -40.58 -5.12 2.43
C ASN C 286 -40.96 -4.02 1.44
N GLY C 287 -40.01 -3.15 1.12
CA GLY C 287 -40.29 -2.09 0.17
C GLY C 287 -40.15 -0.67 0.68
N ARG C 288 -39.77 -0.50 1.95
CA ARG C 288 -39.61 0.86 2.46
C ARG C 288 -38.22 1.39 2.14
N VAL C 289 -38.04 2.71 2.22
CA VAL C 289 -36.74 3.32 1.96
C VAL C 289 -35.69 2.67 2.87
N GLN C 290 -34.43 2.76 2.48
CA GLN C 290 -33.35 2.13 3.23
C GLN C 290 -32.07 2.95 3.14
N ALA C 291 -31.92 3.65 2.02
CA ALA C 291 -30.76 4.50 1.75
C ALA C 291 -30.99 5.26 0.46
N VAL C 292 -30.25 6.35 0.29
CA VAL C 292 -30.38 7.16 -0.91
C VAL C 292 -29.02 7.25 -1.58
N VAL C 293 -29.01 7.04 -2.88
CA VAL C 293 -27.78 7.12 -3.64
C VAL C 293 -27.94 8.35 -4.51
N ALA C 294 -26.88 9.12 -4.69
CA ALA C 294 -26.99 10.32 -5.51
C ALA C 294 -25.62 10.84 -5.93
N MET C 295 -25.64 11.61 -6.99
CA MET C 295 -24.44 12.18 -7.56
C MET C 295 -24.18 13.60 -7.07
N THR C 296 -22.90 13.89 -6.80
CA THR C 296 -22.49 15.21 -6.34
C THR C 296 -21.25 15.57 -7.15
N PRO C 297 -20.99 16.87 -7.33
CA PRO C 297 -19.82 17.29 -8.08
C PRO C 297 -18.57 16.53 -7.61
N ASN C 298 -18.57 16.15 -6.32
CA ASN C 298 -17.46 15.41 -5.73
C ASN C 298 -17.78 13.92 -5.64
N GLY C 299 -18.13 13.32 -6.77
CA GLY C 299 -18.44 11.90 -6.80
C GLY C 299 -19.77 11.48 -6.18
N GLU C 300 -20.13 10.23 -6.41
CA GLU C 300 -21.36 9.68 -5.89
C GLU C 300 -21.24 9.54 -4.38
N MET C 301 -22.37 9.23 -3.74
CA MET C 301 -22.42 9.02 -2.31
C MET C 301 -23.71 8.32 -1.90
N ARG C 302 -23.58 7.44 -0.91
CA ARG C 302 -24.71 6.67 -0.39
C ARG C 302 -24.96 7.10 1.04
N ILE C 303 -26.24 7.21 1.40
CA ILE C 303 -26.61 7.61 2.74
C ILE C 303 -27.87 6.86 3.22
N GLU C 304 -27.70 6.07 4.26
CA GLU C 304 -28.79 5.28 4.81
C GLU C 304 -29.82 6.12 5.57
N THR C 305 -31.10 5.85 5.30
CA THR C 305 -32.20 6.57 5.93
C THR C 305 -33.51 5.87 5.61
N ASP C 306 -34.41 5.79 6.58
CA ASP C 306 -35.69 5.14 6.34
C ASP C 306 -36.73 6.22 6.10
N PHE C 307 -36.25 7.43 5.82
CA PHE C 307 -37.14 8.56 5.62
C PHE C 307 -36.56 9.55 4.61
N VAL C 308 -37.33 9.88 3.58
CA VAL C 308 -36.86 10.81 2.57
C VAL C 308 -37.96 11.80 2.20
N PHE C 309 -37.74 13.07 2.47
CA PHE C 309 -38.75 14.07 2.13
C PHE C 309 -38.39 14.82 0.86
N LEU C 310 -39.37 15.00 -0.01
CA LEU C 310 -39.18 15.67 -1.28
C LEU C 310 -39.69 17.09 -1.20
N GLY C 311 -38.79 18.05 -1.35
CA GLY C 311 -39.20 19.44 -1.30
C GLY C 311 -38.92 20.08 -2.65
N LEU C 312 -39.53 19.54 -3.68
CA LEU C 312 -39.29 20.08 -5.00
C LEU C 312 -40.35 21.13 -5.25
N GLY C 313 -40.14 21.98 -6.24
CA GLY C 313 -41.13 23.01 -6.53
C GLY C 313 -42.47 22.40 -6.86
N GLU C 314 -43.54 23.17 -6.69
CA GLU C 314 -44.90 22.70 -6.98
C GLU C 314 -45.18 22.81 -8.50
N GLN C 315 -45.84 21.81 -9.08
CA GLN C 315 -46.14 21.81 -10.52
C GLN C 315 -47.59 22.19 -10.83
N PRO C 316 -47.80 23.26 -11.60
CA PRO C 316 -49.17 23.66 -11.94
C PRO C 316 -49.96 22.52 -12.55
N ARG C 317 -51.19 22.34 -12.08
CA ARG C 317 -52.07 21.29 -12.59
C ARG C 317 -52.82 21.77 -13.85
N SER C 318 -52.08 22.06 -14.92
CA SER C 318 -52.67 22.55 -16.16
C SER C 318 -52.86 21.48 -17.24
N ALA C 319 -51.87 20.59 -17.39
CA ALA C 319 -51.92 19.52 -18.37
C ALA C 319 -53.32 19.16 -18.89
N GLU C 320 -54.11 18.51 -18.03
CA GLU C 320 -55.46 18.09 -18.42
C GLU C 320 -56.44 19.20 -18.85
N LEU C 321 -56.41 20.35 -18.19
CA LEU C 321 -57.33 21.43 -18.56
C LEU C 321 -56.93 22.15 -19.84
N ALA C 322 -55.62 22.35 -20.02
CA ALA C 322 -55.10 23.03 -21.19
C ALA C 322 -55.40 22.16 -22.41
N LYS C 323 -55.74 20.90 -22.14
CA LYS C 323 -56.05 19.95 -23.19
C LYS C 323 -57.52 20.04 -23.56
N ILE C 324 -58.36 20.21 -22.56
CA ILE C 324 -59.79 20.30 -22.80
C ILE C 324 -60.18 21.67 -23.36
N LEU C 325 -59.54 22.73 -22.88
CA LEU C 325 -59.85 24.07 -23.37
C LEU C 325 -58.83 24.51 -24.40
N GLY C 326 -57.72 23.79 -24.49
CA GLY C 326 -56.69 24.15 -25.43
C GLY C 326 -56.13 25.50 -25.04
N LEU C 327 -55.53 25.53 -23.84
CA LEU C 327 -54.96 26.74 -23.29
C LEU C 327 -53.48 26.81 -23.60
N ASP C 328 -52.93 28.02 -23.66
CA ASP C 328 -51.50 28.22 -23.90
C ASP C 328 -50.75 27.98 -22.61
N LEU C 329 -49.58 27.35 -22.70
CA LEU C 329 -48.83 27.08 -21.50
C LEU C 329 -47.43 27.68 -21.53
N GLY C 330 -46.78 27.67 -20.38
CA GLY C 330 -45.43 28.21 -20.28
C GLY C 330 -44.45 27.07 -20.09
N PRO C 331 -43.15 27.35 -20.19
CA PRO C 331 -42.11 26.33 -20.04
C PRO C 331 -42.09 25.59 -18.70
N LYS C 332 -43.02 25.91 -17.81
CA LYS C 332 -43.10 25.26 -16.51
C LYS C 332 -44.47 24.58 -16.35
N GLY C 333 -45.31 24.75 -17.37
CA GLY C 333 -46.63 24.16 -17.38
C GLY C 333 -47.67 25.11 -16.83
N GLU C 334 -47.30 26.37 -16.69
CA GLU C 334 -48.22 27.37 -16.18
C GLU C 334 -49.22 27.83 -17.24
N VAL C 335 -50.49 27.93 -16.87
CA VAL C 335 -51.52 28.38 -17.80
C VAL C 335 -51.26 29.85 -18.03
N LEU C 336 -51.07 30.26 -19.28
CA LEU C 336 -50.78 31.66 -19.58
C LEU C 336 -52.01 32.54 -19.48
N VAL C 337 -51.88 33.66 -18.78
CA VAL C 337 -52.97 34.62 -18.61
C VAL C 337 -52.42 36.02 -18.88
N ASN C 338 -53.23 36.89 -19.47
CA ASN C 338 -52.74 38.23 -19.75
C ASN C 338 -52.83 39.03 -18.46
N GLU C 339 -52.74 40.35 -18.56
CA GLU C 339 -52.81 41.20 -17.37
C GLU C 339 -54.18 41.19 -16.71
N TYR C 340 -55.11 40.42 -17.25
CA TYR C 340 -56.48 40.34 -16.71
C TYR C 340 -56.81 38.90 -16.30
N LEU C 341 -55.77 38.14 -15.98
CA LEU C 341 -55.93 36.75 -15.58
C LEU C 341 -56.64 35.90 -16.64
N GLN C 342 -56.85 36.48 -17.82
CA GLN C 342 -57.50 35.81 -18.95
C GLN C 342 -56.55 34.83 -19.67
N THR C 343 -57.08 33.68 -20.06
CA THR C 343 -56.29 32.66 -20.75
C THR C 343 -56.42 32.84 -22.25
N SER C 344 -55.78 31.95 -23.02
CA SER C 344 -55.85 32.02 -24.47
C SER C 344 -57.29 31.81 -24.91
N VAL C 345 -58.07 31.17 -24.04
CA VAL C 345 -59.47 30.92 -24.32
C VAL C 345 -60.29 32.03 -23.67
N PRO C 346 -61.25 32.60 -24.41
CA PRO C 346 -62.06 33.67 -23.82
C PRO C 346 -62.97 33.08 -22.74
N ASN C 347 -63.53 33.95 -21.90
CA ASN C 347 -64.43 33.52 -20.83
C ASN C 347 -63.76 32.55 -19.86
N VAL C 348 -62.45 32.40 -19.96
CA VAL C 348 -61.70 31.50 -19.09
C VAL C 348 -60.52 32.19 -18.42
N TYR C 349 -60.54 32.19 -17.09
CA TYR C 349 -59.45 32.78 -16.34
C TYR C 349 -58.75 31.71 -15.50
N ALA C 350 -57.46 31.91 -15.26
CA ALA C 350 -56.68 31.00 -14.44
C ALA C 350 -56.21 31.95 -13.33
N VAL C 351 -55.91 31.41 -12.15
CA VAL C 351 -55.48 32.28 -11.07
C VAL C 351 -54.52 31.71 -10.02
N GLY C 352 -54.72 30.47 -9.60
CA GLY C 352 -53.85 29.93 -8.58
C GLY C 352 -52.36 29.81 -8.91
N ASP C 353 -51.73 28.78 -8.36
CA ASP C 353 -50.32 28.53 -8.64
C ASP C 353 -50.32 28.01 -10.06
N LEU C 354 -51.52 27.85 -10.58
CA LEU C 354 -51.75 27.37 -11.93
C LEU C 354 -51.08 28.35 -12.90
N ILE C 355 -50.97 29.61 -12.48
CA ILE C 355 -50.35 30.64 -13.28
C ILE C 355 -48.87 30.80 -12.96
N GLY C 356 -48.31 29.78 -12.33
CA GLY C 356 -46.90 29.82 -12.00
C GLY C 356 -46.54 30.75 -10.85
N GLY C 357 -45.32 31.27 -10.87
CA GLY C 357 -44.86 32.15 -9.82
C GLY C 357 -45.39 33.57 -9.86
N PRO C 358 -45.41 34.26 -8.71
CA PRO C 358 -45.00 33.67 -7.43
C PRO C 358 -46.12 32.78 -6.89
N MET C 359 -45.78 31.63 -6.33
CA MET C 359 -46.82 30.75 -5.80
C MET C 359 -47.03 30.97 -4.31
N GLU C 360 -47.65 32.10 -4.00
CA GLU C 360 -47.90 32.49 -2.63
C GLU C 360 -49.38 32.74 -2.46
N MET C 361 -49.81 32.72 -1.21
CA MET C 361 -51.19 32.92 -0.90
C MET C 361 -51.71 34.23 -1.43
N PHE C 362 -50.98 35.31 -1.20
CA PHE C 362 -51.43 36.63 -1.65
C PHE C 362 -51.71 36.68 -3.14
N LYS C 363 -50.86 36.04 -3.93
CA LYS C 363 -51.07 36.03 -5.37
C LYS C 363 -52.38 35.28 -5.64
N ALA C 364 -52.47 34.06 -5.11
CA ALA C 364 -53.66 33.23 -5.29
C ALA C 364 -54.92 33.99 -4.90
N ARG C 365 -54.88 34.63 -3.73
CA ARG C 365 -56.02 35.37 -3.22
C ARG C 365 -56.32 36.58 -4.08
N LYS C 366 -55.29 37.33 -4.47
CA LYS C 366 -55.49 38.51 -5.30
C LYS C 366 -55.93 38.10 -6.71
N SER C 367 -55.12 37.29 -7.37
CA SER C 367 -55.46 36.85 -8.71
C SER C 367 -56.87 36.27 -8.74
N GLY C 368 -57.19 35.45 -7.73
CA GLY C 368 -58.51 34.85 -7.65
C GLY C 368 -59.58 35.93 -7.51
N CYS C 369 -59.24 36.99 -6.78
CA CYS C 369 -60.18 38.07 -6.60
C CYS C 369 -60.24 38.97 -7.83
N TYR C 370 -59.07 39.34 -8.34
CA TYR C 370 -58.99 40.23 -9.50
C TYR C 370 -59.76 39.67 -10.69
N ALA C 371 -59.62 38.37 -10.91
CA ALA C 371 -60.32 37.71 -12.00
C ALA C 371 -61.85 37.88 -11.86
N ALA C 372 -62.40 37.42 -10.74
CA ALA C 372 -63.85 37.53 -10.52
C ALA C 372 -64.25 38.97 -10.76
N ARG C 373 -63.44 39.92 -10.29
CA ARG C 373 -63.70 41.34 -10.49
C ARG C 373 -63.82 41.67 -11.98
N ASN C 374 -62.91 41.12 -12.77
CA ASN C 374 -62.92 41.35 -14.20
C ASN C 374 -64.17 40.80 -14.90
N VAL C 375 -64.61 39.62 -14.48
CA VAL C 375 -65.77 39.00 -15.09
C VAL C 375 -66.99 39.86 -14.88
N MET C 376 -67.04 40.51 -13.73
CA MET C 376 -68.16 41.36 -13.42
C MET C 376 -68.10 42.64 -14.23
N GLY C 377 -67.22 42.66 -15.23
CA GLY C 377 -67.10 43.83 -16.08
C GLY C 377 -65.87 44.68 -15.88
N GLU C 378 -65.38 44.76 -14.64
CA GLU C 378 -64.21 45.58 -14.36
C GLU C 378 -62.99 45.26 -15.23
N LYS C 379 -62.18 46.28 -15.46
CA LYS C 379 -60.97 46.16 -16.27
C LYS C 379 -59.74 46.38 -15.37
N ILE C 380 -59.57 45.47 -14.41
CA ILE C 380 -58.45 45.51 -13.47
C ILE C 380 -57.33 44.61 -13.96
N SER C 381 -56.12 45.14 -13.98
CA SER C 381 -54.96 44.40 -14.41
C SER C 381 -54.15 44.05 -13.19
N TYR C 382 -53.56 42.86 -13.19
CA TYR C 382 -52.74 42.43 -12.08
C TYR C 382 -51.51 41.72 -12.60
N THR C 383 -50.36 42.13 -12.10
CA THR C 383 -49.10 41.55 -12.53
C THR C 383 -48.07 41.61 -11.41
N PRO C 384 -48.15 40.65 -10.48
CA PRO C 384 -47.28 40.54 -9.32
C PRO C 384 -45.81 40.85 -9.50
N LYS C 385 -45.39 42.00 -8.98
CA LYS C 385 -43.98 42.37 -9.04
C LYS C 385 -43.71 43.27 -7.84
N ASN C 386 -42.45 43.29 -7.41
CA ASN C 386 -42.06 44.08 -6.24
C ASN C 386 -42.96 43.69 -5.08
N TYR C 387 -42.73 42.51 -4.51
CA TYR C 387 -43.53 42.07 -3.39
C TYR C 387 -42.64 41.50 -2.30
N PRO C 388 -43.05 41.68 -1.04
CA PRO C 388 -42.25 41.16 0.09
C PRO C 388 -42.28 39.64 0.05
N ASP C 389 -41.32 39.00 0.69
CA ASP C 389 -41.29 37.55 0.67
C ASP C 389 -40.62 37.03 1.95
N PHE C 390 -40.74 35.73 2.22
CA PHE C 390 -40.12 35.16 3.41
C PHE C 390 -40.07 33.64 3.32
N LEU C 391 -39.27 33.03 4.17
CA LEU C 391 -39.11 31.58 4.24
C LEU C 391 -38.47 31.23 5.59
N HIS C 392 -38.79 30.05 6.13
CA HIS C 392 -38.27 29.63 7.42
C HIS C 392 -37.03 28.74 7.32
N THR C 393 -36.39 28.61 8.46
CA THR C 393 -35.22 27.77 8.69
C THR C 393 -35.48 27.64 10.19
N HIS C 394 -34.48 27.90 11.02
CA HIS C 394 -34.72 27.89 12.46
C HIS C 394 -34.98 29.36 12.80
N TYR C 395 -34.86 30.19 11.77
CA TYR C 395 -35.06 31.62 11.84
C TYR C 395 -36.11 32.02 10.81
N GLU C 396 -36.61 33.24 10.90
CA GLU C 396 -37.57 33.74 9.94
C GLU C 396 -36.71 34.60 9.03
N VAL C 397 -36.89 34.45 7.72
CA VAL C 397 -36.09 35.24 6.79
C VAL C 397 -36.96 36.06 5.85
N SER C 398 -37.10 37.34 6.16
CA SER C 398 -37.88 38.24 5.33
C SER C 398 -37.00 39.09 4.44
N PHE C 399 -37.44 39.30 3.21
CA PHE C 399 -36.69 40.11 2.27
C PHE C 399 -37.62 40.78 1.28
N LEU C 400 -37.12 41.87 0.70
CA LEU C 400 -37.90 42.62 -0.27
C LEU C 400 -36.97 43.54 -1.03
N GLY C 401 -37.42 43.98 -2.20
CA GLY C 401 -36.59 44.87 -2.96
C GLY C 401 -35.31 44.17 -3.35
N MET C 402 -34.34 44.99 -3.74
CA MET C 402 -33.05 44.51 -4.17
C MET C 402 -32.10 44.13 -3.06
N GLY C 403 -31.20 43.19 -3.37
CA GLY C 403 -30.20 42.79 -2.41
C GLY C 403 -29.08 43.78 -2.67
N GLU C 404 -28.01 43.71 -1.90
CA GLU C 404 -26.93 44.65 -2.10
C GLU C 404 -26.33 44.49 -3.50
N GLU C 405 -25.70 43.34 -3.74
CA GLU C 405 -25.07 43.08 -5.03
C GLU C 405 -26.01 43.43 -6.19
N GLU C 406 -27.28 43.05 -6.07
CA GLU C 406 -28.30 43.31 -7.09
C GLU C 406 -28.46 44.79 -7.45
N ALA C 407 -28.61 45.65 -6.43
CA ALA C 407 -28.75 47.08 -6.64
C ALA C 407 -27.57 47.65 -7.43
N ARG C 408 -26.37 47.15 -7.15
CA ARG C 408 -25.20 47.63 -7.87
C ARG C 408 -25.36 47.33 -9.34
N ALA C 409 -25.53 46.05 -9.64
CA ALA C 409 -25.69 45.58 -11.01
C ALA C 409 -26.77 46.37 -11.75
N ALA C 410 -27.71 46.93 -10.99
CA ALA C 410 -28.80 47.70 -11.56
C ALA C 410 -28.44 49.18 -11.67
N GLY C 411 -27.15 49.47 -11.77
CA GLY C 411 -26.69 50.85 -11.90
C GLY C 411 -26.61 51.75 -10.68
N HIS C 412 -27.30 51.39 -9.61
CA HIS C 412 -27.27 52.23 -8.41
C HIS C 412 -25.91 52.28 -7.70
N GLU C 413 -25.67 53.40 -7.01
CA GLU C 413 -24.47 53.59 -6.22
C GLU C 413 -24.98 53.53 -4.78
N ILE C 414 -24.93 52.35 -4.19
CA ILE C 414 -25.47 52.14 -2.86
C ILE C 414 -24.60 52.37 -1.63
N VAL C 415 -25.31 52.50 -0.52
CA VAL C 415 -24.76 52.66 0.82
C VAL C 415 -25.61 51.68 1.59
N THR C 416 -25.07 51.07 2.64
CA THR C 416 -25.86 50.09 3.38
C THR C 416 -25.82 50.21 4.90
N ILE C 417 -27.00 50.21 5.52
CA ILE C 417 -27.07 50.27 6.97
C ILE C 417 -27.47 48.87 7.46
N LYS C 418 -26.71 48.30 8.40
CA LYS C 418 -27.00 46.94 8.86
C LYS C 418 -26.60 46.55 10.28
N MET C 419 -27.21 45.47 10.76
CA MET C 419 -26.94 44.91 12.10
C MET C 419 -26.68 43.40 11.99
N PRO C 420 -25.68 42.91 12.74
CA PRO C 420 -24.86 43.74 13.62
C PRO C 420 -23.94 44.71 12.86
N PRO C 421 -23.34 45.67 13.57
CA PRO C 421 -22.46 46.64 12.94
C PRO C 421 -21.00 46.16 12.80
N ASP C 422 -20.26 46.81 11.92
CA ASP C 422 -18.85 46.49 11.69
C ASP C 422 -18.04 46.74 12.94
N THR C 423 -17.48 45.67 13.52
CA THR C 423 -16.64 45.76 14.71
C THR C 423 -15.67 44.59 14.67
N GLU C 424 -14.70 44.58 15.58
CA GLU C 424 -13.75 43.48 15.61
C GLU C 424 -14.36 42.23 16.23
N ASN C 425 -15.60 42.35 16.70
CA ASN C 425 -16.26 41.22 17.29
C ASN C 425 -17.23 40.60 16.30
N GLY C 426 -17.22 41.11 15.07
CA GLY C 426 -18.12 40.59 14.05
C GLY C 426 -19.50 40.32 14.62
N LEU C 427 -20.06 39.17 14.28
CA LEU C 427 -21.39 38.81 14.75
C LEU C 427 -21.45 38.54 16.26
N ASN C 428 -20.30 38.24 16.84
CA ASN C 428 -20.22 37.93 18.27
C ASN C 428 -20.48 39.17 19.15
N VAL C 429 -21.69 39.72 19.06
CA VAL C 429 -22.09 40.89 19.84
C VAL C 429 -23.60 40.79 20.13
N ALA C 430 -24.03 41.37 21.26
CA ALA C 430 -25.44 41.34 21.63
C ALA C 430 -26.26 42.27 20.72
N LEU C 431 -25.93 42.22 19.42
CA LEU C 431 -26.59 43.00 18.39
C LEU C 431 -26.67 42.19 17.10
N PRO C 432 -27.82 42.22 16.43
CA PRO C 432 -29.01 42.94 16.89
C PRO C 432 -29.78 42.13 17.93
N ALA C 433 -30.80 42.73 18.51
CA ALA C 433 -31.61 42.01 19.51
C ALA C 433 -33.01 42.58 19.60
N SER C 434 -33.96 41.69 19.90
CA SER C 434 -35.37 42.04 20.04
C SER C 434 -36.11 40.77 20.44
N ASP C 435 -37.42 40.77 20.34
CA ASP C 435 -38.20 39.60 20.72
C ASP C 435 -37.73 38.29 20.09
N ARG C 436 -37.61 37.28 20.95
CA ARG C 436 -37.20 35.92 20.62
C ARG C 436 -35.72 35.73 20.28
N THR C 437 -34.88 36.76 20.45
CA THR C 437 -33.44 36.65 20.17
C THR C 437 -32.62 37.17 21.33
N MET C 438 -33.31 37.60 22.39
CA MET C 438 -32.62 38.12 23.56
C MET C 438 -31.65 37.07 24.14
N LEU C 439 -32.19 35.89 24.44
CA LEU C 439 -31.41 34.81 24.99
C LEU C 439 -30.20 34.52 24.11
N TYR C 440 -30.39 34.53 22.79
CA TYR C 440 -29.27 34.30 21.90
C TYR C 440 -28.26 35.45 22.06
N ALA C 441 -28.77 36.65 22.23
CA ALA C 441 -27.96 37.85 22.40
C ALA C 441 -27.08 37.84 23.66
N PHE C 442 -27.65 37.42 24.77
CA PHE C 442 -26.90 37.41 26.02
C PHE C 442 -26.34 36.07 26.46
N GLY C 443 -26.55 35.03 25.66
CA GLY C 443 -26.05 33.72 26.01
C GLY C 443 -24.55 33.72 25.84
N LYS C 444 -23.89 32.76 26.45
CA LYS C 444 -22.43 32.61 26.35
C LYS C 444 -22.07 32.08 24.97
N GLY C 445 -21.43 32.91 24.17
CA GLY C 445 -21.01 32.49 22.85
C GLY C 445 -22.13 32.19 21.88
N THR C 446 -23.30 32.72 22.15
CA THR C 446 -24.46 32.53 21.30
C THR C 446 -24.85 33.83 20.63
N ALA C 447 -24.09 34.89 20.95
CA ALA C 447 -24.34 36.23 20.42
C ALA C 447 -24.49 36.26 18.90
N HIS C 448 -23.56 35.57 18.21
CA HIS C 448 -23.59 35.52 16.76
C HIS C 448 -24.98 35.10 16.23
N MET C 449 -25.82 34.56 17.12
CA MET C 449 -27.17 34.11 16.76
C MET C 449 -28.22 35.20 17.01
N SER C 450 -27.80 36.33 17.54
CA SER C 450 -28.70 37.45 17.82
C SER C 450 -29.51 37.88 16.60
N GLY C 451 -29.08 37.41 15.41
CA GLY C 451 -29.79 37.73 14.18
C GLY C 451 -28.98 38.51 13.17
N PHE C 452 -29.62 38.90 12.06
CA PHE C 452 -28.97 39.67 11.00
C PHE C 452 -29.98 40.45 10.18
N GLN C 453 -29.64 41.67 9.82
CA GLN C 453 -30.56 42.49 9.04
C GLN C 453 -29.83 43.57 8.25
N LYS C 454 -30.37 43.94 7.09
CA LYS C 454 -29.77 44.94 6.23
C LYS C 454 -30.76 45.78 5.46
N ILE C 455 -30.29 46.93 5.01
CA ILE C 455 -31.11 47.82 4.21
C ILE C 455 -30.21 48.38 3.10
N VAL C 456 -30.72 48.34 1.87
CA VAL C 456 -29.95 48.83 0.73
C VAL C 456 -30.46 50.19 0.32
N ILE C 457 -29.60 51.20 0.43
CA ILE C 457 -30.00 52.54 0.10
C ILE C 457 -29.20 53.13 -1.05
N ASP C 458 -29.88 54.00 -1.81
CA ASP C 458 -29.29 54.66 -2.95
C ASP C 458 -28.66 55.99 -2.53
N ALA C 459 -27.34 56.10 -2.64
CA ALA C 459 -26.67 57.35 -2.31
C ALA C 459 -27.18 58.30 -3.39
N LYS C 460 -27.52 59.54 -3.02
CA LYS C 460 -28.08 60.49 -4.00
C LYS C 460 -29.37 59.90 -4.52
N THR C 461 -30.45 60.44 -4.03
CA THR C 461 -31.73 59.89 -4.40
C THR C 461 -32.17 58.93 -3.27
N ARG C 462 -31.38 59.07 -2.22
CA ARG C 462 -31.47 58.32 -0.93
C ARG C 462 -32.86 57.69 -0.73
N LYS C 463 -33.04 56.60 -1.48
CA LYS C 463 -34.26 55.78 -1.48
C LYS C 463 -33.89 54.39 -1.08
N VAL C 464 -34.77 53.85 -0.32
CA VAL C 464 -34.58 52.54 0.16
C VAL C 464 -34.85 51.54 -0.94
N LEU C 465 -33.80 50.89 -1.42
CA LEU C 465 -33.95 49.93 -2.47
C LEU C 465 -34.38 48.54 -2.02
N GLY C 466 -34.02 48.15 -0.80
CA GLY C 466 -34.39 46.84 -0.31
C GLY C 466 -34.12 46.56 1.16
N ALA C 467 -34.95 45.70 1.76
CA ALA C 467 -34.84 45.34 3.17
C ALA C 467 -34.57 43.83 3.35
N HIS C 468 -33.72 43.49 4.32
CA HIS C 468 -33.35 42.10 4.56
C HIS C 468 -33.20 41.82 6.05
N HIS C 469 -33.82 40.74 6.52
CA HIS C 469 -33.79 40.45 7.95
C HIS C 469 -33.91 38.99 8.38
N VAL C 470 -32.97 38.57 9.22
CA VAL C 470 -32.95 37.21 9.76
C VAL C 470 -33.13 37.33 11.28
N GLY C 471 -34.16 36.67 11.79
CA GLY C 471 -34.45 36.71 13.20
C GLY C 471 -35.91 36.31 13.36
N TYR C 472 -36.70 37.15 14.02
CA TYR C 472 -38.13 36.88 14.23
C TYR C 472 -38.84 38.17 14.44
N GLY C 473 -40.12 38.18 14.10
CA GLY C 473 -40.95 39.36 14.27
C GLY C 473 -40.72 40.43 13.23
N ALA C 474 -40.24 40.04 12.06
CA ALA C 474 -39.98 41.00 10.99
C ALA C 474 -40.92 40.79 9.83
N LYS C 475 -41.25 39.52 9.56
CA LYS C 475 -42.13 39.15 8.45
C LYS C 475 -43.38 40.00 8.28
N ASP C 476 -44.17 40.13 9.33
CA ASP C 476 -45.42 40.90 9.24
C ASP C 476 -45.14 42.36 8.91
N ALA C 477 -44.01 42.87 9.39
CA ALA C 477 -43.65 44.25 9.15
C ALA C 477 -43.38 44.48 7.66
N PHE C 478 -42.58 43.60 7.09
CA PHE C 478 -42.26 43.70 5.68
C PHE C 478 -43.48 43.86 4.78
N GLN C 479 -44.66 43.43 5.25
CA GLN C 479 -45.83 43.56 4.39
C GLN C 479 -46.03 45.05 4.17
N TYR C 480 -46.03 45.76 5.29
CA TYR C 480 -46.24 47.21 5.29
C TYR C 480 -45.00 47.99 4.86
N LEU C 481 -43.84 47.61 5.38
CA LEU C 481 -42.60 48.29 4.99
C LEU C 481 -42.46 48.31 3.44
N ASN C 482 -42.88 47.22 2.79
CA ASN C 482 -42.77 47.19 1.34
C ASN C 482 -43.72 48.22 0.72
N VAL C 483 -44.96 48.28 1.23
CA VAL C 483 -45.89 49.25 0.69
C VAL C 483 -45.25 50.62 0.69
N LEU C 484 -44.59 50.97 1.80
CA LEU C 484 -43.94 52.25 1.92
C LEU C 484 -42.76 52.36 0.98
N ILE C 485 -41.98 51.30 0.89
CA ILE C 485 -40.84 51.35 0.01
C ILE C 485 -41.28 51.61 -1.43
N LYS C 486 -42.46 51.08 -1.79
CA LYS C 486 -43.00 51.28 -3.13
C LYS C 486 -43.45 52.75 -3.36
N GLN C 487 -43.86 53.42 -2.30
CA GLN C 487 -44.30 54.79 -2.43
C GLN C 487 -43.09 55.66 -2.71
N GLY C 488 -41.91 55.11 -2.44
CA GLY C 488 -40.69 55.86 -2.62
C GLY C 488 -40.28 56.31 -1.23
N LEU C 489 -39.50 55.48 -0.56
CA LEU C 489 -39.10 55.81 0.79
C LEU C 489 -37.64 56.26 0.83
N THR C 490 -37.41 57.42 1.43
CA THR C 490 -36.07 57.96 1.55
C THR C 490 -35.58 57.68 2.98
N VAL C 491 -34.28 57.43 3.12
CA VAL C 491 -33.69 57.14 4.43
C VAL C 491 -34.10 58.18 5.45
N ASP C 492 -34.40 59.37 4.98
CA ASP C 492 -34.82 60.46 5.85
C ASP C 492 -36.24 60.20 6.35
N GLU C 493 -37.17 59.96 5.42
CA GLU C 493 -38.55 59.72 5.80
C GLU C 493 -38.67 58.47 6.68
N LEU C 494 -37.72 57.54 6.53
CA LEU C 494 -37.74 56.32 7.33
C LEU C 494 -37.30 56.63 8.73
N GLY C 495 -36.21 57.36 8.86
CA GLY C 495 -35.73 57.71 10.18
C GLY C 495 -36.67 58.62 10.96
N ASP C 496 -37.78 59.00 10.34
CA ASP C 496 -38.74 59.87 11.00
C ASP C 496 -39.95 59.15 11.54
N MET C 497 -40.03 57.84 11.29
CA MET C 497 -41.16 57.07 11.78
C MET C 497 -40.94 56.83 13.28
N ASP C 498 -41.98 56.33 13.96
CA ASP C 498 -41.86 56.05 15.40
C ASP C 498 -41.55 54.57 15.59
N GLU C 499 -40.37 54.29 16.13
CA GLU C 499 -39.94 52.92 16.36
C GLU C 499 -40.35 52.38 17.73
N LEU C 500 -40.60 51.07 17.77
CA LEU C 500 -40.99 50.41 19.00
C LEU C 500 -39.82 49.56 19.47
N PHE C 501 -38.85 50.18 20.14
CA PHE C 501 -37.65 49.51 20.63
C PHE C 501 -37.92 48.57 21.80
N LEU C 502 -37.30 47.38 21.81
CA LEU C 502 -36.39 46.94 20.75
C LEU C 502 -37.24 46.43 19.62
N ASN C 503 -36.92 46.85 18.40
CA ASN C 503 -37.68 46.42 17.24
C ASN C 503 -36.93 45.37 16.39
N PRO C 504 -37.59 44.27 16.03
CA PRO C 504 -36.90 43.27 15.21
C PRO C 504 -36.09 43.94 14.08
N THR C 505 -36.63 45.00 13.48
CA THR C 505 -35.91 45.73 12.42
C THR C 505 -35.49 47.07 13.02
N HIS C 506 -34.18 47.30 13.12
CA HIS C 506 -33.69 48.55 13.67
C HIS C 506 -33.55 49.65 12.62
N PHE C 507 -34.14 49.44 11.45
CA PHE C 507 -34.04 50.39 10.35
C PHE C 507 -34.39 51.84 10.70
N ILE C 508 -35.55 52.03 11.32
CA ILE C 508 -36.00 53.36 11.67
C ILE C 508 -34.87 54.17 12.29
N GLN C 509 -34.58 53.96 13.57
CA GLN C 509 -33.53 54.71 14.24
C GLN C 509 -32.24 54.85 13.45
N LEU C 510 -31.67 53.72 13.01
CA LEU C 510 -30.43 53.75 12.25
C LEU C 510 -30.48 54.70 11.04
N SER C 511 -31.66 54.81 10.43
CA SER C 511 -31.83 55.69 9.27
C SER C 511 -31.77 57.14 9.73
N ARG C 512 -32.53 57.46 10.77
CA ARG C 512 -32.60 58.81 11.33
C ARG C 512 -31.21 59.36 11.58
N LEU C 513 -30.35 58.48 12.05
CA LEU C 513 -28.98 58.83 12.37
C LEU C 513 -28.16 59.00 11.10
N ARG C 514 -28.14 57.99 10.26
CA ARG C 514 -27.38 58.04 9.01
C ARG C 514 -27.83 59.19 8.12
N ALA C 515 -29.15 59.38 8.04
CA ALA C 515 -29.74 60.44 7.23
C ALA C 515 -29.22 61.81 7.67
N GLY C 516 -28.85 61.93 8.93
CA GLY C 516 -28.36 63.19 9.44
C GLY C 516 -27.06 63.60 8.78
N SER C 517 -26.23 62.62 8.45
CA SER C 517 -24.95 62.91 7.80
C SER C 517 -25.16 63.54 6.43
N LYS C 518 -24.17 64.32 5.98
CA LYS C 518 -24.26 64.98 4.68
C LYS C 518 -24.24 63.94 3.56
N ASN C 519 -23.30 63.01 3.64
CA ASN C 519 -23.16 61.94 2.66
C ASN C 519 -23.45 60.62 3.36
N LEU C 520 -24.44 59.89 2.87
CA LEU C 520 -24.85 58.61 3.47
C LEU C 520 -23.75 57.55 3.60
N VAL C 521 -22.69 57.67 2.80
CA VAL C 521 -21.59 56.70 2.87
C VAL C 521 -21.14 56.45 4.30
N SER C 522 -20.89 55.19 4.64
CA SER C 522 -20.44 54.82 5.99
C SER C 522 -20.29 53.31 6.20
N LEU C 523 -21.38 52.58 6.03
CA LEU C 523 -21.41 51.13 6.19
C LEU C 523 -20.79 50.66 7.53
N LYS D 2 -8.61 59.93 39.91
CA LYS D 2 -9.89 60.68 40.01
C LYS D 2 -10.36 61.15 38.63
N VAL D 3 -9.47 61.76 37.86
CA VAL D 3 -9.83 62.24 36.52
C VAL D 3 -8.92 61.65 35.45
N TRP D 4 -9.52 60.85 34.58
CA TRP D 4 -8.81 60.19 33.49
C TRP D 4 -9.01 60.86 32.13
N ASN D 5 -7.91 61.40 31.61
CA ASN D 5 -7.93 62.06 30.31
C ASN D 5 -7.86 60.96 29.25
N ALA D 6 -9.03 60.46 28.88
CA ALA D 6 -9.11 59.39 27.90
C ALA D 6 -8.93 59.92 26.49
N ARG D 7 -9.01 61.24 26.33
CA ARG D 7 -8.87 61.88 25.03
C ARG D 7 -7.98 61.13 24.05
N ASN D 8 -6.74 60.90 24.42
CA ASN D 8 -5.83 60.19 23.53
C ASN D 8 -5.42 58.80 24.07
N ASP D 9 -6.36 57.87 24.04
CA ASP D 9 -6.08 56.52 24.51
C ASP D 9 -6.59 55.46 23.53
N HIS D 10 -7.67 55.79 22.83
CA HIS D 10 -8.25 54.89 21.83
C HIS D 10 -8.31 53.46 22.33
N LEU D 11 -9.24 53.21 23.26
CA LEU D 11 -9.41 51.89 23.83
C LEU D 11 -10.21 51.04 22.87
N THR D 12 -10.12 49.73 23.07
CA THR D 12 -10.83 48.76 22.23
C THR D 12 -12.22 48.58 22.79
N ILE D 13 -13.18 48.29 21.92
CA ILE D 13 -14.56 48.05 22.35
C ILE D 13 -14.54 47.17 23.59
N ASN D 14 -13.71 46.13 23.55
CA ASN D 14 -13.56 45.20 24.66
C ASN D 14 -12.97 45.93 25.86
N GLN D 15 -11.86 46.63 25.66
CA GLN D 15 -11.20 47.37 26.72
C GLN D 15 -12.20 48.29 27.39
N TRP D 16 -13.03 48.90 26.56
CA TRP D 16 -14.05 49.78 27.07
C TRP D 16 -14.98 48.98 27.97
N ALA D 17 -15.37 47.79 27.51
CA ALA D 17 -16.26 46.94 28.29
C ALA D 17 -15.65 46.51 29.61
N THR D 18 -14.38 46.13 29.59
CA THR D 18 -13.71 45.72 30.82
C THR D 18 -13.54 46.94 31.72
N ARG D 19 -13.16 48.06 31.11
CA ARG D 19 -12.96 49.31 31.83
C ARG D 19 -14.27 49.76 32.49
N ILE D 20 -15.33 49.75 31.69
CA ILE D 20 -16.65 50.14 32.16
C ILE D 20 -17.05 49.30 33.35
N ASP D 21 -16.86 47.98 33.23
CA ASP D 21 -17.21 47.07 34.33
C ASP D 21 -16.45 47.48 35.59
N GLU D 22 -15.13 47.54 35.50
CA GLU D 22 -14.29 47.93 36.63
C GLU D 22 -14.81 49.22 37.29
N ILE D 23 -14.98 50.28 36.50
CA ILE D 23 -15.46 51.54 37.04
C ILE D 23 -16.80 51.31 37.72
N LEU D 24 -17.68 50.62 37.02
CA LEU D 24 -19.03 50.32 37.49
C LEU D 24 -19.06 49.54 38.80
N GLU D 25 -18.02 48.75 39.05
CA GLU D 25 -17.94 47.95 40.27
C GLU D 25 -16.91 48.46 41.28
N ALA D 26 -16.14 49.48 40.91
CA ALA D 26 -15.15 50.06 41.82
C ALA D 26 -15.90 50.65 43.02
N PRO D 27 -15.43 50.36 44.24
CA PRO D 27 -16.08 50.86 45.46
C PRO D 27 -16.23 52.36 45.64
N ASP D 28 -15.27 53.13 45.13
CA ASP D 28 -15.33 54.59 45.28
C ASP D 28 -16.01 55.35 44.15
N GLY D 29 -16.60 54.61 43.21
CA GLY D 29 -17.27 55.26 42.09
C GLY D 29 -16.34 55.36 40.90
N GLY D 30 -15.13 54.85 41.07
CA GLY D 30 -14.17 54.86 39.99
C GLY D 30 -13.79 56.23 39.48
N GLU D 31 -12.96 56.25 38.43
CA GLU D 31 -12.47 57.47 37.82
C GLU D 31 -13.41 58.14 36.82
N VAL D 32 -13.09 59.38 36.48
CA VAL D 32 -13.91 60.13 35.56
C VAL D 32 -13.40 60.01 34.14
N ILE D 33 -14.27 59.60 33.23
CA ILE D 33 -13.89 59.48 31.83
C ILE D 33 -13.96 60.87 31.23
N TYR D 34 -12.80 61.44 30.97
CA TYR D 34 -12.72 62.78 30.41
C TYR D 34 -12.31 62.70 28.95
N ASN D 35 -13.23 63.02 28.05
CA ASN D 35 -12.93 62.99 26.62
C ASN D 35 -13.40 64.25 25.89
N VAL D 36 -12.56 65.28 25.90
CA VAL D 36 -12.86 66.53 25.20
C VAL D 36 -11.73 66.94 24.27
N ASP D 37 -12.10 67.45 23.11
CA ASP D 37 -11.17 67.90 22.10
C ASP D 37 -10.54 69.21 22.56
N GLU D 38 -9.34 69.14 23.14
CA GLU D 38 -8.68 70.32 23.66
C GLU D 38 -7.85 71.09 22.63
N ASN D 39 -8.33 71.13 21.39
CA ASN D 39 -7.65 71.85 20.32
C ASN D 39 -8.70 72.69 19.61
N ASP D 40 -9.95 72.24 19.67
CA ASP D 40 -11.05 72.92 19.03
C ASP D 40 -11.24 74.30 19.64
N PRO D 41 -11.31 75.34 18.80
CA PRO D 41 -11.49 76.71 19.27
C PRO D 41 -12.97 77.07 19.46
N ARG D 42 -13.82 76.60 18.57
CA ARG D 42 -15.23 76.93 18.66
C ARG D 42 -15.84 76.56 20.00
N GLU D 43 -16.85 77.31 20.40
CA GLU D 43 -17.55 77.10 21.66
C GLU D 43 -18.59 76.01 21.45
N TYR D 44 -19.03 75.39 22.53
CA TYR D 44 -20.07 74.36 22.44
C TYR D 44 -21.42 74.96 22.04
N ASP D 45 -22.04 74.39 21.02
CA ASP D 45 -23.33 74.85 20.54
C ASP D 45 -24.41 74.38 21.50
N ALA D 46 -24.05 73.41 22.33
CA ALA D 46 -24.93 72.86 23.34
C ALA D 46 -24.21 71.80 24.14
N ILE D 47 -24.50 71.76 25.43
CA ILE D 47 -23.93 70.75 26.31
C ILE D 47 -25.10 69.89 26.71
N PHE D 48 -24.96 68.59 26.53
CA PHE D 48 -26.03 67.69 26.89
C PHE D 48 -25.91 67.20 28.31
N ILE D 49 -26.87 67.59 29.14
CA ILE D 49 -26.85 67.14 30.51
C ILE D 49 -27.46 65.73 30.48
N GLY D 50 -26.59 64.74 30.54
CA GLY D 50 -27.04 63.37 30.47
C GLY D 50 -26.81 62.86 29.07
N GLY D 51 -26.17 61.69 28.97
CA GLY D 51 -25.87 61.12 27.67
C GLY D 51 -26.58 59.82 27.42
N GLY D 52 -27.90 59.84 27.58
CA GLY D 52 -28.69 58.63 27.37
C GLY D 52 -29.32 58.61 26.00
N ALA D 53 -30.49 57.99 25.90
CA ALA D 53 -31.19 57.92 24.63
C ALA D 53 -31.18 59.28 23.94
N ALA D 54 -31.82 60.25 24.59
CA ALA D 54 -31.92 61.62 24.06
C ALA D 54 -30.56 62.29 23.95
N GLY D 55 -29.77 62.21 25.01
CA GLY D 55 -28.46 62.84 25.02
C GLY D 55 -27.50 62.33 23.95
N ARG D 56 -27.28 61.03 23.93
CA ARG D 56 -26.36 60.43 22.96
C ARG D 56 -26.76 60.74 21.52
N PHE D 57 -28.01 60.46 21.18
CA PHE D 57 -28.55 60.69 19.86
C PHE D 57 -28.41 62.15 19.47
N GLY D 58 -28.87 63.03 20.38
CA GLY D 58 -28.78 64.46 20.15
C GLY D 58 -27.38 64.91 19.78
N SER D 59 -26.41 64.58 20.62
CA SER D 59 -25.03 64.95 20.34
C SER D 59 -24.64 64.44 18.97
N ALA D 60 -24.92 63.15 18.74
CA ALA D 60 -24.59 62.52 17.48
C ALA D 60 -25.10 63.37 16.32
N TYR D 61 -26.38 63.73 16.38
CA TYR D 61 -26.97 64.50 15.32
C TYR D 61 -26.37 65.91 15.20
N LEU D 62 -26.24 66.60 16.32
CA LEU D 62 -25.66 67.94 16.29
C LEU D 62 -24.26 67.84 15.70
N ARG D 63 -23.43 66.96 16.24
CA ARG D 63 -22.06 66.78 15.75
C ARG D 63 -22.03 66.58 14.23
N ALA D 64 -23.01 65.86 13.73
CA ALA D 64 -23.12 65.57 12.31
C ALA D 64 -23.41 66.84 11.53
N MET D 65 -24.04 67.80 12.19
CA MET D 65 -24.41 69.05 11.56
C MET D 65 -23.30 70.09 11.56
N GLY D 66 -22.13 69.73 12.07
CA GLY D 66 -21.02 70.67 12.08
C GLY D 66 -20.84 71.38 13.39
N GLY D 67 -21.81 71.26 14.29
CA GLY D 67 -21.72 71.91 15.59
C GLY D 67 -20.80 71.16 16.55
N ARG D 68 -20.52 71.78 17.69
CA ARG D 68 -19.67 71.18 18.71
C ARG D 68 -20.58 70.86 19.90
N GLN D 69 -20.37 69.70 20.52
CA GLN D 69 -21.21 69.30 21.65
C GLN D 69 -20.42 68.65 22.78
N LEU D 70 -21.03 68.63 23.96
CA LEU D 70 -20.40 68.00 25.12
C LEU D 70 -21.47 67.24 25.92
N ILE D 71 -21.13 66.01 26.28
CA ILE D 71 -22.01 65.15 27.04
C ILE D 71 -21.45 64.95 28.44
N VAL D 72 -22.33 64.95 29.43
CA VAL D 72 -21.92 64.71 30.81
C VAL D 72 -22.88 63.71 31.44
N ASP D 73 -22.35 62.57 31.87
CA ASP D 73 -23.19 61.54 32.49
C ASP D 73 -22.60 60.93 33.76
N ARG D 74 -23.48 60.65 34.72
CA ARG D 74 -23.09 60.04 36.00
C ARG D 74 -22.52 58.66 35.73
N TRP D 75 -23.11 57.99 34.73
CA TRP D 75 -22.70 56.65 34.32
C TRP D 75 -21.47 56.72 33.42
N PRO D 76 -20.58 55.72 33.50
CA PRO D 76 -19.36 55.67 32.71
C PRO D 76 -19.58 55.29 31.26
N PHE D 77 -20.84 55.24 30.84
CA PHE D 77 -21.13 54.85 29.46
C PHE D 77 -22.29 55.68 28.91
N LEU D 78 -22.39 55.75 27.59
CA LEU D 78 -23.49 56.50 26.96
C LEU D 78 -24.59 55.47 26.72
N GLY D 79 -25.82 55.92 26.49
CA GLY D 79 -26.90 54.97 26.23
C GLY D 79 -28.15 55.09 27.07
N GLY D 80 -27.99 55.43 28.34
CA GLY D 80 -29.14 55.58 29.22
C GLY D 80 -29.66 54.32 29.91
N SER D 81 -30.86 54.42 30.46
CA SER D 81 -31.48 53.31 31.17
C SER D 81 -31.73 52.05 30.32
N CYS D 82 -32.27 52.28 29.13
CA CYS D 82 -32.64 51.25 28.17
C CYS D 82 -31.70 50.06 28.09
N PRO D 83 -30.40 50.30 27.86
CA PRO D 83 -29.43 49.22 27.76
C PRO D 83 -28.76 48.81 29.08
N HIS D 84 -29.20 49.36 30.20
CA HIS D 84 -28.56 49.03 31.48
C HIS D 84 -29.55 48.55 32.55
N ASN D 85 -30.80 48.99 32.45
CA ASN D 85 -31.80 48.56 33.41
C ASN D 85 -33.20 48.81 32.90
N ALA D 86 -33.31 49.25 31.65
CA ALA D 86 -34.63 49.51 31.08
C ALA D 86 -35.05 48.51 29.99
N CYS D 87 -35.37 49.02 28.80
CA CYS D 87 -35.83 48.21 27.68
C CYS D 87 -35.22 46.83 27.56
N VAL D 88 -33.94 46.83 27.22
CA VAL D 88 -33.15 45.62 27.02
C VAL D 88 -33.37 44.54 28.07
N PRO D 89 -32.85 44.73 29.29
CA PRO D 89 -33.06 43.67 30.29
C PRO D 89 -34.54 43.27 30.40
N HIS D 90 -35.42 44.23 30.13
CA HIS D 90 -36.86 44.03 30.21
C HIS D 90 -37.29 43.09 29.11
N HIS D 91 -36.65 43.22 27.95
CA HIS D 91 -36.96 42.36 26.82
C HIS D 91 -36.56 40.96 27.15
N LEU D 92 -35.36 40.83 27.70
CA LEU D 92 -34.83 39.55 28.10
C LEU D 92 -35.84 38.80 28.98
N PHE D 93 -36.43 39.51 29.93
CA PHE D 93 -37.41 38.92 30.85
C PHE D 93 -38.70 38.60 30.11
N SER D 94 -39.00 39.38 29.07
CA SER D 94 -40.21 39.15 28.29
C SER D 94 -40.04 37.89 27.45
N ASP D 95 -38.86 37.75 26.84
CA ASP D 95 -38.55 36.58 26.03
C ASP D 95 -38.73 35.35 26.91
N CYS D 96 -38.17 35.43 28.11
CA CYS D 96 -38.27 34.35 29.09
C CYS D 96 -39.73 34.05 29.46
N ALA D 97 -40.52 35.09 29.65
CA ALA D 97 -41.91 34.90 29.99
C ALA D 97 -42.71 34.21 28.85
N ALA D 98 -42.47 34.60 27.60
CA ALA D 98 -43.17 34.01 26.45
C ALA D 98 -42.82 32.53 26.31
N GLU D 99 -41.53 32.23 26.47
CA GLU D 99 -41.05 30.88 26.36
C GLU D 99 -41.62 30.03 27.49
N LEU D 100 -41.48 30.53 28.73
CA LEU D 100 -41.96 29.80 29.88
C LEU D 100 -43.44 29.52 29.78
N MET D 101 -44.19 30.45 29.21
CA MET D 101 -45.63 30.24 29.07
C MET D 101 -45.84 29.10 28.09
N LEU D 102 -44.88 28.89 27.19
CA LEU D 102 -45.00 27.83 26.20
C LEU D 102 -44.63 26.51 26.87
N ALA D 103 -43.39 26.46 27.36
CA ALA D 103 -42.85 25.30 28.06
C ALA D 103 -43.83 24.77 29.08
N ARG D 104 -44.49 25.68 29.79
CA ARG D 104 -45.44 25.30 30.82
C ARG D 104 -46.77 24.82 30.27
N THR D 105 -47.14 25.33 29.10
CA THR D 105 -48.40 24.95 28.49
C THR D 105 -48.31 23.56 27.89
N PHE D 106 -47.08 23.15 27.57
CA PHE D 106 -46.88 21.85 26.99
C PHE D 106 -45.92 21.05 27.85
N SER D 107 -46.06 21.23 29.16
CA SER D 107 -45.22 20.55 30.14
C SER D 107 -45.27 19.07 29.87
N GLY D 108 -44.11 18.44 29.80
CA GLY D 108 -44.04 17.01 29.54
C GLY D 108 -44.12 16.67 28.07
N GLN D 109 -45.07 17.28 27.38
CA GLN D 109 -45.30 17.06 25.96
C GLN D 109 -44.13 17.40 25.03
N TYR D 110 -44.01 16.65 23.93
CA TYR D 110 -42.96 16.86 22.96
C TYR D 110 -41.56 16.94 23.59
N TRP D 111 -40.80 18.00 23.29
CA TRP D 111 -39.46 18.15 23.85
C TRP D 111 -39.52 19.02 25.10
N PHE D 112 -40.74 19.27 25.57
CA PHE D 112 -40.94 20.12 26.73
C PHE D 112 -40.91 19.39 28.07
N PRO D 113 -39.93 19.75 28.91
CA PRO D 113 -39.80 19.14 30.24
C PRO D 113 -41.01 19.47 31.08
N ASP D 114 -41.25 18.66 32.11
CA ASP D 114 -42.38 18.88 33.00
C ASP D 114 -42.08 20.13 33.83
N MET D 115 -43.01 21.08 33.83
CA MET D 115 -42.78 22.29 34.59
C MET D 115 -43.37 22.22 35.99
N THR D 116 -44.27 21.26 36.20
CA THR D 116 -44.91 21.09 37.50
C THR D 116 -43.84 21.23 38.58
N GLU D 117 -44.12 22.04 39.61
CA GLU D 117 -43.17 22.21 40.72
C GLU D 117 -41.85 22.88 40.32
N LYS D 118 -41.63 23.11 39.03
CA LYS D 118 -40.40 23.74 38.57
C LYS D 118 -40.45 25.26 38.64
N VAL D 119 -39.51 25.85 39.37
CA VAL D 119 -39.43 27.29 39.48
C VAL D 119 -38.08 27.67 38.87
N VAL D 120 -38.10 28.64 37.97
CA VAL D 120 -36.90 29.08 37.29
C VAL D 120 -36.13 30.06 38.16
N GLY D 121 -34.81 30.07 38.00
CA GLY D 121 -33.99 30.98 38.75
C GLY D 121 -34.03 32.39 38.18
N ILE D 122 -34.65 33.30 38.91
CA ILE D 122 -34.71 34.69 38.48
C ILE D 122 -33.27 35.20 38.53
N LYS D 123 -32.70 35.27 39.72
CA LYS D 123 -31.33 35.75 39.87
C LYS D 123 -30.43 35.33 38.70
N GLU D 124 -30.44 34.03 38.40
CA GLU D 124 -29.62 33.46 37.35
C GLU D 124 -29.81 34.17 36.02
N VAL D 125 -31.04 34.53 35.68
CA VAL D 125 -31.25 35.22 34.42
C VAL D 125 -30.74 36.63 34.52
N VAL D 126 -31.17 37.36 35.56
CA VAL D 126 -30.74 38.75 35.71
C VAL D 126 -29.22 38.82 35.81
N ASP D 127 -28.58 37.71 36.17
CA ASP D 127 -27.13 37.64 36.27
C ASP D 127 -26.57 37.54 34.84
N LEU D 128 -27.31 36.85 33.97
CA LEU D 128 -26.89 36.68 32.58
C LEU D 128 -26.91 38.06 31.95
N PHE D 129 -27.88 38.86 32.33
CA PHE D 129 -27.96 40.20 31.80
C PHE D 129 -26.69 40.99 32.16
N ARG D 130 -26.42 41.08 33.47
CA ARG D 130 -25.27 41.80 34.01
C ARG D 130 -23.95 41.30 33.42
N ALA D 131 -23.91 40.03 33.05
CA ALA D 131 -22.69 39.45 32.48
C ALA D 131 -22.42 39.88 31.01
N GLY D 132 -23.40 40.49 30.36
CA GLY D 132 -23.21 40.91 28.98
C GLY D 132 -23.63 42.33 28.62
N ARG D 133 -24.35 43.00 29.51
CA ARG D 133 -24.82 44.35 29.23
C ARG D 133 -23.72 45.37 28.92
N ASN D 134 -22.52 45.15 29.46
CA ASN D 134 -21.40 46.06 29.24
C ASN D 134 -20.78 45.97 27.85
N GLY D 135 -21.19 44.99 27.05
CA GLY D 135 -20.64 44.86 25.71
C GLY D 135 -21.11 46.04 24.89
N PRO D 136 -22.43 46.19 24.75
CA PRO D 136 -23.01 47.29 23.98
C PRO D 136 -22.54 48.67 24.48
N HIS D 137 -22.32 48.79 25.79
CA HIS D 137 -21.84 50.06 26.35
C HIS D 137 -20.47 50.26 25.72
N GLY D 138 -19.60 49.28 25.94
CA GLY D 138 -18.25 49.32 25.39
C GLY D 138 -18.30 49.78 23.96
N ILE D 139 -19.29 49.30 23.22
CA ILE D 139 -19.45 49.65 21.82
C ILE D 139 -19.92 51.09 21.63
N MET D 140 -20.91 51.48 22.43
CA MET D 140 -21.47 52.83 22.38
C MET D 140 -20.38 53.87 22.64
N ASN D 141 -19.48 53.57 23.58
CA ASN D 141 -18.40 54.48 23.92
C ASN D 141 -17.33 54.55 22.84
N PHE D 142 -16.75 53.42 22.49
CA PHE D 142 -15.71 53.38 21.46
C PHE D 142 -16.20 54.03 20.16
N GLN D 143 -17.38 53.61 19.73
CA GLN D 143 -17.98 54.10 18.50
C GLN D 143 -18.26 55.61 18.54
N SER D 144 -18.72 56.10 19.69
CA SER D 144 -19.04 57.52 19.85
C SER D 144 -17.83 58.44 19.85
N LYS D 145 -16.77 58.02 20.52
CA LYS D 145 -15.55 58.81 20.59
C LYS D 145 -14.68 58.73 19.33
N GLU D 146 -14.49 57.50 18.84
CA GLU D 146 -13.66 57.26 17.67
C GLU D 146 -14.30 57.53 16.32
N GLN D 147 -15.56 57.13 16.17
CA GLN D 147 -16.25 57.30 14.89
C GLN D 147 -17.01 58.60 14.74
N LEU D 148 -17.79 58.97 15.74
CA LEU D 148 -18.58 60.20 15.66
C LEU D 148 -17.89 61.44 16.23
N ASN D 149 -16.66 61.26 16.70
CA ASN D 149 -15.89 62.38 17.28
C ASN D 149 -16.65 63.17 18.35
N LEU D 150 -17.67 62.55 18.92
CA LEU D 150 -18.45 63.18 19.99
C LEU D 150 -17.57 63.42 21.22
N GLU D 151 -17.80 64.52 21.91
CA GLU D 151 -17.04 64.82 23.11
C GLU D 151 -17.92 64.55 24.32
N TYR D 152 -17.34 63.95 25.35
CA TYR D 152 -18.11 63.64 26.54
C TYR D 152 -17.28 63.44 27.82
N ILE D 153 -18.01 63.38 28.92
CA ILE D 153 -17.40 63.18 30.22
C ILE D 153 -18.35 62.20 30.92
N LEU D 154 -17.87 60.99 31.16
CA LEU D 154 -18.66 59.96 31.78
C LEU D 154 -18.23 59.65 33.20
N ASN D 155 -19.11 59.02 33.95
CA ASN D 155 -18.87 58.68 35.35
C ASN D 155 -18.59 59.96 36.11
N CYS D 156 -19.51 60.91 36.00
CA CYS D 156 -19.39 62.20 36.69
C CYS D 156 -20.69 62.98 36.67
N PRO D 157 -21.21 63.34 37.84
CA PRO D 157 -22.46 64.10 37.83
C PRO D 157 -22.23 65.51 37.27
N ALA D 158 -23.20 66.03 36.54
CA ALA D 158 -23.08 67.36 35.95
C ALA D 158 -23.60 68.42 36.92
N LYS D 159 -22.90 69.55 36.98
CA LYS D 159 -23.28 70.67 37.86
C LYS D 159 -23.67 71.87 36.99
N VAL D 160 -24.94 71.97 36.61
CA VAL D 160 -25.35 73.09 35.79
C VAL D 160 -25.24 74.36 36.63
N ILE D 161 -24.16 75.10 36.43
CA ILE D 161 -23.93 76.35 37.17
C ILE D 161 -24.94 77.41 36.80
N ASP D 162 -25.21 77.53 35.50
CA ASP D 162 -26.19 78.48 35.02
C ASP D 162 -26.61 78.16 33.59
N ASN D 163 -27.31 79.12 33.00
CA ASN D 163 -27.84 79.05 31.64
C ASN D 163 -26.81 78.79 30.54
N HIS D 164 -25.56 79.20 30.75
CA HIS D 164 -24.54 79.00 29.74
C HIS D 164 -23.29 78.29 30.25
N THR D 165 -23.30 77.94 31.54
CA THR D 165 -22.13 77.27 32.11
C THR D 165 -22.45 75.99 32.87
N VAL D 166 -21.61 74.98 32.65
CA VAL D 166 -21.75 73.68 33.30
C VAL D 166 -20.37 73.30 33.79
N GLU D 167 -20.31 72.51 34.84
CA GLU D 167 -19.03 72.11 35.40
C GLU D 167 -18.94 70.60 35.55
N ALA D 168 -17.77 70.05 35.23
CA ALA D 168 -17.55 68.61 35.32
C ALA D 168 -16.07 68.32 35.38
N ALA D 169 -15.71 67.23 36.05
CA ALA D 169 -14.31 66.83 36.18
C ALA D 169 -13.47 67.94 36.83
N GLY D 170 -14.14 68.85 37.53
CA GLY D 170 -13.42 69.92 38.18
C GLY D 170 -13.10 71.10 37.27
N LYS D 171 -13.64 71.07 36.05
CA LYS D 171 -13.43 72.14 35.09
C LYS D 171 -14.76 72.84 34.81
N VAL D 172 -14.69 74.02 34.21
CA VAL D 172 -15.90 74.77 33.90
C VAL D 172 -16.10 74.90 32.39
N PHE D 173 -17.34 74.73 31.92
CA PHE D 173 -17.61 74.82 30.49
C PHE D 173 -18.73 75.79 30.16
N LYS D 174 -18.61 76.42 29.00
CA LYS D 174 -19.60 77.36 28.52
C LYS D 174 -20.13 76.92 27.15
N ALA D 175 -21.42 77.10 26.94
CA ALA D 175 -22.01 76.71 25.68
C ALA D 175 -23.11 77.67 25.28
N LYS D 176 -23.22 77.91 23.98
CA LYS D 176 -24.25 78.80 23.47
C LYS D 176 -25.61 78.30 23.92
N ASN D 177 -25.74 77.00 24.12
CA ASN D 177 -27.00 76.43 24.54
C ASN D 177 -26.82 75.30 25.55
N LEU D 178 -27.93 74.86 26.12
CA LEU D 178 -27.93 73.76 27.07
C LEU D 178 -29.11 72.86 26.74
N ILE D 179 -28.85 71.56 26.70
CA ILE D 179 -29.92 70.63 26.43
C ILE D 179 -29.94 69.54 27.50
N LEU D 180 -31.02 69.60 28.29
CA LEU D 180 -31.25 68.72 29.42
C LEU D 180 -31.81 67.37 28.94
N ALA D 181 -31.05 66.32 29.18
CA ALA D 181 -31.44 64.97 28.76
C ALA D 181 -31.13 63.98 29.88
N VAL D 182 -31.59 64.35 31.07
CA VAL D 182 -31.37 63.57 32.28
C VAL D 182 -32.40 62.44 32.51
N GLY D 183 -33.47 62.45 31.73
CA GLY D 183 -34.48 61.41 31.87
C GLY D 183 -35.16 61.37 33.23
N ALA D 184 -35.88 60.28 33.49
CA ALA D 184 -36.61 60.11 34.74
C ALA D 184 -36.07 58.99 35.61
N GLY D 185 -36.34 59.08 36.91
CA GLY D 185 -35.88 58.07 37.86
C GLY D 185 -37.02 57.14 38.24
N PRO D 186 -36.70 55.89 38.62
CA PRO D 186 -37.76 54.95 38.99
C PRO D 186 -38.72 55.48 40.05
N GLY D 187 -40.01 55.24 39.83
CA GLY D 187 -41.01 55.68 40.79
C GLY D 187 -40.83 54.98 42.11
N THR D 188 -41.53 55.45 43.14
CA THR D 188 -41.39 54.85 44.46
C THR D 188 -42.68 54.90 45.28
N LEU D 189 -42.68 54.13 46.36
CA LEU D 189 -43.83 54.06 47.24
C LEU D 189 -43.47 54.67 48.62
N ASP D 190 -44.26 55.65 49.05
CA ASP D 190 -44.04 56.30 50.33
C ASP D 190 -44.83 55.50 51.36
N VAL D 191 -44.25 54.39 51.81
CA VAL D 191 -44.88 53.51 52.77
C VAL D 191 -43.80 52.93 53.71
N PRO D 192 -44.16 52.63 54.97
CA PRO D 192 -43.16 52.08 55.88
C PRO D 192 -42.69 50.68 55.43
N GLY D 193 -41.37 50.52 55.30
CA GLY D 193 -40.82 49.24 54.89
C GLY D 193 -40.30 49.28 53.46
N VAL D 194 -40.63 50.35 52.74
CA VAL D 194 -40.20 50.51 51.35
C VAL D 194 -38.73 50.23 51.14
N ASN D 195 -37.95 50.13 52.21
CA ASN D 195 -36.52 49.88 52.06
C ASN D 195 -36.02 48.49 52.47
N ALA D 196 -36.90 47.65 53.02
CA ALA D 196 -36.51 46.30 53.42
C ALA D 196 -35.80 45.60 52.25
N LYS D 197 -34.70 44.96 52.54
CA LYS D 197 -33.89 44.29 51.52
C LYS D 197 -34.63 43.61 50.35
N GLY D 198 -35.80 43.06 50.59
CA GLY D 198 -36.50 42.38 49.52
C GLY D 198 -37.18 43.21 48.44
N VAL D 199 -37.41 44.49 48.72
CA VAL D 199 -38.06 45.37 47.75
C VAL D 199 -37.13 45.69 46.57
N PHE D 200 -37.74 45.83 45.40
CA PHE D 200 -37.00 46.09 44.16
C PHE D 200 -37.81 46.88 43.12
N ASP D 201 -37.08 47.64 42.31
CA ASP D 201 -37.67 48.38 41.22
C ASP D 201 -36.86 47.96 40.00
N HIS D 202 -37.27 48.39 38.80
CA HIS D 202 -36.55 47.98 37.61
C HIS D 202 -35.03 48.25 37.63
N ALA D 203 -34.64 49.38 38.19
CA ALA D 203 -33.23 49.75 38.23
C ALA D 203 -32.42 48.95 39.24
N THR D 204 -32.91 48.95 40.46
CA THR D 204 -32.29 48.28 41.60
C THR D 204 -32.18 46.75 41.42
N LEU D 205 -33.12 46.18 40.69
CA LEU D 205 -33.17 44.74 40.45
C LEU D 205 -31.94 44.20 39.74
N VAL D 206 -31.37 45.00 38.85
CA VAL D 206 -30.21 44.55 38.10
C VAL D 206 -28.89 44.85 38.78
N GLU D 207 -28.98 45.31 40.02
CA GLU D 207 -27.79 45.66 40.78
C GLU D 207 -27.78 45.19 42.23
N GLU D 208 -28.91 44.68 42.70
CA GLU D 208 -29.02 44.24 44.09
C GLU D 208 -29.72 42.91 44.29
N LEU D 209 -29.84 42.11 43.24
CA LEU D 209 -30.48 40.83 43.41
C LEU D 209 -29.40 39.83 43.81
N ASP D 210 -29.03 39.87 45.10
CA ASP D 210 -27.98 39.00 45.64
C ASP D 210 -28.50 37.68 46.21
N TYR D 211 -29.79 37.41 46.00
CA TYR D 211 -30.41 36.19 46.48
C TYR D 211 -31.47 35.71 45.49
N GLU D 212 -32.01 34.53 45.75
CA GLU D 212 -33.05 33.95 44.88
C GLU D 212 -34.42 34.06 45.55
N PRO D 213 -35.34 34.87 44.96
CA PRO D 213 -36.70 35.05 45.52
C PRO D 213 -37.40 33.75 45.92
N GLY D 214 -38.49 33.89 46.68
CA GLY D 214 -39.25 32.73 47.11
C GLY D 214 -40.46 32.41 46.26
N SER D 215 -41.22 31.41 46.70
CA SER D 215 -42.41 30.95 46.00
C SER D 215 -43.50 31.99 45.71
N THR D 216 -43.32 33.23 46.18
CA THR D 216 -44.34 34.27 45.94
C THR D 216 -43.75 35.67 45.69
N VAL D 217 -44.33 36.39 44.73
CA VAL D 217 -43.86 37.73 44.39
C VAL D 217 -44.99 38.75 44.31
N VAL D 218 -44.74 39.92 44.89
CA VAL D 218 -45.72 40.99 44.87
C VAL D 218 -45.22 42.13 44.01
N VAL D 219 -46.04 42.49 43.01
CA VAL D 219 -45.70 43.56 42.09
C VAL D 219 -46.67 44.68 42.32
N VAL D 220 -46.13 45.89 42.45
CA VAL D 220 -46.94 47.07 42.66
C VAL D 220 -46.99 47.90 41.38
N GLY D 221 -48.17 47.95 40.74
CA GLY D 221 -48.33 48.70 39.52
C GLY D 221 -49.31 48.02 38.56
N GLY D 222 -49.75 48.72 37.52
CA GLY D 222 -50.69 48.14 36.58
C GLY D 222 -50.44 48.47 35.11
N SER D 223 -49.34 49.15 34.83
CA SER D 223 -49.02 49.50 33.46
C SER D 223 -47.89 48.62 32.93
N LYS D 224 -47.23 49.06 31.86
CA LYS D 224 -46.16 48.28 31.24
C LYS D 224 -45.23 47.51 32.16
N THR D 225 -44.16 48.16 32.58
CA THR D 225 -43.12 47.56 33.44
C THR D 225 -43.64 46.69 34.61
N ALA D 226 -44.82 47.04 35.12
CA ALA D 226 -45.43 46.26 36.20
C ALA D 226 -45.90 44.92 35.63
N VAL D 227 -46.56 44.96 34.48
CA VAL D 227 -47.06 43.76 33.81
C VAL D 227 -45.91 42.97 33.16
N GLU D 228 -44.95 43.69 32.59
CA GLU D 228 -43.82 43.07 31.94
C GLU D 228 -43.01 42.23 32.90
N TYR D 229 -42.48 42.84 33.95
CA TYR D 229 -41.73 42.07 34.94
C TYR D 229 -42.73 41.17 35.68
N GLY D 230 -43.99 41.57 35.70
CA GLY D 230 -45.03 40.82 36.36
C GLY D 230 -45.26 39.43 35.78
N CYS D 231 -45.38 39.35 34.46
CA CYS D 231 -45.60 38.07 33.78
C CYS D 231 -44.34 37.21 33.81
N PHE D 232 -43.18 37.83 33.81
CA PHE D 232 -41.94 37.08 33.84
C PHE D 232 -41.77 36.36 35.19
N PHE D 233 -42.12 37.04 36.29
CA PHE D 233 -42.00 36.41 37.61
C PHE D 233 -42.99 35.27 37.65
N ASN D 234 -44.22 35.55 37.22
CA ASN D 234 -45.27 34.53 37.16
C ASN D 234 -44.70 33.35 36.39
N ALA D 235 -44.15 33.66 35.22
CA ALA D 235 -43.56 32.65 34.36
C ALA D 235 -42.56 31.75 35.10
N THR D 236 -41.65 32.34 35.87
CA THR D 236 -40.66 31.55 36.61
C THR D 236 -41.32 30.59 37.59
N GLY D 237 -42.65 30.57 37.59
CA GLY D 237 -43.37 29.68 38.47
C GLY D 237 -43.50 30.16 39.90
N ARG D 238 -43.89 31.42 40.08
CA ARG D 238 -44.06 32.00 41.40
C ARG D 238 -45.42 32.67 41.46
N ARG D 239 -46.14 32.47 42.56
CA ARG D 239 -47.45 33.08 42.71
C ARG D 239 -47.23 34.58 42.63
N THR D 240 -47.77 35.21 41.58
CA THR D 240 -47.58 36.64 41.43
C THR D 240 -48.88 37.38 41.69
N VAL D 241 -48.84 38.28 42.67
CA VAL D 241 -49.99 39.08 43.02
C VAL D 241 -49.69 40.55 42.68
N MET D 242 -50.51 41.08 41.77
CA MET D 242 -50.39 42.45 41.33
C MET D 242 -51.33 43.34 42.11
N LEU D 243 -50.81 44.42 42.69
CA LEU D 243 -51.63 45.36 43.44
C LEU D 243 -51.68 46.64 42.62
N VAL D 244 -52.84 46.90 42.01
CA VAL D 244 -53.05 48.06 41.17
C VAL D 244 -53.86 49.16 41.84
N ARG D 245 -53.32 50.38 41.85
CA ARG D 245 -53.99 51.50 42.47
C ARG D 245 -55.34 51.75 41.86
N THR D 246 -55.39 51.73 40.53
CA THR D 246 -56.64 51.99 39.81
C THR D 246 -57.12 50.78 39.01
N GLU D 247 -56.72 50.74 37.74
CA GLU D 247 -57.06 49.65 36.85
C GLU D 247 -55.81 49.31 36.04
N PRO D 248 -55.59 48.00 35.81
CA PRO D 248 -54.43 47.51 35.05
C PRO D 248 -54.53 47.71 33.55
N LEU D 249 -53.41 47.97 32.93
CA LEU D 249 -53.33 48.13 31.47
C LEU D 249 -54.33 49.11 30.91
N LYS D 250 -54.32 50.31 31.44
CA LYS D 250 -55.24 51.32 30.97
C LYS D 250 -54.79 51.68 29.56
N LEU D 251 -53.50 51.52 29.31
CA LEU D 251 -52.88 51.84 28.02
C LEU D 251 -53.41 51.06 26.79
N ILE D 252 -54.27 50.08 27.03
CA ILE D 252 -54.88 49.27 25.97
C ILE D 252 -56.32 49.76 25.87
N LYS D 253 -56.54 50.76 25.02
CA LYS D 253 -57.84 51.40 24.88
C LYS D 253 -58.99 50.56 24.35
N ASP D 254 -58.70 49.60 23.51
CA ASP D 254 -59.76 48.74 23.02
C ASP D 254 -60.07 47.76 24.14
N ASN D 255 -61.30 47.79 24.63
CA ASN D 255 -61.72 46.90 25.72
C ASN D 255 -61.46 45.42 25.44
N GLU D 256 -62.03 44.89 24.36
CA GLU D 256 -61.84 43.49 24.02
C GLU D 256 -60.36 43.10 24.09
N THR D 257 -59.51 43.84 23.39
CA THR D 257 -58.09 43.52 23.39
C THR D 257 -57.61 43.39 24.84
N ARG D 258 -57.74 44.49 25.58
CA ARG D 258 -57.35 44.57 26.98
C ARG D 258 -57.93 43.40 27.78
N ALA D 259 -59.16 43.02 27.47
CA ALA D 259 -59.85 41.92 28.17
C ALA D 259 -59.14 40.61 27.93
N TYR D 260 -58.89 40.33 26.66
CA TYR D 260 -58.23 39.10 26.25
C TYR D 260 -56.87 38.99 26.93
N VAL D 261 -56.12 40.10 26.96
CA VAL D 261 -54.79 40.13 27.57
C VAL D 261 -54.86 39.73 29.04
N LEU D 262 -55.82 40.31 29.75
CA LEU D 262 -56.04 40.04 31.16
C LEU D 262 -56.39 38.56 31.40
N ASP D 263 -57.49 38.10 30.80
CA ASP D 263 -57.92 36.72 30.95
C ASP D 263 -56.73 35.75 30.76
N ARG D 264 -55.85 36.09 29.82
CA ARG D 264 -54.70 35.25 29.55
C ARG D 264 -53.78 35.24 30.78
N MET D 265 -53.58 36.41 31.35
CA MET D 265 -52.73 36.55 32.52
C MET D 265 -53.35 35.82 33.69
N LYS D 266 -54.63 36.11 33.94
CA LYS D 266 -55.34 35.45 35.02
C LYS D 266 -55.08 33.97 34.84
N GLU D 267 -55.38 33.50 33.64
CA GLU D 267 -55.21 32.11 33.28
C GLU D 267 -53.81 31.55 33.57
N GLN D 268 -52.87 32.43 33.87
CA GLN D 268 -51.51 31.98 34.16
C GLN D 268 -51.19 31.89 35.66
N GLY D 269 -52.20 32.16 36.48
CA GLY D 269 -51.99 32.13 37.91
C GLY D 269 -51.69 33.49 38.50
N MET D 270 -51.72 34.54 37.67
CA MET D 270 -51.47 35.89 38.17
C MET D 270 -52.75 36.39 38.80
N GLU D 271 -52.62 37.02 39.96
CA GLU D 271 -53.77 37.56 40.65
C GLU D 271 -53.62 39.06 40.59
N ILE D 272 -54.58 39.72 39.92
CA ILE D 272 -54.55 41.17 39.75
C ILE D 272 -55.59 41.93 40.55
N ILE D 273 -55.14 42.62 41.59
CA ILE D 273 -56.04 43.40 42.45
C ILE D 273 -56.15 44.88 42.03
N SER D 274 -57.37 45.30 41.70
CA SER D 274 -57.62 46.67 41.31
C SER D 274 -58.02 47.51 42.52
N GLY D 275 -57.57 48.75 42.56
CA GLY D 275 -57.91 49.63 43.68
C GLY D 275 -57.22 49.20 44.95
N SER D 276 -56.02 48.68 44.79
CA SER D 276 -55.24 48.22 45.91
C SER D 276 -54.04 49.12 46.18
N ASN D 277 -53.86 49.47 47.45
CA ASN D 277 -52.76 50.31 47.87
C ASN D 277 -51.99 49.61 48.99
N VAL D 278 -50.67 49.61 48.89
CA VAL D 278 -49.84 48.98 49.91
C VAL D 278 -49.90 49.79 51.20
N THR D 279 -50.24 49.10 52.28
CA THR D 279 -50.35 49.67 53.62
C THR D 279 -48.94 49.77 54.20
N ARG D 280 -48.22 48.66 54.17
CA ARG D 280 -46.85 48.63 54.67
C ARG D 280 -46.15 47.36 54.25
N ILE D 281 -44.84 47.32 54.48
CA ILE D 281 -44.02 46.17 54.13
C ILE D 281 -43.26 45.63 55.36
N GLU D 282 -43.73 44.49 55.86
CA GLU D 282 -43.13 43.85 57.04
C GLU D 282 -41.75 43.30 56.72
N GLU D 283 -40.86 43.31 57.72
CA GLU D 283 -39.50 42.82 57.53
C GLU D 283 -39.14 41.65 58.46
N ASP D 284 -37.85 41.37 58.53
CA ASP D 284 -37.31 40.30 59.39
C ASP D 284 -36.49 40.98 60.47
N ALA D 285 -36.04 40.20 61.45
CA ALA D 285 -35.19 40.77 62.49
C ALA D 285 -33.94 41.26 61.75
N ASN D 286 -33.71 40.67 60.59
CA ASN D 286 -32.57 41.02 59.77
C ASN D 286 -32.81 42.26 58.92
N GLY D 287 -34.07 42.51 58.56
CA GLY D 287 -34.38 43.68 57.75
C GLY D 287 -34.90 43.44 56.35
N ARG D 288 -34.98 42.18 55.92
CA ARG D 288 -35.47 41.87 54.58
C ARG D 288 -37.00 41.78 54.59
N VAL D 289 -37.61 41.96 53.41
CA VAL D 289 -39.06 41.89 53.30
C VAL D 289 -39.49 40.55 53.86
N GLN D 290 -40.74 40.49 54.32
CA GLN D 290 -41.27 39.28 54.90
C GLN D 290 -42.70 39.03 54.46
N ALA D 291 -43.42 40.13 54.25
CA ALA D 291 -44.82 40.08 53.82
C ALA D 291 -45.27 41.48 53.42
N VAL D 292 -46.38 41.57 52.71
CA VAL D 292 -46.89 42.86 52.29
C VAL D 292 -48.33 43.00 52.76
N VAL D 293 -48.64 44.17 53.30
CA VAL D 293 -49.98 44.47 53.79
C VAL D 293 -50.48 45.56 52.88
N ALA D 294 -51.70 45.41 52.37
CA ALA D 294 -52.26 46.41 51.46
C ALA D 294 -53.77 46.39 51.50
N MET D 295 -54.36 47.55 51.31
CA MET D 295 -55.81 47.67 51.32
C MET D 295 -56.37 47.41 49.93
N THR D 296 -57.53 46.77 49.87
CA THR D 296 -58.18 46.47 48.60
C THR D 296 -59.66 46.81 48.79
N PRO D 297 -60.34 47.18 47.71
CA PRO D 297 -61.77 47.53 47.81
C PRO D 297 -62.51 46.55 48.73
N ASN D 298 -62.01 45.32 48.75
CA ASN D 298 -62.57 44.26 49.56
C ASN D 298 -61.70 44.03 50.80
N GLY D 299 -61.67 45.03 51.69
CA GLY D 299 -60.90 44.90 52.91
C GLY D 299 -59.41 44.68 52.74
N GLU D 300 -58.68 44.83 53.84
CA GLU D 300 -57.23 44.67 53.86
C GLU D 300 -56.85 43.23 53.56
N MET D 301 -55.56 43.00 53.38
CA MET D 301 -55.06 41.66 53.09
C MET D 301 -53.55 41.57 53.32
N ARG D 302 -53.09 40.45 53.85
CA ARG D 302 -51.68 40.25 54.10
C ARG D 302 -51.18 39.17 53.14
N ILE D 303 -49.95 39.33 52.64
CA ILE D 303 -49.38 38.37 51.71
C ILE D 303 -47.89 38.20 51.95
N GLU D 304 -47.50 36.99 52.33
CA GLU D 304 -46.12 36.70 52.63
C GLU D 304 -45.21 36.53 51.41
N THR D 305 -44.11 37.28 51.40
CA THR D 305 -43.18 37.23 50.30
C THR D 305 -41.86 37.86 50.70
N ASP D 306 -40.76 37.25 50.28
CA ASP D 306 -39.46 37.80 50.60
C ASP D 306 -38.94 38.56 49.38
N PHE D 307 -39.84 38.85 48.46
CA PHE D 307 -39.45 39.55 47.25
C PHE D 307 -40.60 40.43 46.77
N VAL D 308 -40.32 41.70 46.56
CA VAL D 308 -41.34 42.61 46.09
C VAL D 308 -40.74 43.41 44.97
N PHE D 309 -41.51 43.62 43.89
CA PHE D 309 -41.01 44.43 42.78
C PHE D 309 -41.95 45.58 42.50
N LEU D 310 -41.38 46.78 42.48
CA LEU D 310 -42.14 48.00 42.28
C LEU D 310 -42.12 48.36 40.81
N GLY D 311 -43.31 48.56 40.26
CA GLY D 311 -43.43 48.90 38.87
C GLY D 311 -44.28 50.14 38.75
N LEU D 312 -43.84 51.20 39.40
CA LEU D 312 -44.58 52.44 39.33
C LEU D 312 -43.98 53.23 38.18
N GLY D 313 -44.73 54.21 37.69
CA GLY D 313 -44.22 55.02 36.59
C GLY D 313 -42.91 55.71 36.96
N GLU D 314 -42.15 56.06 35.93
CA GLU D 314 -40.87 56.74 36.12
C GLU D 314 -41.09 58.25 36.40
N GLN D 315 -40.28 58.81 37.31
CA GLN D 315 -40.39 60.22 37.68
C GLN D 315 -39.29 61.11 37.09
N PRO D 316 -39.67 62.06 36.22
CA PRO D 316 -38.72 62.99 35.57
C PRO D 316 -37.77 63.62 36.59
N ARG D 317 -36.47 63.58 36.32
CA ARG D 317 -35.48 64.16 37.23
C ARG D 317 -35.34 65.66 37.01
N SER D 318 -36.45 66.38 37.22
CA SER D 318 -36.51 67.82 37.01
C SER D 318 -36.19 68.67 38.24
N ALA D 319 -36.74 68.24 39.38
CA ALA D 319 -36.57 68.90 40.68
C ALA D 319 -35.37 69.83 40.83
N GLU D 320 -34.19 69.24 40.94
CA GLU D 320 -32.98 70.00 41.13
C GLU D 320 -32.60 70.98 40.01
N LEU D 321 -32.80 70.59 38.75
CA LEU D 321 -32.47 71.45 37.62
C LEU D 321 -33.45 72.59 37.47
N ALA D 322 -34.73 72.32 37.71
CA ALA D 322 -35.77 73.35 37.59
C ALA D 322 -35.61 74.34 38.71
N LYS D 323 -34.66 74.05 39.58
CA LYS D 323 -34.38 74.90 40.72
C LYS D 323 -33.20 75.80 40.38
N ILE D 324 -32.23 75.25 39.65
CA ILE D 324 -31.06 76.01 39.26
C ILE D 324 -31.34 76.97 38.10
N LEU D 325 -32.04 76.49 37.09
CA LEU D 325 -32.35 77.33 35.95
C LEU D 325 -33.70 77.97 36.15
N GLY D 326 -34.48 77.46 37.10
CA GLY D 326 -35.80 78.02 37.33
C GLY D 326 -36.70 77.74 36.14
N LEU D 327 -36.87 76.45 35.86
CA LEU D 327 -37.68 76.00 34.75
C LEU D 327 -39.13 75.80 35.17
N ASP D 328 -40.05 75.92 34.22
CA ASP D 328 -41.46 75.72 34.52
C ASP D 328 -41.68 74.20 34.58
N LEU D 329 -42.58 73.73 35.42
CA LEU D 329 -42.81 72.29 35.51
C LEU D 329 -44.27 71.92 35.40
N GLY D 330 -44.54 70.63 35.25
CA GLY D 330 -45.92 70.19 35.15
C GLY D 330 -46.37 69.44 36.38
N PRO D 331 -47.67 69.11 36.46
CA PRO D 331 -48.25 68.40 37.59
C PRO D 331 -47.65 67.02 37.84
N LYS D 332 -46.61 66.67 37.09
CA LYS D 332 -45.96 65.38 37.27
C LYS D 332 -44.46 65.56 37.37
N GLY D 333 -44.03 66.81 37.42
CA GLY D 333 -42.61 67.09 37.53
C GLY D 333 -41.89 67.15 36.20
N GLU D 334 -42.65 67.16 35.11
CA GLU D 334 -42.08 67.23 33.78
C GLU D 334 -41.65 68.65 33.39
N VAL D 335 -40.41 68.80 32.94
CA VAL D 335 -39.90 70.11 32.52
C VAL D 335 -40.71 70.55 31.31
N LEU D 336 -41.35 71.71 31.43
CA LEU D 336 -42.17 72.20 30.33
C LEU D 336 -41.32 72.67 29.17
N VAL D 337 -41.78 72.35 27.97
CA VAL D 337 -41.10 72.74 26.76
C VAL D 337 -42.17 73.04 25.74
N ASN D 338 -41.87 73.97 24.84
CA ASN D 338 -42.81 74.31 23.80
C ASN D 338 -42.61 73.35 22.64
N GLU D 339 -43.20 73.67 21.50
CA GLU D 339 -43.09 72.83 20.31
C GLU D 339 -41.67 72.76 19.80
N TYR D 340 -40.76 73.46 20.47
CA TYR D 340 -39.36 73.47 20.04
C TYR D 340 -38.43 72.90 21.10
N LEU D 341 -38.97 72.06 21.98
CA LEU D 341 -38.19 71.44 23.06
C LEU D 341 -37.48 72.51 23.89
N GLN D 342 -38.07 73.71 23.86
CA GLN D 342 -37.57 74.89 24.57
C GLN D 342 -38.24 75.07 25.93
N THR D 343 -37.42 75.24 26.96
CA THR D 343 -37.91 75.41 28.32
C THR D 343 -38.22 76.88 28.55
N SER D 344 -38.79 77.20 29.71
CA SER D 344 -39.12 78.59 30.04
C SER D 344 -37.84 79.45 29.97
N VAL D 345 -36.71 78.83 30.30
CA VAL D 345 -35.43 79.52 30.26
C VAL D 345 -34.89 79.40 28.84
N PRO D 346 -34.40 80.53 28.28
CA PRO D 346 -33.85 80.55 26.92
C PRO D 346 -32.50 79.83 26.80
N ASN D 347 -32.24 79.28 25.61
CA ASN D 347 -30.99 78.56 25.36
C ASN D 347 -30.98 77.25 26.15
N VAL D 348 -32.15 76.90 26.68
CA VAL D 348 -32.26 75.67 27.45
C VAL D 348 -33.37 74.77 26.93
N TYR D 349 -33.00 73.55 26.53
CA TYR D 349 -33.96 72.58 26.03
C TYR D 349 -34.03 71.32 26.92
N ALA D 350 -35.20 70.70 26.95
CA ALA D 350 -35.41 69.47 27.70
C ALA D 350 -35.87 68.44 26.65
N VAL D 351 -35.46 67.18 26.79
CA VAL D 351 -35.86 66.20 25.79
C VAL D 351 -36.19 64.78 26.28
N GLY D 352 -35.49 64.31 27.30
CA GLY D 352 -35.73 62.97 27.78
C GLY D 352 -37.13 62.67 28.28
N ASP D 353 -37.19 61.75 29.25
CA ASP D 353 -38.44 61.38 29.89
C ASP D 353 -38.74 62.62 30.71
N LEU D 354 -37.71 63.44 30.82
CA LEU D 354 -37.75 64.69 31.55
C LEU D 354 -38.93 65.56 31.13
N ILE D 355 -39.44 65.36 29.93
CA ILE D 355 -40.60 66.13 29.45
C ILE D 355 -41.91 65.35 29.63
N GLY D 356 -41.85 64.24 30.36
CA GLY D 356 -43.04 63.44 30.58
C GLY D 356 -43.37 62.46 29.45
N GLY D 357 -44.65 62.11 29.33
CA GLY D 357 -45.07 61.18 28.30
C GLY D 357 -45.07 61.73 26.87
N PRO D 358 -44.88 60.87 25.87
CA PRO D 358 -44.66 59.45 26.12
C PRO D 358 -43.21 59.23 26.53
N MET D 359 -42.99 58.34 27.47
CA MET D 359 -41.64 58.06 27.93
C MET D 359 -41.11 56.82 27.25
N GLU D 360 -40.86 56.97 25.95
CA GLU D 360 -40.35 55.89 25.12
C GLU D 360 -39.04 56.32 24.49
N MET D 361 -38.38 55.36 23.87
CA MET D 361 -37.11 55.60 23.22
C MET D 361 -37.24 56.52 22.00
N PHE D 362 -38.23 56.25 21.17
CA PHE D 362 -38.40 57.07 19.99
C PHE D 362 -38.58 58.52 20.39
N LYS D 363 -39.44 58.81 21.36
CA LYS D 363 -39.59 60.21 21.73
C LYS D 363 -38.23 60.73 22.20
N ALA D 364 -37.58 59.99 23.09
CA ALA D 364 -36.27 60.39 23.61
C ALA D 364 -35.30 60.65 22.46
N ARG D 365 -35.22 59.70 21.55
CA ARG D 365 -34.34 59.81 20.40
C ARG D 365 -34.71 60.95 19.44
N LYS D 366 -35.99 61.14 19.17
CA LYS D 366 -36.41 62.19 18.27
C LYS D 366 -36.26 63.55 18.93
N SER D 367 -36.81 63.67 20.13
CA SER D 367 -36.76 64.92 20.88
C SER D 367 -35.32 65.38 21.09
N GLY D 368 -34.46 64.45 21.48
CA GLY D 368 -33.07 64.81 21.69
C GLY D 368 -32.50 65.31 20.38
N CYS D 369 -32.94 64.68 19.31
CA CYS D 369 -32.49 65.00 17.96
C CYS D 369 -33.09 66.33 17.50
N TYR D 370 -34.41 66.42 17.51
CA TYR D 370 -35.08 67.63 17.07
C TYR D 370 -34.55 68.85 17.80
N ALA D 371 -34.25 68.69 19.09
CA ALA D 371 -33.73 69.80 19.88
C ALA D 371 -32.39 70.28 19.29
N ALA D 372 -31.45 69.33 19.15
CA ALA D 372 -30.14 69.62 18.58
C ALA D 372 -30.28 70.35 17.23
N ARG D 373 -31.27 69.94 16.45
CA ARG D 373 -31.50 70.54 15.14
C ARG D 373 -31.91 72.00 15.31
N ASN D 374 -32.81 72.25 16.24
CA ASN D 374 -33.25 73.61 16.46
C ASN D 374 -32.13 74.54 16.90
N VAL D 375 -31.22 74.08 17.76
CA VAL D 375 -30.11 74.91 18.26
C VAL D 375 -29.12 75.28 17.15
N MET D 376 -29.18 74.58 16.04
CA MET D 376 -28.31 74.88 14.91
C MET D 376 -29.03 75.86 14.00
N GLY D 377 -30.10 76.46 14.52
CA GLY D 377 -30.85 77.43 13.77
C GLY D 377 -32.12 76.93 13.12
N GLU D 378 -32.34 75.63 13.11
CA GLU D 378 -33.57 75.11 12.50
C GLU D 378 -34.76 75.40 13.41
N LYS D 379 -35.93 75.58 12.79
CA LYS D 379 -37.16 75.86 13.51
C LYS D 379 -38.11 74.68 13.46
N ILE D 380 -37.57 73.49 13.72
CA ILE D 380 -38.34 72.27 13.72
C ILE D 380 -39.16 72.16 14.99
N SER D 381 -40.42 71.79 14.82
CA SER D 381 -41.35 71.60 15.93
C SER D 381 -41.65 70.12 16.13
N TYR D 382 -41.78 69.69 17.37
CA TYR D 382 -42.10 68.29 17.65
C TYR D 382 -43.11 68.10 18.76
N THR D 383 -44.19 67.40 18.44
CA THR D 383 -45.21 67.15 19.42
C THR D 383 -45.78 65.75 19.25
N PRO D 384 -45.12 64.75 19.84
CA PRO D 384 -45.55 63.36 19.75
C PRO D 384 -47.05 63.16 19.99
N LYS D 385 -47.71 62.64 18.97
CA LYS D 385 -49.13 62.33 19.00
C LYS D 385 -49.37 61.38 17.82
N ASN D 386 -50.22 60.38 18.03
CA ASN D 386 -50.48 59.39 17.01
C ASN D 386 -49.21 58.59 16.78
N TYR D 387 -48.82 57.80 17.77
CA TYR D 387 -47.65 56.95 17.67
C TYR D 387 -48.05 55.55 18.10
N PRO D 388 -47.41 54.53 17.51
CA PRO D 388 -47.68 53.14 17.83
C PRO D 388 -47.13 52.77 19.22
N ASP D 389 -47.76 51.80 19.88
CA ASP D 389 -47.31 51.41 21.22
C ASP D 389 -47.29 49.90 21.39
N PHE D 390 -46.72 49.44 22.51
CA PHE D 390 -46.65 48.02 22.81
C PHE D 390 -46.12 47.76 24.20
N LEU D 391 -46.44 46.59 24.73
CA LEU D 391 -46.03 46.17 26.05
C LEU D 391 -46.13 44.65 26.08
N HIS D 392 -45.33 44.01 26.91
CA HIS D 392 -45.39 42.56 27.01
C HIS D 392 -46.18 42.10 28.23
N THR D 393 -46.39 40.80 28.25
CA THR D 393 -47.04 40.05 29.31
C THR D 393 -46.35 38.76 28.93
N HIS D 394 -47.11 37.73 28.60
CA HIS D 394 -46.51 36.47 28.15
C HIS D 394 -46.74 36.55 26.66
N TYR D 395 -47.43 37.63 26.27
CA TYR D 395 -47.75 37.91 24.88
C TYR D 395 -47.22 39.27 24.52
N GLU D 396 -47.19 39.55 23.22
CA GLU D 396 -46.77 40.85 22.73
C GLU D 396 -48.07 41.59 22.46
N VAL D 397 -48.19 42.78 23.03
CA VAL D 397 -49.40 43.57 22.82
C VAL D 397 -49.10 44.88 22.11
N SER D 398 -49.47 44.94 20.84
CA SER D 398 -49.29 46.12 20.00
C SER D 398 -50.64 46.76 19.70
N PHE D 399 -50.73 48.07 19.85
CA PHE D 399 -51.96 48.79 19.59
C PHE D 399 -51.58 50.17 19.08
N LEU D 400 -52.47 50.78 18.32
CA LEU D 400 -52.23 52.11 17.76
C LEU D 400 -53.58 52.71 17.41
N GLY D 401 -53.65 54.03 17.40
CA GLY D 401 -54.92 54.68 17.09
C GLY D 401 -56.05 54.36 18.07
N MET D 402 -57.27 54.66 17.67
CA MET D 402 -58.43 54.42 18.51
C MET D 402 -58.79 52.97 18.74
N GLY D 403 -59.33 52.70 19.93
CA GLY D 403 -59.78 51.37 20.26
C GLY D 403 -61.23 51.41 19.81
N GLU D 404 -61.92 50.29 19.83
CA GLU D 404 -63.30 50.29 19.36
C GLU D 404 -64.19 51.28 20.07
N GLU D 405 -64.48 51.02 21.34
CA GLU D 405 -65.34 51.92 22.11
C GLU D 405 -64.96 53.37 21.82
N GLU D 406 -63.65 53.65 21.86
CA GLU D 406 -63.06 54.97 21.61
C GLU D 406 -63.57 55.66 20.33
N ALA D 407 -63.46 54.95 19.21
CA ALA D 407 -63.90 55.45 17.91
C ALA D 407 -65.35 55.92 17.94
N ARG D 408 -66.22 55.14 18.56
CA ARG D 408 -67.61 55.53 18.62
C ARG D 408 -67.77 56.85 19.34
N ALA D 409 -67.26 56.92 20.58
CA ALA D 409 -67.38 58.12 21.39
C ALA D 409 -66.85 59.34 20.66
N ALA D 410 -66.01 59.09 19.66
CA ALA D 410 -65.44 60.17 18.86
C ALA D 410 -66.37 60.50 17.70
N GLY D 411 -67.58 59.96 17.77
CA GLY D 411 -68.58 60.22 16.73
C GLY D 411 -68.58 59.27 15.53
N HIS D 412 -67.45 58.62 15.26
CA HIS D 412 -67.35 57.72 14.12
C HIS D 412 -68.33 56.56 14.18
N GLU D 413 -68.76 56.15 12.99
CA GLU D 413 -69.67 55.02 12.84
C GLU D 413 -68.73 53.95 12.34
N ILE D 414 -68.23 53.14 13.25
CA ILE D 414 -67.28 52.12 12.90
C ILE D 414 -67.82 50.77 12.52
N VAL D 415 -66.89 49.98 11.99
CA VAL D 415 -67.09 48.59 11.56
C VAL D 415 -65.78 47.98 12.04
N THR D 416 -65.83 46.73 12.49
CA THR D 416 -64.62 46.12 12.99
C THR D 416 -64.32 44.72 12.42
N ILE D 417 -63.10 44.53 11.94
CA ILE D 417 -62.68 43.24 11.41
C ILE D 417 -61.67 42.64 12.42
N LYS D 418 -61.86 41.38 12.82
CA LYS D 418 -60.97 40.79 13.81
C LYS D 418 -60.80 39.27 13.75
N MET D 419 -59.86 38.80 14.56
CA MET D 419 -59.54 37.38 14.67
C MET D 419 -59.30 37.05 16.15
N PRO D 420 -59.77 35.87 16.60
CA PRO D 420 -60.51 34.93 15.76
C PRO D 420 -61.85 35.51 15.34
N PRO D 421 -62.54 34.85 14.41
CA PRO D 421 -63.86 35.34 13.95
C PRO D 421 -65.02 34.87 14.84
N ASP D 422 -66.15 35.56 14.71
CA ASP D 422 -67.34 35.22 15.48
C ASP D 422 -67.90 33.86 15.07
N THR D 423 -67.80 32.91 15.98
CA THR D 423 -68.29 31.55 15.75
C THR D 423 -68.76 31.05 17.11
N GLU D 424 -69.49 29.94 17.13
CA GLU D 424 -69.98 29.39 18.39
C GLU D 424 -68.82 28.79 19.20
N ASN D 425 -67.65 28.74 18.60
CA ASN D 425 -66.48 28.20 19.26
C ASN D 425 -65.62 29.31 19.86
N GLY D 426 -66.13 30.53 19.80
CA GLY D 426 -65.43 31.68 20.33
C GLY D 426 -63.95 31.73 20.01
N LEU D 427 -63.13 31.85 21.04
CA LEU D 427 -61.68 31.90 20.89
C LEU D 427 -61.14 30.50 20.67
N ASN D 428 -61.91 29.51 21.09
CA ASN D 428 -61.52 28.11 20.98
C ASN D 428 -61.43 27.60 19.55
N VAL D 429 -60.62 28.28 18.73
CA VAL D 429 -60.43 27.92 17.33
C VAL D 429 -58.96 28.06 16.97
N ALA D 430 -58.51 27.31 15.97
CA ALA D 430 -57.11 27.39 15.54
C ALA D 430 -56.93 28.66 14.71
N LEU D 431 -57.50 29.76 15.21
CA LEU D 431 -57.46 31.08 14.56
C LEU D 431 -57.48 32.14 15.67
N PRO D 432 -56.67 33.21 15.52
CA PRO D 432 -55.76 33.40 14.40
C PRO D 432 -54.48 32.62 14.68
N ALA D 433 -53.62 32.47 13.68
CA ALA D 433 -52.36 31.75 13.86
C ALA D 433 -51.25 32.28 12.95
N SER D 434 -50.00 32.06 13.36
CA SER D 434 -48.82 32.48 12.60
C SER D 434 -47.63 32.11 13.44
N ASP D 435 -46.45 32.61 13.08
CA ASP D 435 -45.23 32.33 13.82
C ASP D 435 -45.40 32.49 15.33
N ARG D 436 -44.88 31.49 16.07
CA ARG D 436 -44.89 31.41 17.54
C ARG D 436 -46.27 31.26 18.21
N THR D 437 -47.32 31.03 17.43
CA THR D 437 -48.66 30.82 17.96
C THR D 437 -49.26 29.53 17.37
N MET D 438 -48.52 28.89 16.47
CA MET D 438 -48.98 27.66 15.83
C MET D 438 -49.26 26.59 16.86
N LEU D 439 -48.27 26.28 17.69
CA LEU D 439 -48.46 25.28 18.74
C LEU D 439 -49.72 25.58 19.53
N TYR D 440 -49.86 26.79 20.06
CA TYR D 440 -51.07 27.10 20.83
C TYR D 440 -52.32 26.82 20.03
N ALA D 441 -52.28 27.10 18.73
CA ALA D 441 -53.43 26.90 17.83
C ALA D 441 -53.82 25.44 17.63
N PHE D 442 -52.84 24.56 17.56
CA PHE D 442 -53.14 23.14 17.37
C PHE D 442 -53.03 22.26 18.61
N GLY D 443 -52.64 22.86 19.73
CA GLY D 443 -52.54 22.08 20.96
C GLY D 443 -53.93 21.67 21.35
N LYS D 444 -54.03 20.78 22.34
CA LYS D 444 -55.32 20.32 22.84
C LYS D 444 -55.92 21.30 23.84
N GLY D 445 -56.94 22.05 23.43
CA GLY D 445 -57.56 22.99 24.36
C GLY D 445 -56.76 24.24 24.65
N THR D 446 -55.85 24.58 23.73
CA THR D 446 -55.01 25.77 23.87
C THR D 446 -55.32 26.80 22.76
N ALA D 447 -56.17 26.41 21.79
CA ALA D 447 -56.56 27.29 20.67
C ALA D 447 -56.94 28.70 21.11
N HIS D 448 -57.59 28.80 22.26
CA HIS D 448 -57.98 30.10 22.79
C HIS D 448 -56.72 30.96 23.04
N MET D 449 -55.56 30.36 22.90
CA MET D 449 -54.30 31.06 23.09
C MET D 449 -53.65 31.44 21.74
N SER D 450 -54.29 31.04 20.64
CA SER D 450 -53.78 31.34 19.30
C SER D 450 -53.57 32.83 19.10
N GLY D 451 -54.20 33.64 19.96
CA GLY D 451 -54.03 35.08 19.88
C GLY D 451 -55.31 35.88 19.67
N PHE D 452 -55.18 37.20 19.64
CA PHE D 452 -56.31 38.09 19.41
C PHE D 452 -55.82 39.32 18.63
N GLN D 453 -56.68 39.82 17.74
CA GLN D 453 -56.34 40.99 16.95
C GLN D 453 -57.59 41.63 16.35
N LYS D 454 -57.54 42.95 16.15
CA LYS D 454 -58.68 43.69 15.62
C LYS D 454 -58.28 44.95 14.87
N ILE D 455 -59.21 45.47 14.08
CA ILE D 455 -58.97 46.68 13.31
C ILE D 455 -60.24 47.52 13.31
N VAL D 456 -60.14 48.77 13.73
CA VAL D 456 -61.30 49.64 13.79
C VAL D 456 -61.33 50.40 12.48
N ILE D 457 -62.48 50.42 11.80
CA ILE D 457 -62.59 51.10 10.52
C ILE D 457 -63.80 52.00 10.47
N ASP D 458 -63.68 53.11 9.76
CA ASP D 458 -64.78 54.04 9.67
C ASP D 458 -65.72 53.69 8.50
N ALA D 459 -67.00 53.44 8.81
CA ALA D 459 -68.00 53.14 7.77
C ALA D 459 -68.21 54.49 7.12
N LYS D 460 -68.13 54.53 5.78
CA LYS D 460 -68.24 55.79 5.05
C LYS D 460 -66.96 56.50 5.48
N THR D 461 -66.01 56.59 4.55
CA THR D 461 -64.70 57.20 4.76
C THR D 461 -63.71 56.06 4.77
N ARG D 462 -64.23 54.87 5.08
CA ARG D 462 -63.44 53.64 5.11
C ARG D 462 -62.00 53.77 5.58
N LYS D 463 -61.69 54.79 6.38
CA LYS D 463 -60.32 54.94 6.85
C LYS D 463 -60.06 54.03 8.04
N VAL D 464 -58.81 53.64 8.24
CA VAL D 464 -58.50 52.79 9.38
C VAL D 464 -58.23 53.69 10.58
N LEU D 465 -59.09 53.58 11.58
CA LEU D 465 -58.98 54.36 12.81
C LEU D 465 -58.07 53.72 13.88
N GLY D 466 -57.90 52.40 13.85
CA GLY D 466 -57.05 51.77 14.86
C GLY D 466 -56.71 50.30 14.66
N ALA D 467 -55.52 49.90 15.11
CA ALA D 467 -55.06 48.51 15.00
C ALA D 467 -54.72 47.92 16.38
N HIS D 468 -55.19 46.70 16.60
CA HIS D 468 -54.96 46.03 17.87
C HIS D 468 -54.56 44.56 17.69
N HIS D 469 -53.46 44.15 18.29
CA HIS D 469 -52.99 42.78 18.16
C HIS D 469 -52.26 42.17 19.37
N VAL D 470 -52.65 40.94 19.70
CA VAL D 470 -52.07 40.18 20.81
C VAL D 470 -51.47 38.89 20.26
N GLY D 471 -50.16 38.74 20.38
CA GLY D 471 -49.51 37.54 19.86
C GLY D 471 -48.01 37.76 19.78
N TYR D 472 -47.43 37.56 18.60
CA TYR D 472 -46.00 37.79 18.41
C TYR D 472 -45.74 38.05 16.93
N GLY D 473 -44.73 38.87 16.68
CA GLY D 473 -44.39 39.23 15.32
C GLY D 473 -45.34 40.28 14.77
N ALA D 474 -45.80 41.18 15.62
CA ALA D 474 -46.67 42.25 15.13
C ALA D 474 -46.07 43.63 15.46
N LYS D 475 -45.46 43.74 16.65
CA LYS D 475 -44.88 45.01 17.09
C LYS D 475 -44.16 45.79 15.99
N ASP D 476 -43.12 45.18 15.42
CA ASP D 476 -42.32 45.80 14.37
C ASP D 476 -43.14 46.27 13.16
N ALA D 477 -44.26 45.59 12.88
CA ALA D 477 -45.09 46.01 11.75
C ALA D 477 -45.90 47.25 12.09
N PHE D 478 -46.24 47.42 13.37
CA PHE D 478 -47.03 48.58 13.78
C PHE D 478 -46.25 49.89 13.60
N GLN D 479 -44.92 49.82 13.59
CA GLN D 479 -44.12 51.03 13.43
C GLN D 479 -44.49 51.58 12.07
N TYR D 480 -44.52 50.67 11.10
CA TYR D 480 -44.83 50.98 9.70
C TYR D 480 -46.33 51.04 9.42
N LEU D 481 -47.07 50.10 9.97
CA LEU D 481 -48.50 50.12 9.76
C LEU D 481 -49.09 51.47 10.20
N ASN D 482 -48.49 52.06 11.23
CA ASN D 482 -48.98 53.32 11.77
C ASN D 482 -48.69 54.45 10.81
N VAL D 483 -47.53 54.40 10.17
CA VAL D 483 -47.18 55.45 9.21
C VAL D 483 -48.25 55.52 8.15
N LEU D 484 -48.52 54.39 7.51
CA LEU D 484 -49.54 54.33 6.47
C LEU D 484 -50.89 54.79 7.01
N ILE D 485 -51.29 54.30 8.18
CA ILE D 485 -52.56 54.70 8.76
C ILE D 485 -52.61 56.22 8.85
N LYS D 486 -51.45 56.84 9.08
CA LYS D 486 -51.37 58.29 9.19
C LYS D 486 -51.54 59.00 7.86
N GLN D 487 -51.21 58.33 6.76
CA GLN D 487 -51.33 58.95 5.45
C GLN D 487 -52.75 58.82 4.96
N GLY D 488 -53.61 58.22 5.78
CA GLY D 488 -54.98 58.02 5.39
C GLY D 488 -55.08 56.69 4.65
N LEU D 489 -55.23 55.61 5.42
CA LEU D 489 -55.31 54.26 4.88
C LEU D 489 -56.75 53.73 4.87
N THR D 490 -57.30 53.46 3.70
CA THR D 490 -58.66 52.94 3.64
C THR D 490 -58.62 51.42 3.69
N VAL D 491 -59.75 50.81 4.04
CA VAL D 491 -59.82 49.35 4.11
C VAL D 491 -59.54 48.74 2.74
N ASP D 492 -59.75 49.54 1.70
CA ASP D 492 -59.53 49.12 0.34
C ASP D 492 -58.02 48.98 0.04
N GLU D 493 -57.29 50.02 0.33
CA GLU D 493 -55.85 50.05 0.07
C GLU D 493 -55.15 49.07 0.95
N LEU D 494 -55.72 48.93 2.07
CA LEU D 494 -55.18 48.02 2.96
C LEU D 494 -55.28 46.64 2.36
N GLY D 495 -56.51 46.29 1.96
CA GLY D 495 -56.75 45.01 1.35
C GLY D 495 -55.98 44.77 0.06
N ASP D 496 -55.32 45.81 -0.44
CA ASP D 496 -54.54 45.71 -1.67
C ASP D 496 -53.06 45.45 -1.48
N MET D 497 -52.58 45.40 -0.25
CA MET D 497 -51.17 45.15 -0.02
C MET D 497 -50.82 43.68 -0.27
N ASP D 498 -49.53 43.35 -0.27
CA ASP D 498 -49.10 41.96 -0.48
C ASP D 498 -48.77 41.34 0.88
N GLU D 499 -49.61 40.42 1.35
CA GLU D 499 -49.40 39.79 2.65
C GLU D 499 -48.45 38.61 2.64
N LEU D 500 -47.89 38.30 3.80
CA LEU D 500 -46.99 37.18 3.90
C LEU D 500 -47.60 36.20 4.89
N PHE D 501 -48.54 35.40 4.41
CA PHE D 501 -49.22 34.38 5.23
C PHE D 501 -48.23 33.29 5.69
N LEU D 502 -48.39 32.81 6.92
CA LEU D 502 -49.42 33.30 7.85
C LEU D 502 -48.84 34.53 8.57
N ASN D 503 -49.49 35.66 8.38
CA ASN D 503 -49.00 36.90 8.97
C ASN D 503 -49.55 37.20 10.36
N PRO D 504 -48.66 37.51 11.31
CA PRO D 504 -49.11 37.83 12.67
C PRO D 504 -50.39 38.67 12.65
N THR D 505 -50.47 39.59 11.69
CA THR D 505 -51.68 40.40 11.53
C THR D 505 -52.28 39.95 10.20
N HIS D 506 -53.56 39.58 10.22
CA HIS D 506 -54.22 39.15 8.97
C HIS D 506 -55.09 40.30 8.43
N PHE D 507 -54.72 41.54 8.73
CA PHE D 507 -55.50 42.68 8.29
C PHE D 507 -55.59 42.82 6.76
N ILE D 508 -54.45 42.74 6.08
CA ILE D 508 -54.44 42.85 4.62
C ILE D 508 -55.59 42.05 3.98
N GLN D 509 -55.46 40.71 4.01
CA GLN D 509 -56.45 39.80 3.41
C GLN D 509 -57.90 40.04 3.80
N LEU D 510 -58.15 40.19 5.11
CA LEU D 510 -59.50 40.42 5.61
C LEU D 510 -60.06 41.74 5.10
N SER D 511 -59.17 42.70 4.86
CA SER D 511 -59.59 44.02 4.35
C SER D 511 -60.05 43.89 2.90
N ARG D 512 -59.24 43.21 2.11
CA ARG D 512 -59.49 42.98 0.70
C ARG D 512 -60.86 42.35 0.48
N LEU D 513 -61.20 41.45 1.38
CA LEU D 513 -62.45 40.70 1.36
C LEU D 513 -63.62 41.55 1.82
N ARG D 514 -63.42 42.26 2.93
CA ARG D 514 -64.48 43.09 3.49
C ARG D 514 -64.74 44.27 2.58
N ALA D 515 -63.66 44.81 2.01
CA ALA D 515 -63.72 45.96 1.13
C ALA D 515 -64.59 45.73 -0.09
N GLY D 516 -64.63 44.48 -0.53
CA GLY D 516 -65.40 44.14 -1.71
C GLY D 516 -66.88 44.38 -1.52
N SER D 517 -67.39 44.04 -0.33
CA SER D 517 -68.80 44.23 -0.03
C SER D 517 -69.19 45.68 -0.32
N LYS D 518 -70.48 45.91 -0.51
CA LYS D 518 -70.99 47.25 -0.79
C LYS D 518 -70.94 48.10 0.49
N ASN D 519 -71.40 47.51 1.60
CA ASN D 519 -71.41 48.18 2.89
C ASN D 519 -70.51 47.42 3.84
N LEU D 520 -69.50 48.10 4.38
CA LEU D 520 -68.56 47.47 5.29
C LEU D 520 -69.17 46.63 6.42
N VAL D 521 -70.31 47.08 6.96
CA VAL D 521 -70.97 46.37 8.06
C VAL D 521 -70.87 44.86 7.96
N SER D 522 -70.60 44.20 9.09
CA SER D 522 -70.49 42.75 9.16
C SER D 522 -70.07 42.24 10.54
N LEU D 523 -68.86 42.62 10.98
CA LEU D 523 -68.33 42.21 12.28
C LEU D 523 -68.45 40.68 12.45
PA FAD E . 29.61 -32.47 6.07
O1A FAD E . 30.12 -31.08 5.88
O2A FAD E . 29.55 -33.33 4.84
O5B FAD E . 28.13 -32.46 6.67
C5B FAD E . 27.81 -32.02 8.01
C4B FAD E . 26.30 -32.15 8.10
O4B FAD E . 25.79 -31.76 9.41
C3B FAD E . 25.49 -31.27 7.08
O3B FAD E . 24.47 -32.10 6.48
C2B FAD E . 24.97 -30.19 7.92
O2B FAD E . 23.83 -29.49 7.53
C1B FAD E . 24.73 -30.83 9.26
N9A FAD E . 24.74 -29.94 10.38
C8A FAD E . 25.74 -29.07 10.87
N7A FAD E . 25.38 -28.41 11.95
C5A FAD E . 24.06 -28.83 12.22
C6A FAD E . 23.11 -28.52 13.23
N6A FAD E . 23.37 -27.64 14.21
N1A FAD E . 21.86 -29.15 13.20
C2A FAD E . 21.57 -30.05 12.23
N3A FAD E . 22.46 -30.43 11.18
C4A FAD E . 23.71 -29.72 11.31
N1 FAD E . 37.03 -34.00 0.58
C2 FAD E . 37.39 -34.97 -0.36
O2 FAD E . 37.53 -36.18 -0.04
N3 FAD E . 37.61 -34.58 -1.67
C4 FAD E . 37.48 -33.26 -2.18
O4 FAD E . 37.70 -33.02 -3.42
C4X FAD E . 37.14 -32.31 -1.25
N5 FAD E . 37.01 -30.97 -1.74
C5X FAD E . 36.64 -29.97 -0.80
C6 FAD E . 36.51 -28.63 -1.21
C7 FAD E . 36.16 -27.57 -0.34
C7M FAD E . 36.02 -26.14 -0.89
C8 FAD E . 35.93 -27.89 1.04
C8M FAD E . 35.55 -26.85 2.07
C9 FAD E . 36.06 -29.20 1.51
C9A FAD E . 36.41 -30.26 0.62
N10 FAD E . 36.56 -31.70 1.03
C10 FAD E . 36.92 -32.69 0.11
C1' FAD E . 36.31 -31.99 2.39
C2' FAD E . 35.03 -32.72 2.61
O2' FAD E . 34.03 -31.81 2.05
C3' FAD E . 34.65 -32.96 4.04
O3' FAD E . 35.67 -33.68 4.78
C4' FAD E . 33.41 -33.82 4.26
O4' FAD E . 32.31 -33.17 3.51
C5' FAD E . 33.00 -33.86 5.66
O5' FAD E . 31.85 -34.65 5.84
P FAD E . 31.15 -34.64 7.20
O1P FAD E . 30.03 -35.59 7.13
O2P FAD E . 32.14 -34.76 8.30
O3P FAD E . 30.61 -33.16 7.11
PA FAD F . 57.58 -51.47 -32.65
O1A FAD F . 56.57 -51.12 -33.69
O2A FAD F . 57.61 -50.56 -31.45
O5B FAD F . 59.04 -51.44 -33.23
C5B FAD F . 59.52 -52.38 -34.19
C4B FAD F . 60.93 -51.95 -34.48
O4B FAD F . 61.60 -52.82 -35.44
C3B FAD F . 61.10 -50.52 -35.07
O3B FAD F . 62.16 -49.86 -34.38
C2B FAD F . 61.35 -50.77 -36.49
O2B FAD F . 61.99 -49.80 -37.27
C1B FAD F . 62.17 -52.05 -36.48
N9A FAD F . 62.15 -52.82 -37.70
C8A FAD F . 61.06 -53.38 -38.41
N7A FAD F . 61.43 -54.02 -39.50
C5A FAD F . 62.83 -53.91 -39.54
C6A FAD F . 63.82 -54.36 -40.44
N6A FAD F . 63.53 -55.06 -41.54
N1A FAD F . 65.15 -54.05 -40.16
C2A FAD F . 65.49 -53.33 -39.05
N3A FAD F . 64.55 -52.83 -38.11
C4A FAD F . 63.23 -53.21 -38.50
N1 FAD F . 50.02 -49.72 -27.34
C2 FAD F . 49.81 -49.29 -26.02
O2 FAD F . 50.22 -49.95 -25.05
N3 FAD F . 49.13 -48.09 -25.82
C4 FAD F . 48.62 -47.24 -26.84
O4 FAD F . 48.02 -46.17 -26.53
C4X FAD F . 48.84 -47.68 -28.12
N5 FAD F . 48.33 -46.83 -29.18
C5X FAD F . 48.54 -47.26 -30.51
C6 FAD F . 48.07 -46.49 -31.60
C7 FAD F . 48.24 -46.87 -32.97
C7M FAD F . 47.70 -45.96 -34.07
C8 FAD F . 48.92 -48.09 -33.24
C8M FAD F . 49.14 -48.59 -34.66
C9 FAD F . 49.41 -48.90 -32.22
C9A FAD F . 49.24 -48.53 -30.85
N10 FAD F . 49.73 -49.33 -29.68
C10 FAD F . 49.53 -48.92 -28.37
C1' FAD F . 50.43 -50.54 -30.00
C2' FAD F . 51.88 -50.47 -29.76
O2' FAD F . 52.30 -49.40 -30.61
C3' FAD F . 52.68 -51.65 -30.16
O3' FAD F . 52.21 -52.88 -29.58
C4' FAD F . 54.16 -51.62 -29.79
O4' FAD F . 54.69 -50.38 -30.37
C5' FAD F . 54.90 -52.73 -30.38
O5' FAD F . 56.25 -52.69 -30.01
P FAD F . 57.26 -53.62 -30.72
O1P FAD F . 58.60 -53.42 -30.12
O2P FAD F . 56.71 -55.00 -30.80
O3P FAD F . 57.20 -52.95 -32.17
PA FAD G . -54.57 25.32 -4.00
O1A FAD G . -53.48 24.29 -3.90
O2A FAD G . -54.85 26.14 -2.75
O5B FAD G . -55.95 24.67 -4.34
C5B FAD G . -56.23 24.05 -5.58
C4B FAD G . -57.65 23.51 -5.43
O4B FAD G . -58.13 22.84 -6.66
C3B FAD G . -57.85 22.46 -4.29
O3B FAD G . -59.02 22.80 -3.57
C2B FAD G . -57.93 21.18 -5.03
O2B FAD G . -58.56 20.09 -4.47
C1B FAD G . -58.63 21.55 -6.33
N9A FAD G . -58.40 20.67 -7.44
C8A FAD G . -57.20 20.28 -8.07
N7A FAD G . -57.39 19.43 -9.08
C5A FAD G . -58.78 19.25 -9.14
C6A FAD G . -59.62 18.49 -9.98
N6A FAD G . -59.15 17.72 -10.97
N1A FAD G . -61.01 18.53 -9.74
C2A FAD G . -61.52 19.29 -8.74
N3A FAD G . -60.75 20.09 -7.86
C4A FAD G . -59.34 19.96 -8.19
N1 FAD G . -47.82 30.33 0.25
C2 FAD G . -47.81 31.42 1.12
O2 FAD G . -48.27 32.54 0.79
N3 FAD G . -47.26 31.26 2.39
C4 FAD G . -46.71 30.04 2.89
O4 FAD G . -46.24 30.00 4.05
C4X FAD G . -46.72 28.99 2.04
N5 FAD G . -46.18 27.76 2.54
C5X FAD G . -46.20 26.63 1.67
C6 FAD G . -45.67 25.40 2.10
C7 FAD G . -45.65 24.22 1.29
C7M FAD G . -45.07 22.91 1.86
C8 FAD G . -46.19 24.32 -0.02
C8M FAD G . -46.23 23.14 -0.98
C9 FAD G . -46.73 25.52 -0.50
C9A FAD G . -46.74 26.69 0.30
N10 FAD G . -47.29 28.01 -0.12
C10 FAD G . -47.28 29.13 0.73
C1' FAD G . -47.84 28.06 -1.45
C2' FAD G . -49.33 28.15 -1.45
O2' FAD G . -49.74 26.93 -0.76
C3' FAD G . -49.97 28.10 -2.78
O3' FAD G . -49.48 29.11 -3.66
C4' FAD G . -51.49 28.31 -2.81
O4' FAD G . -52.06 27.33 -1.89
C5' FAD G . -52.06 28.06 -4.13
O5' FAD G . -53.46 28.28 -4.13
P FAD G . -54.31 27.87 -5.37
O1P FAD G . -55.71 28.30 -5.10
O2P FAD G . -53.66 28.32 -6.61
O3P FAD G . -54.12 26.30 -5.21
PA FAD H . -32.12 57.70 29.82
O1A FAD H . -32.71 56.99 31.03
O2A FAD H . -31.84 56.85 28.59
O5B FAD H . -30.74 58.37 30.16
C5B FAD H . -30.60 59.50 31.04
C4B FAD H . -29.12 59.75 31.12
O4B FAD H . -28.81 60.89 31.97
C3B FAD H . -28.25 58.58 31.68
O3B FAD H . -27.11 58.40 30.84
C2B FAD H . -27.94 59.02 33.05
O2B FAD H . -26.82 58.50 33.70
C1B FAD H . -27.79 60.52 32.93
N9A FAD H . -28.00 61.25 34.12
C8A FAD H . -29.11 61.33 35.00
N7A FAD H . -28.93 62.15 36.01
C5A FAD H . -27.63 62.66 35.84
C6A FAD H . -26.83 63.58 36.57
N6A FAD H . -27.27 64.17 37.69
N1A FAD H . -25.55 63.86 36.10
C2A FAD H . -25.07 63.29 34.97
N3A FAD H . -25.80 62.36 34.17
C4A FAD H . -27.10 62.14 34.75
N1 FAD H . -38.79 52.43 25.71
C2 FAD H . -38.95 51.88 24.46
O2 FAD H . -39.03 52.58 23.43
N3 FAD H . -39.01 50.50 24.35
C4 FAD H . -38.93 49.59 25.44
O4 FAD H . -39.01 48.33 25.20
C4X FAD H . -38.78 50.16 26.68
N5 FAD H . -38.70 49.25 27.80
C5X FAD H . -38.54 49.83 29.08
C6 FAD H . -38.44 48.98 30.22
C7 FAD H . -38.28 49.47 31.55
C7M FAD H . -38.19 48.48 32.72
C8 FAD H . -38.19 50.89 31.74
C8M FAD H . -38.01 51.51 33.10
C9 FAD H . -38.27 51.76 30.64
C9A FAD H . -38.44 51.27 29.31
N10 FAD H . -38.53 52.12 28.09
C10 FAD H . -38.71 51.57 26.81
C1' FAD H . -38.42 53.54 28.30
C2' FAD H . -37.12 54.09 27.83
O2' FAD H . -36.11 53.36 28.60
C3' FAD H . -36.87 55.54 28.11
O3' FAD H . -37.91 56.38 27.59
C4' FAD H . -35.61 56.14 27.51
O4' FAD H . -34.49 55.31 27.98
C5' FAD H . -35.35 57.49 27.98
O5' FAD H . -34.17 58.02 27.42
P FAD H . -33.60 59.37 27.96
O1P FAD H . -32.42 59.70 27.16
O2P FAD H . -34.70 60.36 28.11
O3P FAD H . -33.18 58.84 29.41
#